data_7ZP2
#
_entry.id   7ZP2
#
_cell.length_a   87.065
_cell.length_b   87.360
_cell.length_c   104.636
_cell.angle_alpha   89.981
_cell.angle_beta   90.036
_cell.angle_gamma   117.724
#
_symmetry.space_group_name_H-M   'P 1'
#
loop_
_entity.id
_entity.type
_entity.pdbx_description
1 polymer 'Aspartate carbamoyltransferase'
2 non-polymer 'tert-butyl N-[5-phenyl-3-(2-phenylethylcarbamoyl)thiophen-2-yl]carbamate'
3 non-polymer 'SULFATE ION'
4 non-polymer 'SODIUM ION'
5 water water
#
_entity_poly.entity_id   1
_entity_poly.type   'polypeptide(L)'
_entity_poly.pdbx_seq_one_letter_code
;MFYINSKYKIDLDKIMTKMKNKSVINIDDVDDEELLAILYTSKQFEKILKNNEDSKYLENKVFCSVFLEPSTRTRCSFDA
AILKLGSKVLNITDMNSTSFYKGETVEDAFKILSTYVDGIIYRDPSKKNVDIAVSSSSKPIINAGNGTGEHPTQSLLDFY
TIHNYFPFILDRNINKKLNIAFVGDLKNGRTVHSLSKLLSRYNVSFNFVSCKSLNIPKDIVNTITYNLKKNNFYSDDSIK
YFDNLEEGLEDVHIIYMTRIQKERFTDVDEYNQYKNAFILSNKTLENTRDDTKILHPLPRVNEIKVEVDSNPKSVYFTQA
ENGLYVRMALLYLIFSSTSSAWSHPQFEK
;
_entity_poly.pdbx_strand_id   A,B,C,D,E,F
#
loop_
_chem_comp.id
_chem_comp.type
_chem_comp.name
_chem_comp.formula
EJG non-polymer 'tert-butyl N-[5-phenyl-3-(2-phenylethylcarbamoyl)thiophen-2-yl]carbamate' 'C24 H26 N2 O3 S'
NA non-polymer 'SODIUM ION' 'Na 1'
SO4 non-polymer 'SULFATE ION' 'O4 S -2'
#
# COMPACT_ATOMS: atom_id res chain seq x y z
N TYR A 3 21.19 13.05 -31.17
CA TYR A 3 20.83 11.70 -31.70
C TYR A 3 21.74 11.37 -32.89
N ILE A 4 22.70 10.47 -32.72
CA ILE A 4 23.73 10.17 -33.75
C ILE A 4 23.74 8.64 -33.96
N ASN A 5 24.03 8.17 -35.18
CA ASN A 5 24.40 6.74 -35.44
C ASN A 5 25.74 6.76 -36.18
N SER A 6 26.75 7.08 -35.37
CA SER A 6 28.20 7.28 -35.70
C SER A 6 28.38 8.70 -36.25
N LYS A 7 27.93 8.94 -37.50
CA LYS A 7 28.39 10.13 -38.29
C LYS A 7 27.23 11.04 -38.74
N TYR A 8 25.97 10.56 -38.70
CA TYR A 8 24.75 11.33 -39.04
C TYR A 8 24.01 11.65 -37.75
N LYS A 9 23.82 12.94 -37.52
CA LYS A 9 22.82 13.49 -36.54
C LYS A 9 21.40 13.31 -37.12
N ILE A 10 20.50 12.72 -36.35
CA ILE A 10 19.06 12.55 -36.69
C ILE A 10 18.26 13.51 -35.79
N ASP A 11 17.49 14.43 -36.39
CA ASP A 11 16.55 15.32 -35.66
C ASP A 11 15.20 14.60 -35.58
N LEU A 12 15.05 13.85 -34.50
CA LEU A 12 14.01 12.82 -34.32
C LEU A 12 12.67 13.52 -34.06
N ASP A 13 12.69 14.59 -33.26
CA ASP A 13 11.54 15.51 -33.03
C ASP A 13 10.96 15.90 -34.39
N LYS A 14 11.81 16.38 -35.31
CA LYS A 14 11.32 16.93 -36.60
C LYS A 14 10.86 15.76 -37.48
N ILE A 15 11.59 14.66 -37.49
CA ILE A 15 11.21 13.51 -38.37
C ILE A 15 9.93 12.82 -37.84
N MET A 16 9.68 12.87 -36.53
CA MET A 16 8.46 12.28 -35.92
C MET A 16 7.25 13.17 -36.27
N THR A 17 7.40 14.51 -36.16
CA THR A 17 6.39 15.50 -36.61
C THR A 17 5.95 15.14 -38.03
N LYS A 18 6.88 14.75 -38.88
CA LYS A 18 6.59 14.44 -40.30
C LYS A 18 5.95 13.04 -40.42
N MET A 19 6.39 12.06 -39.62
CA MET A 19 5.94 10.64 -39.78
C MET A 19 4.67 10.38 -38.99
N LYS A 20 4.23 11.36 -38.17
CA LYS A 20 3.07 11.16 -37.29
C LYS A 20 1.85 10.78 -38.16
N ASN A 21 1.17 9.68 -37.81
CA ASN A 21 -0.09 9.27 -38.51
C ASN A 21 0.14 8.99 -40.01
N LYS A 22 1.35 8.60 -40.32
CA LYS A 22 1.72 8.12 -41.69
C LYS A 22 1.28 6.66 -41.82
N SER A 23 0.70 6.32 -42.93
CA SER A 23 0.47 4.94 -43.40
C SER A 23 1.70 4.43 -44.14
N VAL A 24 2.06 3.18 -43.95
CA VAL A 24 3.25 2.57 -44.57
C VAL A 24 2.79 1.32 -45.32
N ILE A 25 2.68 1.44 -46.63
CA ILE A 25 2.09 0.40 -47.53
C ILE A 25 3.19 -0.25 -48.36
N ASN A 26 4.15 0.56 -48.84
CA ASN A 26 5.21 0.27 -49.83
C ASN A 26 6.49 0.84 -49.25
N ILE A 27 7.64 0.28 -49.60
CA ILE A 27 8.96 0.81 -49.12
C ILE A 27 9.22 2.22 -49.69
N ASP A 28 8.62 2.57 -50.82
CA ASP A 28 8.72 3.91 -51.47
C ASP A 28 7.98 4.98 -50.67
N ASP A 29 7.15 4.62 -49.68
CA ASP A 29 6.52 5.60 -48.76
C ASP A 29 7.51 6.06 -47.70
N VAL A 30 8.70 5.44 -47.61
CA VAL A 30 9.76 5.81 -46.64
C VAL A 30 10.86 6.58 -47.38
N ASP A 31 11.10 7.85 -47.01
CA ASP A 31 12.14 8.67 -47.67
C ASP A 31 13.47 8.48 -46.89
N ASP A 32 14.52 9.16 -47.30
CA ASP A 32 15.89 9.00 -46.77
C ASP A 32 15.89 9.32 -45.30
N GLU A 33 15.25 10.43 -44.90
CA GLU A 33 15.24 10.95 -43.52
C GLU A 33 14.49 9.93 -42.65
N GLU A 34 13.38 9.42 -43.15
CA GLU A 34 12.52 8.48 -42.34
C GLU A 34 13.31 7.19 -42.18
N LEU A 35 14.07 6.79 -43.20
CA LEU A 35 14.87 5.54 -43.11
C LEU A 35 15.92 5.68 -42.00
N LEU A 36 16.64 6.80 -41.97
CA LEU A 36 17.58 7.10 -40.86
C LEU A 36 16.85 7.04 -39.51
N ALA A 37 15.69 7.66 -39.37
CA ALA A 37 14.99 7.71 -38.06
C ALA A 37 14.66 6.30 -37.61
N ILE A 38 14.16 5.48 -38.54
CA ILE A 38 13.81 4.05 -38.27
C ILE A 38 15.08 3.30 -37.88
N LEU A 39 16.16 3.48 -38.63
CA LEU A 39 17.42 2.71 -38.36
C LEU A 39 17.94 3.06 -36.98
N TYR A 40 17.96 4.35 -36.67
CA TYR A 40 18.42 4.87 -35.37
C TYR A 40 17.57 4.31 -34.22
N THR A 41 16.26 4.39 -34.36
CA THR A 41 15.32 4.03 -33.27
C THR A 41 15.35 2.52 -33.07
N SER A 42 15.44 1.78 -34.17
CA SER A 42 15.55 0.29 -34.12
C SER A 42 16.77 -0.05 -33.26
N LYS A 43 17.88 0.67 -33.49
CA LYS A 43 19.13 0.38 -32.73
C LYS A 43 18.91 0.66 -31.23
N GLN A 44 18.20 1.72 -30.90
CA GLN A 44 17.96 2.02 -29.48
C GLN A 44 17.14 0.86 -28.87
N PHE A 45 16.08 0.39 -29.53
CA PHE A 45 15.23 -0.71 -29.00
C PHE A 45 16.07 -1.99 -28.93
N GLU A 46 16.93 -2.27 -29.89
CA GLU A 46 17.78 -3.48 -29.84
C GLU A 46 18.60 -3.46 -28.55
N LYS A 47 19.27 -2.35 -28.25
CA LYS A 47 20.14 -2.22 -27.06
C LYS A 47 19.31 -2.21 -25.78
N ILE A 48 18.18 -1.51 -25.75
CA ILE A 48 17.33 -1.48 -24.52
C ILE A 48 16.92 -2.93 -24.19
N LEU A 49 16.39 -3.67 -25.16
CA LEU A 49 15.86 -5.04 -24.93
C LEU A 49 17.00 -6.01 -24.64
N LYS A 50 18.18 -5.87 -25.26
CA LYS A 50 19.27 -6.86 -25.03
C LYS A 50 19.84 -6.60 -23.63
N ASN A 51 19.62 -5.40 -23.08
CA ASN A 51 20.09 -5.03 -21.71
C ASN A 51 18.94 -5.04 -20.70
N ASN A 52 17.75 -5.58 -21.05
CA ASN A 52 16.64 -5.86 -20.09
C ASN A 52 16.15 -4.53 -19.52
N GLU A 53 16.18 -3.44 -20.28
CA GLU A 53 15.71 -2.13 -19.78
C GLU A 53 14.23 -2.00 -20.14
N ASP A 54 13.60 -1.01 -19.53
CA ASP A 54 12.22 -0.54 -19.81
C ASP A 54 12.07 -0.28 -21.32
N SER A 55 11.11 -0.93 -21.99
CA SER A 55 10.90 -0.79 -23.48
C SER A 55 9.62 0.00 -23.72
N LYS A 56 8.95 0.45 -22.68
CA LYS A 56 7.56 0.95 -22.77
C LYS A 56 7.55 2.39 -23.26
N TYR A 57 7.93 2.65 -24.52
CA TYR A 57 8.01 4.02 -25.07
C TYR A 57 6.70 4.42 -25.75
N LEU A 58 5.70 3.54 -25.84
CA LEU A 58 4.41 3.83 -26.50
C LEU A 58 3.34 3.08 -25.74
N GLU A 59 2.99 3.65 -24.61
CA GLU A 59 1.87 3.28 -23.72
C GLU A 59 0.64 3.97 -24.28
N ASN A 60 -0.52 3.44 -23.92
CA ASN A 60 -1.83 4.11 -23.98
C ASN A 60 -2.45 3.95 -25.37
N LYS A 61 -1.83 3.25 -26.29
CA LYS A 61 -2.42 3.02 -27.63
C LYS A 61 -3.08 1.65 -27.72
N VAL A 62 -4.11 1.59 -28.54
CA VAL A 62 -4.87 0.34 -28.83
C VAL A 62 -4.91 0.17 -30.33
N PHE A 63 -4.38 -0.94 -30.82
CA PHE A 63 -4.29 -1.24 -32.28
C PHE A 63 -5.22 -2.39 -32.57
N CYS A 64 -5.50 -2.54 -33.84
CA CYS A 64 -6.15 -3.73 -34.38
C CYS A 64 -5.18 -4.37 -35.35
N SER A 65 -5.01 -5.66 -35.24
CA SER A 65 -4.18 -6.46 -36.15
C SER A 65 -5.10 -7.42 -36.93
N VAL A 66 -5.13 -7.25 -38.26
CA VAL A 66 -6.02 -7.99 -39.19
C VAL A 66 -5.17 -8.81 -40.16
N PHE A 67 -5.11 -10.12 -39.90
CA PHE A 67 -4.34 -11.10 -40.67
C PHE A 67 -5.32 -12.06 -41.35
N LEU A 68 -5.55 -11.89 -42.66
CA LEU A 68 -6.59 -12.65 -43.41
C LEU A 68 -5.95 -13.72 -44.29
N GLU A 69 -4.74 -14.11 -43.96
CA GLU A 69 -4.14 -15.42 -44.30
C GLU A 69 -3.37 -15.86 -43.06
N PRO A 70 -3.31 -17.18 -42.78
CA PRO A 70 -2.47 -17.68 -41.70
C PRO A 70 -1.03 -17.28 -42.03
N SER A 71 -0.33 -16.69 -41.08
CA SER A 71 0.86 -15.86 -41.37
C SER A 71 1.43 -15.42 -40.02
N THR A 72 1.71 -16.46 -39.21
CA THR A 72 1.92 -16.47 -37.73
C THR A 72 3.22 -15.71 -37.35
N ARG A 73 4.34 -15.84 -38.06
CA ARG A 73 5.58 -15.16 -37.57
C ARG A 73 5.47 -13.61 -37.68
N THR A 74 4.97 -13.10 -38.80
CA THR A 74 4.87 -11.65 -39.04
C THR A 74 3.82 -11.13 -38.05
N ARG A 75 2.76 -11.86 -37.83
CA ARG A 75 1.66 -11.41 -36.91
C ARG A 75 2.14 -11.34 -35.46
N CYS A 76 2.83 -12.39 -34.99
CA CYS A 76 3.43 -12.49 -33.63
C CYS A 76 4.48 -11.39 -33.42
N SER A 77 5.29 -11.10 -34.45
CA SER A 77 6.35 -10.06 -34.43
C SER A 77 5.73 -8.68 -34.21
N PHE A 78 4.67 -8.39 -34.94
CA PHE A 78 3.89 -7.14 -34.74
C PHE A 78 3.21 -7.10 -33.37
N ASP A 79 2.60 -8.18 -32.91
CA ASP A 79 2.00 -8.26 -31.56
C ASP A 79 3.04 -7.98 -30.48
N ALA A 80 4.15 -8.71 -30.49
CA ALA A 80 5.23 -8.58 -29.52
C ALA A 80 5.71 -7.15 -29.50
N ALA A 81 5.83 -6.54 -30.67
CA ALA A 81 6.37 -5.16 -30.73
C ALA A 81 5.42 -4.21 -30.01
N ILE A 82 4.13 -4.35 -30.30
CA ILE A 82 3.08 -3.50 -29.69
C ILE A 82 3.10 -3.73 -28.20
N LEU A 83 3.15 -4.98 -27.78
CA LEU A 83 2.99 -5.31 -26.35
C LEU A 83 4.24 -4.82 -25.61
N LYS A 84 5.43 -4.98 -26.17
CA LYS A 84 6.73 -4.61 -25.52
C LYS A 84 6.83 -3.07 -25.40
N LEU A 85 6.15 -2.35 -26.33
CA LEU A 85 6.06 -0.87 -26.30
C LEU A 85 5.13 -0.42 -25.20
N GLY A 86 4.29 -1.34 -24.68
CA GLY A 86 3.38 -1.09 -23.55
C GLY A 86 1.95 -0.76 -24.01
N SER A 87 1.66 -0.93 -25.31
CA SER A 87 0.33 -0.70 -25.89
C SER A 87 -0.45 -2.02 -25.97
N LYS A 88 -1.63 -1.97 -26.56
CA LYS A 88 -2.62 -3.07 -26.51
C LYS A 88 -3.12 -3.32 -27.92
N VAL A 89 -3.59 -4.53 -28.17
CA VAL A 89 -3.96 -4.92 -29.55
C VAL A 89 -5.08 -5.92 -29.47
N LEU A 90 -6.05 -5.74 -30.37
CA LEU A 90 -7.05 -6.81 -30.58
C LEU A 90 -6.80 -7.41 -31.97
N ASN A 91 -7.00 -8.73 -32.07
CA ASN A 91 -6.55 -9.57 -33.22
C ASN A 91 -7.80 -10.05 -33.96
N ILE A 92 -7.73 -10.02 -35.30
CA ILE A 92 -8.56 -10.83 -36.25
C ILE A 92 -7.63 -11.72 -37.07
N THR A 93 -7.79 -13.03 -36.90
CA THR A 93 -6.86 -14.08 -37.34
C THR A 93 -7.69 -15.25 -37.87
N ASP A 94 -7.01 -16.26 -38.43
CA ASP A 94 -7.55 -17.63 -38.70
C ASP A 94 -8.78 -17.46 -39.60
N MET A 95 -8.82 -16.32 -40.29
CA MET A 95 -9.94 -15.88 -41.14
C MET A 95 -9.31 -15.58 -42.50
N ASN A 96 -10.12 -15.73 -43.54
CA ASN A 96 -9.81 -15.29 -44.91
C ASN A 96 -10.75 -14.11 -45.25
N SER A 97 -10.45 -13.47 -46.36
CA SER A 97 -11.22 -12.37 -46.98
C SER A 97 -12.73 -12.63 -46.85
N THR A 98 -13.23 -13.75 -47.39
CA THR A 98 -14.67 -14.00 -47.61
C THR A 98 -15.42 -14.09 -46.27
N SER A 99 -14.83 -14.73 -45.26
CA SER A 99 -15.45 -14.92 -43.92
C SER A 99 -15.38 -13.62 -43.10
N PHE A 100 -14.35 -12.79 -43.28
CA PHE A 100 -14.26 -11.50 -42.55
C PHE A 100 -15.18 -10.45 -43.20
N TYR A 101 -15.35 -10.47 -44.52
CA TYR A 101 -16.12 -9.47 -45.30
C TYR A 101 -17.50 -10.05 -45.60
N LYS A 102 -17.93 -11.07 -44.84
CA LYS A 102 -19.26 -11.72 -44.94
C LYS A 102 -20.30 -10.66 -45.37
N GLY A 103 -20.48 -10.51 -46.68
CA GLY A 103 -21.49 -9.55 -47.16
C GLY A 103 -21.30 -8.23 -46.44
N GLU A 104 -20.08 -7.71 -46.51
CA GLU A 104 -19.77 -6.29 -46.19
C GLU A 104 -18.61 -5.86 -47.07
N THR A 105 -18.65 -4.63 -47.58
CA THR A 105 -17.56 -4.02 -48.38
C THR A 105 -16.35 -3.80 -47.50
N VAL A 106 -15.17 -3.86 -48.09
CA VAL A 106 -13.89 -3.52 -47.41
C VAL A 106 -13.99 -2.10 -46.87
N GLU A 107 -14.62 -1.18 -47.60
CA GLU A 107 -14.63 0.26 -47.22
C GLU A 107 -15.52 0.46 -45.99
N ASP A 108 -16.67 -0.27 -45.90
CA ASP A 108 -17.57 -0.21 -44.73
C ASP A 108 -16.76 -0.72 -43.55
N ALA A 109 -16.13 -1.88 -43.69
CA ALA A 109 -15.43 -2.56 -42.59
C ALA A 109 -14.32 -1.67 -42.03
N PHE A 110 -13.55 -1.00 -42.88
CA PHE A 110 -12.40 -0.19 -42.42
C PHE A 110 -12.85 1.16 -41.89
N LYS A 111 -13.92 1.71 -42.42
CA LYS A 111 -14.42 3.02 -41.91
C LYS A 111 -14.87 2.82 -40.45
N ILE A 112 -15.45 1.67 -40.16
CA ILE A 112 -16.01 1.37 -38.80
C ILE A 112 -14.88 0.96 -37.88
N LEU A 113 -14.06 0.02 -38.33
CA LEU A 113 -13.01 -0.52 -37.44
C LEU A 113 -12.07 0.59 -36.98
N SER A 114 -11.83 1.59 -37.83
CA SER A 114 -10.84 2.64 -37.55
C SER A 114 -11.41 3.63 -36.56
N THR A 115 -12.72 3.58 -36.27
CA THR A 115 -13.29 4.42 -35.20
C THR A 115 -12.86 3.81 -33.86
N TYR A 116 -12.48 2.52 -33.79
CA TYR A 116 -12.31 1.83 -32.49
C TYR A 116 -10.88 1.97 -31.97
N VAL A 117 -9.91 2.27 -32.84
CA VAL A 117 -8.48 1.99 -32.56
C VAL A 117 -7.64 3.13 -33.09
N ASP A 118 -6.40 3.18 -32.65
CA ASP A 118 -5.39 4.22 -33.00
C ASP A 118 -4.70 3.88 -34.30
N GLY A 119 -4.69 2.61 -34.69
CA GLY A 119 -4.03 2.21 -35.95
C GLY A 119 -4.29 0.76 -36.25
N ILE A 120 -4.01 0.33 -37.45
CA ILE A 120 -4.37 -1.03 -37.94
C ILE A 120 -3.14 -1.57 -38.62
N ILE A 121 -2.83 -2.82 -38.34
CA ILE A 121 -1.81 -3.62 -39.03
C ILE A 121 -2.59 -4.64 -39.87
N TYR A 122 -2.31 -4.71 -41.18
CA TYR A 122 -3.17 -5.48 -42.13
C TYR A 122 -2.30 -6.31 -43.07
N ARG A 123 -2.57 -7.61 -43.10
CA ARG A 123 -2.01 -8.63 -44.01
C ARG A 123 -3.20 -9.25 -44.75
N ASP A 124 -3.20 -9.12 -46.08
CA ASP A 124 -4.28 -9.66 -46.94
C ASP A 124 -3.61 -10.02 -48.27
N PRO A 125 -3.80 -11.28 -48.76
CA PRO A 125 -3.15 -11.71 -50.00
C PRO A 125 -3.68 -10.96 -51.23
N SER A 126 -4.81 -10.29 -51.15
CA SER A 126 -5.31 -9.35 -52.20
C SER A 126 -4.54 -8.02 -52.18
N LYS A 127 -4.15 -7.46 -53.32
CA LYS A 127 -3.56 -6.08 -53.37
C LYS A 127 -4.61 -4.99 -53.21
N LYS A 128 -5.72 -5.19 -53.90
CA LYS A 128 -6.85 -4.22 -53.90
C LYS A 128 -7.21 -3.90 -52.44
N ASN A 129 -7.43 -4.92 -51.62
CA ASN A 129 -8.01 -4.76 -50.26
C ASN A 129 -7.19 -3.75 -49.44
N VAL A 130 -5.83 -3.85 -49.45
CA VAL A 130 -5.00 -2.96 -48.61
C VAL A 130 -5.21 -1.51 -49.06
N ASP A 131 -5.17 -1.24 -50.34
CA ASP A 131 -5.39 0.12 -50.90
C ASP A 131 -6.81 0.62 -50.62
N ILE A 132 -7.83 -0.22 -50.69
CA ILE A 132 -9.23 0.19 -50.30
C ILE A 132 -9.27 0.52 -48.81
N ALA A 133 -8.63 -0.31 -47.96
CA ALA A 133 -8.58 -0.08 -46.52
C ALA A 133 -7.96 1.29 -46.26
N VAL A 134 -6.87 1.62 -46.94
CA VAL A 134 -6.15 2.90 -46.71
C VAL A 134 -7.07 4.08 -47.05
N SER A 135 -7.78 3.98 -48.18
CA SER A 135 -8.74 5.04 -48.62
C SER A 135 -9.89 5.21 -47.64
N SER A 136 -10.31 4.15 -46.98
CA SER A 136 -11.54 4.17 -46.15
C SER A 136 -11.23 4.51 -44.69
N SER A 137 -9.99 4.26 -44.24
CA SER A 137 -9.60 4.26 -42.81
C SER A 137 -9.40 5.70 -42.34
N SER A 138 -9.94 6.08 -41.16
CA SER A 138 -9.57 7.36 -40.52
C SER A 138 -8.23 7.20 -39.78
N LYS A 139 -7.68 5.99 -39.69
CA LYS A 139 -6.45 5.78 -38.90
C LYS A 139 -5.36 5.16 -39.77
N PRO A 140 -4.08 5.37 -39.40
CA PRO A 140 -2.96 4.90 -40.24
C PRO A 140 -2.96 3.37 -40.33
N ILE A 141 -2.58 2.86 -41.51
CA ILE A 141 -2.38 1.43 -41.77
C ILE A 141 -0.90 1.11 -41.98
N ILE A 142 -0.44 0.05 -41.31
CA ILE A 142 0.83 -0.64 -41.64
C ILE A 142 0.51 -1.91 -42.41
N ASN A 143 1.00 -2.00 -43.62
CA ASN A 143 0.88 -3.20 -44.47
C ASN A 143 1.90 -4.18 -43.94
N ALA A 144 1.44 -5.33 -43.50
CA ALA A 144 2.26 -6.47 -43.04
C ALA A 144 2.45 -7.47 -44.17
N GLY A 145 2.08 -7.13 -45.41
CA GLY A 145 2.28 -8.04 -46.57
C GLY A 145 1.00 -8.22 -47.38
N ASN A 146 1.05 -8.00 -48.70
CA ASN A 146 -0.12 -8.25 -49.57
C ASN A 146 0.32 -8.94 -50.86
N GLY A 147 -0.65 -9.24 -51.74
CA GLY A 147 -0.48 -9.97 -53.03
C GLY A 147 0.36 -9.26 -54.08
N THR A 148 0.49 -7.92 -54.06
CA THR A 148 1.42 -7.19 -54.99
C THR A 148 2.88 -7.35 -54.58
N GLY A 149 3.15 -8.00 -53.45
CA GLY A 149 4.56 -8.18 -53.01
C GLY A 149 5.06 -6.97 -52.22
N GLU A 150 4.16 -6.04 -51.85
CA GLU A 150 4.55 -4.95 -50.91
C GLU A 150 4.65 -5.57 -49.52
N HIS A 151 5.77 -5.34 -48.84
CA HIS A 151 6.01 -5.87 -47.47
C HIS A 151 7.05 -4.98 -46.83
N PRO A 152 6.69 -3.73 -46.50
CA PRO A 152 7.65 -2.72 -46.16
C PRO A 152 8.55 -3.07 -44.98
N THR A 153 8.00 -3.71 -43.98
CA THR A 153 8.72 -4.01 -42.72
C THR A 153 9.69 -5.17 -42.96
N GLN A 154 9.42 -6.09 -43.90
CA GLN A 154 10.43 -7.09 -44.29
C GLN A 154 11.64 -6.39 -44.92
N SER A 155 11.42 -5.44 -45.82
CA SER A 155 12.53 -4.69 -46.50
C SER A 155 13.28 -3.90 -45.46
N LEU A 156 12.53 -3.19 -44.59
CA LEU A 156 13.17 -2.37 -43.52
C LEU A 156 14.03 -3.25 -42.59
N LEU A 157 13.55 -4.41 -42.21
CA LEU A 157 14.32 -5.23 -41.21
C LEU A 157 15.51 -5.87 -41.96
N ASP A 158 15.33 -6.17 -43.24
CA ASP A 158 16.41 -6.67 -44.13
C ASP A 158 17.52 -5.61 -44.19
N PHE A 159 17.13 -4.39 -44.45
CA PHE A 159 18.06 -3.24 -44.60
C PHE A 159 18.75 -2.99 -43.29
N TYR A 160 18.01 -2.89 -42.17
CA TYR A 160 18.62 -2.76 -40.82
C TYR A 160 19.70 -3.81 -40.61
N THR A 161 19.44 -5.05 -40.98
CA THR A 161 20.36 -6.18 -40.71
C THR A 161 21.67 -5.91 -41.47
N ILE A 162 21.59 -5.62 -42.77
CA ILE A 162 22.75 -5.31 -43.64
C ILE A 162 23.52 -4.12 -43.06
N HIS A 163 22.82 -3.02 -42.78
CA HIS A 163 23.43 -1.77 -42.26
C HIS A 163 24.20 -2.07 -40.97
N ASN A 164 23.77 -3.05 -40.19
CA ASN A 164 24.45 -3.40 -38.92
C ASN A 164 25.84 -3.99 -39.17
N TYR A 165 26.09 -4.72 -40.28
CA TYR A 165 27.42 -5.30 -40.59
C TYR A 165 28.19 -4.40 -41.55
N PHE A 166 27.48 -3.63 -42.37
CA PHE A 166 28.04 -2.77 -43.41
C PHE A 166 27.42 -1.40 -43.31
N PRO A 167 27.71 -0.62 -42.24
CA PRO A 167 27.09 0.69 -42.08
C PRO A 167 27.39 1.68 -43.21
N PHE A 168 28.47 1.46 -43.97
CA PHE A 168 28.88 2.39 -45.06
C PHE A 168 27.81 2.42 -46.19
N ILE A 169 26.86 1.48 -46.26
CA ILE A 169 25.79 1.57 -47.29
C ILE A 169 25.05 2.91 -47.15
N LEU A 170 25.04 3.54 -45.99
CA LEU A 170 24.24 4.77 -45.81
C LEU A 170 24.95 5.96 -46.39
N ASP A 171 26.27 5.88 -46.67
CA ASP A 171 27.09 7.10 -46.84
C ASP A 171 26.97 7.68 -48.25
N ARG A 172 26.52 6.89 -49.24
CA ARG A 172 26.47 7.35 -50.63
C ARG A 172 27.92 7.81 -50.98
N ASN A 173 28.91 6.99 -50.62
CA ASN A 173 30.35 7.27 -50.88
C ASN A 173 30.86 6.49 -52.14
N ILE A 174 31.19 7.17 -53.21
CA ILE A 174 31.60 6.53 -54.52
C ILE A 174 32.81 5.53 -54.39
N ASN A 175 33.60 5.70 -53.33
CA ASN A 175 34.69 4.75 -52.93
C ASN A 175 34.27 3.57 -52.03
N LYS A 176 33.01 3.46 -51.57
CA LYS A 176 32.58 2.42 -50.60
C LYS A 176 31.30 1.73 -51.13
N LYS A 177 31.47 0.66 -51.89
CA LYS A 177 30.37 -0.01 -52.61
C LYS A 177 30.01 -1.29 -51.87
N LEU A 178 28.73 -1.60 -51.71
CA LEU A 178 28.29 -2.92 -51.21
C LEU A 178 27.86 -3.79 -52.38
N ASN A 179 28.30 -5.04 -52.36
CA ASN A 179 28.03 -6.08 -53.38
C ASN A 179 27.12 -7.11 -52.73
N ILE A 180 25.95 -7.34 -53.30
CA ILE A 180 25.01 -8.35 -52.73
C ILE A 180 24.66 -9.38 -53.80
N ALA A 181 24.56 -10.65 -53.42
CA ALA A 181 23.99 -11.72 -54.28
C ALA A 181 22.61 -12.09 -53.76
N PHE A 182 21.63 -12.01 -54.64
CA PHE A 182 20.26 -12.57 -54.50
C PHE A 182 20.21 -13.91 -55.21
N VAL A 183 19.78 -14.94 -54.49
CA VAL A 183 19.90 -16.37 -54.86
C VAL A 183 18.53 -17.04 -54.71
N GLY A 184 18.10 -17.78 -55.72
CA GLY A 184 16.96 -18.70 -55.69
C GLY A 184 15.91 -18.33 -56.71
N ASP A 185 14.67 -18.17 -56.26
CA ASP A 185 13.51 -17.81 -57.10
C ASP A 185 13.38 -16.28 -57.14
N LEU A 186 14.06 -15.64 -58.09
CA LEU A 186 14.09 -14.17 -58.20
C LEU A 186 12.86 -13.68 -58.96
N LYS A 187 12.14 -14.60 -59.63
CA LYS A 187 10.87 -14.26 -60.32
C LYS A 187 9.77 -14.06 -59.26
N ASN A 188 9.60 -15.00 -58.33
CA ASN A 188 8.46 -15.01 -57.37
C ASN A 188 8.88 -14.45 -56.02
N GLY A 189 10.18 -14.32 -55.74
CA GLY A 189 10.67 -13.78 -54.44
C GLY A 189 10.55 -12.26 -54.36
N ARG A 190 9.36 -11.80 -53.95
CA ARG A 190 8.94 -10.39 -53.81
C ARG A 190 9.82 -9.66 -52.80
N THR A 191 10.41 -10.36 -51.86
CA THR A 191 11.29 -9.74 -50.85
C THR A 191 12.55 -9.23 -51.49
N VAL A 192 12.96 -9.88 -52.60
CA VAL A 192 14.12 -9.45 -53.40
C VAL A 192 13.75 -8.16 -54.11
N HIS A 193 12.53 -8.13 -54.64
CA HIS A 193 12.01 -7.02 -55.48
C HIS A 193 12.02 -5.76 -54.60
N SER A 194 11.48 -5.87 -53.38
CA SER A 194 11.28 -4.72 -52.46
C SER A 194 12.61 -4.24 -51.90
N LEU A 195 13.49 -5.17 -51.51
CA LEU A 195 14.79 -4.82 -50.90
C LEU A 195 15.68 -4.26 -52.00
N SER A 196 15.64 -4.83 -53.21
CA SER A 196 16.37 -4.28 -54.39
C SER A 196 16.07 -2.80 -54.62
N LYS A 197 14.80 -2.42 -54.64
CA LYS A 197 14.38 -1.02 -54.87
C LYS A 197 14.99 -0.16 -53.77
N LEU A 198 14.94 -0.64 -52.50
CA LEU A 198 15.51 0.16 -51.39
C LEU A 198 17.04 0.20 -51.43
N LEU A 199 17.70 -0.90 -51.70
CA LEU A 199 19.22 -0.95 -51.77
C LEU A 199 19.76 -0.07 -52.92
N SER A 200 18.97 0.12 -53.96
CA SER A 200 19.42 0.77 -55.25
C SER A 200 19.41 2.28 -55.09
N ARG A 201 18.97 2.80 -53.98
CA ARG A 201 19.06 4.22 -53.57
C ARG A 201 20.51 4.51 -53.10
N TYR A 202 21.33 3.47 -52.92
CA TYR A 202 22.68 3.52 -52.29
C TYR A 202 23.71 3.03 -53.32
N ASN A 203 24.97 3.03 -52.88
CA ASN A 203 26.08 2.58 -53.72
C ASN A 203 26.08 1.06 -53.61
N VAL A 204 25.34 0.40 -54.51
CA VAL A 204 25.21 -1.09 -54.41
C VAL A 204 25.32 -1.72 -55.77
N SER A 205 25.95 -2.89 -55.85
CA SER A 205 25.98 -3.69 -57.10
C SER A 205 25.39 -5.06 -56.78
N PHE A 206 24.75 -5.64 -57.78
CA PHE A 206 23.85 -6.79 -57.59
C PHE A 206 24.30 -7.95 -58.47
N ASN A 207 24.41 -9.12 -57.84
CA ASN A 207 24.52 -10.47 -58.46
C ASN A 207 23.18 -11.18 -58.32
N PHE A 208 22.48 -11.38 -59.42
CA PHE A 208 21.21 -12.14 -59.50
C PHE A 208 21.51 -13.54 -59.96
N VAL A 209 21.36 -14.49 -59.06
CA VAL A 209 21.76 -15.91 -59.21
C VAL A 209 20.50 -16.74 -59.20
N SER A 210 20.14 -17.29 -60.34
CA SER A 210 18.86 -18.01 -60.58
C SER A 210 19.03 -18.97 -61.75
N CYS A 211 18.13 -19.96 -61.83
CA CYS A 211 18.22 -21.05 -62.83
C CYS A 211 17.28 -20.63 -63.96
N LYS A 212 17.79 -19.80 -64.88
CA LYS A 212 17.18 -19.30 -66.15
C LYS A 212 15.68 -18.99 -65.99
N SER A 213 14.92 -20.05 -65.73
CA SER A 213 13.44 -20.08 -65.57
C SER A 213 12.91 -19.12 -64.50
N LEU A 214 13.73 -18.66 -63.55
CA LEU A 214 13.27 -17.94 -62.33
C LEU A 214 14.04 -16.63 -62.19
N ASN A 215 14.28 -15.91 -63.29
CA ASN A 215 15.24 -14.77 -63.24
C ASN A 215 14.50 -13.54 -62.71
N ILE A 216 15.25 -12.53 -62.31
CA ILE A 216 14.72 -11.24 -61.80
C ILE A 216 13.87 -10.63 -62.92
N PRO A 217 12.67 -10.09 -62.67
CA PRO A 217 11.91 -9.43 -63.75
C PRO A 217 12.53 -8.11 -64.23
N LYS A 218 12.30 -7.78 -65.47
CA LYS A 218 12.97 -6.65 -66.14
C LYS A 218 12.55 -5.40 -65.34
N ASP A 219 11.23 -5.26 -65.00
CA ASP A 219 10.85 -3.94 -64.41
C ASP A 219 11.57 -3.72 -63.03
N ILE A 220 12.11 -4.74 -62.34
CA ILE A 220 12.99 -4.52 -61.18
C ILE A 220 14.41 -4.07 -61.63
N VAL A 221 14.97 -4.76 -62.60
CA VAL A 221 16.26 -4.29 -63.24
C VAL A 221 16.16 -2.78 -63.64
N ASN A 222 14.97 -2.40 -64.10
CA ASN A 222 14.81 -0.99 -64.60
C ASN A 222 14.76 -0.04 -63.43
N THR A 223 14.09 -0.48 -62.37
CA THR A 223 13.90 0.32 -61.14
C THR A 223 15.24 0.47 -60.42
N ILE A 224 16.04 -0.59 -60.39
CA ILE A 224 17.45 -0.55 -59.88
C ILE A 224 18.31 0.47 -60.69
N THR A 225 18.24 0.41 -61.99
CA THR A 225 19.08 1.23 -62.94
C THR A 225 18.75 2.78 -62.89
N TYR A 226 17.45 3.11 -62.79
CA TYR A 226 16.93 4.47 -62.55
C TYR A 226 17.38 4.96 -61.17
N ASN A 227 17.36 4.13 -60.12
CA ASN A 227 17.73 4.59 -58.77
C ASN A 227 19.30 4.90 -58.86
N LEU A 228 20.07 3.98 -59.48
CA LEU A 228 21.53 3.99 -59.35
C LEU A 228 22.00 5.18 -60.16
N LYS A 229 21.44 5.31 -61.39
CA LYS A 229 21.63 6.50 -62.21
C LYS A 229 21.34 7.76 -61.41
N LYS A 230 20.30 7.82 -60.60
CA LYS A 230 19.86 9.09 -59.98
C LYS A 230 20.94 9.55 -59.00
N ASN A 231 21.69 8.64 -58.35
CA ASN A 231 22.79 8.99 -57.41
C ASN A 231 24.17 8.82 -58.07
N ASN A 232 24.20 8.67 -59.40
CA ASN A 232 25.46 8.55 -60.19
C ASN A 232 26.29 7.38 -59.68
N PHE A 233 25.60 6.21 -59.35
CA PHE A 233 26.31 4.93 -59.05
C PHE A 233 25.94 3.80 -60.02
N TYR A 234 25.37 4.14 -61.16
CA TYR A 234 25.20 3.14 -62.28
C TYR A 234 26.48 3.00 -63.12
N SER A 235 26.88 1.75 -63.41
CA SER A 235 27.91 1.36 -64.43
C SER A 235 27.52 0.01 -65.01
N ASP A 236 28.19 -0.42 -66.07
CA ASP A 236 27.91 -1.67 -66.83
C ASP A 236 28.11 -2.85 -65.87
N ASP A 237 28.88 -2.63 -64.79
CA ASP A 237 29.17 -3.61 -63.71
C ASP A 237 28.13 -3.54 -62.57
N SER A 238 27.11 -2.69 -62.64
CA SER A 238 26.13 -2.50 -61.53
C SER A 238 25.31 -3.77 -61.34
N ILE A 239 24.92 -4.44 -62.42
CA ILE A 239 24.06 -5.65 -62.41
C ILE A 239 24.72 -6.80 -63.16
N LYS A 240 24.99 -7.92 -62.49
CA LYS A 240 25.56 -9.17 -63.08
C LYS A 240 24.53 -10.29 -62.88
N TYR A 241 24.52 -11.27 -63.78
CA TYR A 241 23.59 -12.42 -63.85
C TYR A 241 24.40 -13.71 -63.88
N PHE A 242 24.12 -14.67 -62.99
CA PHE A 242 24.77 -16.02 -62.99
C PHE A 242 23.69 -17.10 -62.82
N ASP A 243 24.03 -18.36 -63.14
CA ASP A 243 23.13 -19.49 -62.78
C ASP A 243 23.87 -20.46 -61.84
N ASN A 244 25.03 -20.08 -61.30
CA ASN A 244 25.79 -20.96 -60.37
C ASN A 244 26.44 -20.19 -59.20
N LEU A 245 26.59 -20.88 -58.08
CA LEU A 245 27.00 -20.33 -56.75
C LEU A 245 28.45 -19.89 -56.84
N GLU A 246 29.27 -20.78 -57.40
CA GLU A 246 30.74 -20.67 -57.44
C GLU A 246 31.13 -19.27 -57.93
N GLU A 247 30.51 -18.78 -59.00
CA GLU A 247 30.74 -17.42 -59.58
C GLU A 247 29.89 -16.39 -58.83
N GLY A 248 28.62 -16.69 -58.60
CA GLY A 248 27.63 -15.73 -58.03
C GLY A 248 28.04 -15.19 -56.69
N LEU A 249 28.70 -16.00 -55.89
CA LEU A 249 28.91 -15.76 -54.42
C LEU A 249 30.28 -15.13 -54.21
N GLU A 250 31.05 -14.95 -55.29
CA GLU A 250 32.44 -14.37 -55.22
C GLU A 250 32.29 -12.87 -54.93
N ASP A 251 33.08 -12.34 -54.00
CA ASP A 251 33.21 -10.89 -53.72
C ASP A 251 31.85 -10.23 -53.41
N VAL A 252 30.96 -10.88 -52.68
CA VAL A 252 29.70 -10.24 -52.20
C VAL A 252 29.74 -10.18 -50.68
N HIS A 253 29.46 -9.00 -50.14
CA HIS A 253 29.31 -8.70 -48.69
C HIS A 253 28.10 -9.39 -48.12
N ILE A 254 27.06 -9.54 -48.94
CA ILE A 254 25.77 -10.14 -48.46
C ILE A 254 25.36 -11.22 -49.45
N ILE A 255 24.96 -12.38 -48.95
CA ILE A 255 24.21 -13.41 -49.73
C ILE A 255 22.77 -13.45 -49.17
N TYR A 256 21.78 -13.21 -50.02
CA TYR A 256 20.35 -13.22 -49.63
C TYR A 256 19.66 -14.35 -50.38
N MET A 257 19.30 -15.40 -49.65
CA MET A 257 18.65 -16.61 -50.15
C MET A 257 17.15 -16.41 -50.07
N THR A 258 16.39 -16.92 -51.05
CA THR A 258 14.92 -16.81 -51.16
C THR A 258 14.29 -18.18 -50.96
N ARG A 259 12.97 -18.22 -50.71
CA ARG A 259 12.20 -19.50 -50.59
C ARG A 259 11.67 -19.95 -51.96
N ILE A 260 11.29 -21.23 -52.03
CA ILE A 260 11.06 -22.03 -53.28
C ILE A 260 9.79 -22.87 -53.07
N GLN A 261 9.50 -23.89 -53.92
CA GLN A 261 8.71 -25.16 -53.63
C GLN A 261 8.51 -26.14 -54.85
N LYS A 262 9.36 -27.19 -54.96
CA LYS A 262 9.32 -28.35 -55.91
C LYS A 262 10.73 -28.96 -56.10
N ASN A 276 20.46 -29.30 -55.58
CA ASN A 276 20.09 -28.01 -56.20
C ASN A 276 21.38 -27.24 -56.54
N ALA A 277 21.31 -26.43 -57.59
CA ALA A 277 22.34 -25.42 -57.98
C ALA A 277 22.56 -24.45 -56.82
N PHE A 278 21.51 -24.19 -56.06
CA PHE A 278 21.39 -23.06 -55.10
C PHE A 278 21.21 -23.57 -53.67
N ILE A 279 21.68 -24.77 -53.28
CA ILE A 279 21.69 -25.11 -51.81
C ILE A 279 22.99 -24.57 -51.22
N LEU A 280 22.89 -23.91 -50.05
CA LEU A 280 24.03 -23.28 -49.36
C LEU A 280 24.56 -24.25 -48.29
N SER A 281 25.85 -24.61 -48.40
CA SER A 281 26.60 -25.51 -47.50
C SER A 281 27.87 -24.78 -47.01
N ASN A 282 28.51 -25.28 -45.95
CA ASN A 282 29.83 -24.73 -45.51
C ASN A 282 30.81 -24.85 -46.68
N LYS A 283 30.69 -25.92 -47.49
CA LYS A 283 31.57 -26.16 -48.64
C LYS A 283 31.42 -25.01 -49.65
N THR A 284 30.19 -24.72 -50.11
CA THR A 284 29.92 -23.65 -51.11
C THR A 284 30.19 -22.27 -50.53
N LEU A 285 30.70 -22.14 -49.30
CA LEU A 285 30.91 -20.81 -48.65
C LEU A 285 32.41 -20.55 -48.39
N GLU A 286 33.27 -21.53 -48.67
CA GLU A 286 34.74 -21.48 -48.38
C GLU A 286 35.43 -20.35 -49.18
N ASN A 287 34.94 -20.03 -50.38
CA ASN A 287 35.56 -19.04 -51.30
C ASN A 287 34.80 -17.71 -51.31
N THR A 288 34.00 -17.41 -50.30
CA THR A 288 33.36 -16.08 -50.13
C THR A 288 34.28 -15.19 -49.29
N ARG A 289 34.02 -13.89 -49.27
CA ARG A 289 34.77 -12.95 -48.41
C ARG A 289 34.60 -13.44 -46.98
N ASP A 290 35.53 -13.09 -46.09
CA ASP A 290 35.45 -13.57 -44.70
C ASP A 290 34.37 -12.78 -43.99
N ASP A 291 33.96 -11.63 -44.56
CA ASP A 291 33.04 -10.64 -43.93
C ASP A 291 31.61 -10.89 -44.42
N THR A 292 31.41 -11.80 -45.36
CA THR A 292 30.09 -12.01 -45.97
C THR A 292 29.12 -12.43 -44.87
N LYS A 293 27.89 -11.94 -44.95
CA LYS A 293 26.76 -12.30 -44.07
C LYS A 293 25.67 -12.90 -44.95
N ILE A 294 24.95 -13.87 -44.38
CA ILE A 294 23.90 -14.66 -45.07
C ILE A 294 22.53 -14.30 -44.48
N LEU A 295 21.67 -13.73 -45.28
CA LEU A 295 20.27 -13.48 -44.93
C LEU A 295 19.37 -14.46 -45.68
N HIS A 296 18.15 -14.58 -45.19
CA HIS A 296 17.04 -15.39 -45.73
C HIS A 296 15.79 -14.95 -45.00
N PRO A 297 14.69 -14.55 -45.69
CA PRO A 297 13.52 -13.95 -45.02
C PRO A 297 12.78 -14.95 -44.13
N LEU A 298 13.04 -16.24 -44.39
CA LEU A 298 12.46 -17.43 -43.75
C LEU A 298 10.99 -17.53 -44.10
N PRO A 299 10.37 -18.72 -43.98
CA PRO A 299 11.07 -19.96 -43.63
C PRO A 299 11.99 -20.52 -44.73
N ARG A 300 13.01 -21.25 -44.32
CA ARG A 300 13.94 -22.02 -45.16
C ARG A 300 13.46 -23.47 -45.25
N VAL A 301 13.80 -24.14 -46.36
CA VAL A 301 13.32 -25.51 -46.69
C VAL A 301 14.58 -26.37 -46.87
N ASN A 302 15.16 -26.38 -48.06
CA ASN A 302 16.49 -27.00 -48.28
C ASN A 302 17.54 -25.95 -48.64
N GLU A 303 17.13 -24.73 -49.02
CA GLU A 303 18.05 -23.70 -49.59
C GLU A 303 19.30 -23.54 -48.72
N ILE A 304 19.18 -23.75 -47.40
CA ILE A 304 20.28 -23.60 -46.42
C ILE A 304 20.33 -24.83 -45.52
N LYS A 305 21.46 -25.54 -45.54
CA LYS A 305 21.71 -26.76 -44.71
C LYS A 305 21.90 -26.32 -43.25
N VAL A 306 21.40 -27.14 -42.33
CA VAL A 306 21.45 -26.86 -40.85
C VAL A 306 22.92 -26.61 -40.46
N GLU A 307 23.91 -27.18 -41.17
CA GLU A 307 25.35 -27.07 -40.77
C GLU A 307 25.77 -25.59 -40.84
N VAL A 308 25.11 -24.82 -41.67
CA VAL A 308 25.44 -23.36 -41.91
C VAL A 308 25.03 -22.50 -40.70
N ASP A 309 24.11 -22.99 -39.86
CA ASP A 309 23.65 -22.29 -38.61
C ASP A 309 24.83 -22.06 -37.63
N SER A 310 25.86 -22.91 -37.67
CA SER A 310 27.09 -22.80 -36.82
C SER A 310 28.14 -21.91 -37.48
N ASN A 311 27.96 -21.60 -38.76
CA ASN A 311 28.88 -20.72 -39.50
C ASN A 311 28.62 -19.29 -39.04
N PRO A 312 29.66 -18.53 -38.59
CA PRO A 312 29.48 -17.15 -38.14
C PRO A 312 29.00 -16.21 -39.26
N LYS A 313 29.00 -16.66 -40.50
CA LYS A 313 28.49 -15.82 -41.62
C LYS A 313 26.96 -15.86 -41.60
N SER A 314 26.33 -16.83 -40.93
CA SER A 314 24.84 -16.97 -40.89
C SER A 314 24.27 -15.90 -39.95
N VAL A 315 23.38 -15.04 -40.45
CA VAL A 315 22.66 -14.05 -39.59
C VAL A 315 21.15 -14.09 -39.83
N TYR A 316 20.61 -15.12 -40.49
CA TYR A 316 19.17 -15.13 -40.82
C TYR A 316 18.30 -15.21 -39.55
N PHE A 317 18.80 -15.78 -38.45
CA PHE A 317 18.01 -15.80 -37.16
C PHE A 317 18.16 -14.46 -36.44
N THR A 318 19.33 -13.82 -36.45
CA THR A 318 19.45 -12.42 -36.01
C THR A 318 18.49 -11.55 -36.85
N GLN A 319 18.44 -11.74 -38.16
CA GLN A 319 17.59 -10.98 -39.11
C GLN A 319 16.13 -11.01 -38.62
N ALA A 320 15.61 -12.18 -38.34
CA ALA A 320 14.22 -12.45 -37.87
C ALA A 320 14.02 -11.76 -36.52
N GLU A 321 15.00 -11.84 -35.65
CA GLU A 321 14.99 -11.14 -34.36
C GLU A 321 14.87 -9.63 -34.59
N ASN A 322 15.57 -9.11 -35.58
CA ASN A 322 15.62 -7.64 -35.87
C ASN A 322 14.26 -7.09 -36.25
N GLY A 323 13.39 -7.91 -36.82
CA GLY A 323 12.02 -7.50 -37.11
C GLY A 323 11.28 -6.99 -35.89
N LEU A 324 11.54 -7.51 -34.69
CA LEU A 324 10.92 -6.96 -33.44
C LEU A 324 11.34 -5.47 -33.31
N TYR A 325 12.62 -5.15 -33.44
CA TYR A 325 13.15 -3.81 -33.08
C TYR A 325 12.69 -2.81 -34.12
N VAL A 326 12.67 -3.23 -35.38
CA VAL A 326 12.26 -2.40 -36.55
C VAL A 326 10.76 -2.13 -36.45
N ARG A 327 9.95 -3.15 -36.14
CA ARG A 327 8.48 -2.90 -35.96
C ARG A 327 8.25 -2.03 -34.72
N MET A 328 8.97 -2.21 -33.61
CA MET A 328 8.85 -1.29 -32.44
C MET A 328 9.20 0.12 -32.89
N ALA A 329 10.28 0.30 -33.65
CA ALA A 329 10.72 1.63 -34.09
C ALA A 329 9.64 2.28 -34.94
N LEU A 330 9.14 1.59 -35.93
CA LEU A 330 8.15 2.15 -36.88
C LEU A 330 6.87 2.52 -36.12
N LEU A 331 6.44 1.70 -35.15
CA LEU A 331 5.19 2.01 -34.42
C LEU A 331 5.43 3.24 -33.54
N TYR A 332 6.59 3.30 -32.87
CA TYR A 332 6.96 4.48 -32.07
C TYR A 332 6.93 5.76 -32.89
N LEU A 333 7.58 5.76 -34.05
CA LEU A 333 7.72 7.02 -34.84
C LEU A 333 6.37 7.45 -35.43
N ILE A 334 5.50 6.54 -35.83
CA ILE A 334 4.18 6.94 -36.41
C ILE A 334 3.18 7.33 -35.32
N PHE A 335 3.12 6.58 -34.21
CA PHE A 335 1.94 6.67 -33.31
C PHE A 335 2.23 7.51 -32.06
N SER A 336 3.47 7.88 -31.80
CA SER A 336 3.74 8.69 -30.56
C SER A 336 2.98 10.01 -30.62
N SER A 337 2.50 10.50 -29.48
CA SER A 337 1.99 11.89 -29.28
C SER A 337 2.89 12.72 -28.34
N THR A 338 3.76 13.65 -28.77
CA THR A 338 4.59 14.35 -27.73
C THR A 338 4.80 15.83 -28.08
N SER A 343 13.14 11.69 -22.92
CA SER A 343 12.07 11.82 -23.94
C SER A 343 12.06 10.59 -24.87
N HIS A 344 12.94 10.58 -25.91
CA HIS A 344 13.03 9.48 -26.90
C HIS A 344 13.81 8.33 -26.28
N PRO A 345 13.70 7.10 -26.84
CA PRO A 345 14.63 6.01 -26.53
C PRO A 345 16.05 6.40 -26.98
N GLN A 346 17.02 6.19 -26.08
CA GLN A 346 18.41 6.67 -26.09
C GLN A 346 19.20 5.78 -25.12
N PHE A 347 19.90 4.73 -25.54
CA PHE A 347 21.09 4.25 -24.76
C PHE A 347 20.68 3.00 -24.01
N PHE B 2 8.83 -15.97 5.70
CA PHE B 2 7.92 -16.88 4.92
C PHE B 2 7.94 -18.28 5.56
N TYR B 3 6.76 -18.75 5.98
CA TYR B 3 6.50 -20.07 6.60
C TYR B 3 5.36 -20.83 5.89
N ILE B 4 5.51 -22.15 5.85
CA ILE B 4 4.44 -23.08 5.39
C ILE B 4 4.23 -24.14 6.48
N ASN B 5 2.98 -24.59 6.68
CA ASN B 5 2.59 -25.64 7.65
C ASN B 5 2.85 -25.14 9.09
N SER B 6 3.51 -23.97 9.25
CA SER B 6 4.13 -23.40 10.46
C SER B 6 5.37 -24.18 10.91
N LYS B 7 6.04 -24.90 10.00
CA LYS B 7 7.26 -25.69 10.34
C LYS B 7 8.46 -25.35 9.44
N TYR B 8 8.20 -25.17 8.15
CA TYR B 8 9.22 -25.14 7.06
C TYR B 8 9.32 -23.71 6.53
N LYS B 9 10.50 -23.12 6.73
CA LYS B 9 10.78 -21.69 6.41
C LYS B 9 11.16 -21.65 4.93
N ILE B 10 10.52 -20.77 4.15
CA ILE B 10 10.80 -20.63 2.69
C ILE B 10 11.63 -19.35 2.50
N ASP B 11 12.88 -19.53 2.06
CA ASP B 11 13.80 -18.45 1.62
C ASP B 11 13.53 -18.29 0.13
N LEU B 12 12.62 -17.35 -0.16
CA LEU B 12 11.97 -17.21 -1.48
C LEU B 12 12.95 -16.56 -2.42
N ASP B 13 13.72 -15.56 -1.95
CA ASP B 13 14.86 -14.95 -2.69
C ASP B 13 15.76 -16.08 -3.22
N LYS B 14 16.14 -17.02 -2.35
CA LYS B 14 17.12 -18.07 -2.74
C LYS B 14 16.44 -19.07 -3.68
N ILE B 15 15.19 -19.44 -3.40
CA ILE B 15 14.47 -20.42 -4.25
C ILE B 15 14.12 -19.81 -5.62
N MET B 16 13.93 -18.50 -5.70
CA MET B 16 13.68 -17.79 -6.98
C MET B 16 14.95 -17.75 -7.83
N THR B 17 16.08 -17.41 -7.22
CA THR B 17 17.43 -17.47 -7.85
C THR B 17 17.61 -18.84 -8.52
N LYS B 18 17.14 -19.90 -7.88
CA LYS B 18 17.29 -21.28 -8.42
C LYS B 18 16.26 -21.55 -9.53
N MET B 19 15.03 -21.02 -9.41
CA MET B 19 13.93 -21.31 -10.36
C MET B 19 13.96 -20.35 -11.54
N LYS B 20 14.81 -19.33 -11.50
CA LYS B 20 14.75 -18.24 -12.49
C LYS B 20 15.05 -18.83 -13.88
N ASN B 21 14.18 -18.58 -14.86
CA ASN B 21 14.40 -19.02 -16.27
C ASN B 21 14.48 -20.54 -16.39
N LYS B 22 13.86 -21.21 -15.47
CA LYS B 22 13.62 -22.66 -15.48
C LYS B 22 12.46 -22.94 -16.45
N SER B 23 12.62 -23.98 -17.27
CA SER B 23 11.56 -24.61 -18.05
C SER B 23 10.90 -25.68 -17.20
N VAL B 24 9.59 -25.83 -17.29
CA VAL B 24 8.81 -26.82 -16.53
C VAL B 24 8.05 -27.70 -17.52
N ILE B 25 8.53 -28.90 -17.74
CA ILE B 25 8.05 -29.86 -18.76
C ILE B 25 7.33 -31.03 -18.09
N ASN B 26 7.86 -31.52 -16.97
CA ASN B 26 7.48 -32.76 -16.23
C ASN B 26 7.45 -32.37 -14.74
N ILE B 27 6.66 -33.06 -13.93
CA ILE B 27 6.57 -32.80 -12.46
C ILE B 27 7.90 -33.10 -11.78
N ASP B 28 8.73 -33.97 -12.35
CA ASP B 28 10.06 -34.34 -11.81
C ASP B 28 11.09 -33.20 -12.01
N ASP B 29 10.77 -32.15 -12.76
CA ASP B 29 11.61 -30.92 -12.82
C ASP B 29 11.38 -30.05 -11.59
N VAL B 30 10.41 -30.38 -10.72
CA VAL B 30 10.11 -29.62 -9.46
C VAL B 30 10.63 -30.43 -8.27
N ASP B 31 11.58 -29.91 -7.51
CA ASP B 31 12.11 -30.64 -6.31
C ASP B 31 11.32 -30.22 -5.07
N ASP B 32 11.69 -30.73 -3.90
CA ASP B 32 11.00 -30.48 -2.60
C ASP B 32 10.88 -28.98 -2.34
N GLU B 33 12.00 -28.27 -2.46
CA GLU B 33 12.14 -26.83 -2.10
C GLU B 33 11.26 -26.04 -3.08
N GLU B 34 11.31 -26.40 -4.36
CA GLU B 34 10.56 -25.64 -5.41
C GLU B 34 9.08 -25.86 -5.13
N LEU B 35 8.71 -27.06 -4.72
CA LEU B 35 7.27 -27.35 -4.47
C LEU B 35 6.78 -26.50 -3.30
N LEU B 36 7.56 -26.42 -2.20
CA LEU B 36 7.20 -25.51 -1.07
C LEU B 36 7.03 -24.08 -1.57
N ALA B 37 7.96 -23.56 -2.38
CA ALA B 37 7.85 -22.14 -2.81
C ALA B 37 6.57 -21.97 -3.61
N ILE B 38 6.26 -22.92 -4.51
CA ILE B 38 5.02 -22.89 -5.32
C ILE B 38 3.79 -22.91 -4.42
N LEU B 39 3.77 -23.83 -3.44
CA LEU B 39 2.58 -23.97 -2.56
C LEU B 39 2.40 -22.67 -1.81
N TYR B 40 3.47 -22.12 -1.25
CA TYR B 40 3.44 -20.87 -0.46
C TYR B 40 2.94 -19.71 -1.33
N THR B 41 3.50 -19.55 -2.53
CA THR B 41 3.20 -18.38 -3.39
C THR B 41 1.79 -18.48 -3.89
N SER B 42 1.37 -19.70 -4.24
CA SER B 42 -0.02 -19.97 -4.66
C SER B 42 -0.98 -19.49 -3.58
N LYS B 43 -0.66 -19.77 -2.31
CA LYS B 43 -1.54 -19.41 -1.17
C LYS B 43 -1.61 -17.88 -1.07
N GLN B 44 -0.52 -17.19 -1.28
CA GLN B 44 -0.55 -15.72 -1.21
C GLN B 44 -1.46 -15.20 -2.35
N PHE B 45 -1.35 -15.73 -3.57
CA PHE B 45 -2.19 -15.25 -4.70
C PHE B 45 -3.65 -15.60 -4.42
N GLU B 46 -3.92 -16.77 -3.87
CA GLU B 46 -5.31 -17.12 -3.53
C GLU B 46 -5.91 -16.05 -2.59
N LYS B 47 -5.20 -15.68 -1.53
CA LYS B 47 -5.71 -14.69 -0.54
C LYS B 47 -5.74 -13.28 -1.11
N ILE B 48 -4.74 -12.88 -1.87
CA ILE B 48 -4.77 -11.52 -2.47
C ILE B 48 -6.01 -11.39 -3.37
N LEU B 49 -6.24 -12.36 -4.25
CA LEU B 49 -7.37 -12.30 -5.22
C LEU B 49 -8.71 -12.46 -4.48
N LYS B 50 -8.82 -13.28 -3.44
CA LYS B 50 -10.13 -13.46 -2.76
C LYS B 50 -10.44 -12.18 -1.97
N ASN B 51 -9.41 -11.40 -1.65
CA ASN B 51 -9.55 -10.09 -0.95
C ASN B 51 -9.55 -8.89 -1.92
N ASN B 52 -9.52 -9.07 -3.25
CA ASN B 52 -9.61 -7.95 -4.23
C ASN B 52 -8.42 -7.02 -4.06
N GLU B 53 -7.26 -7.56 -3.72
CA GLU B 53 -6.04 -6.73 -3.61
C GLU B 53 -5.35 -6.76 -4.97
N ASP B 54 -4.42 -5.82 -5.13
CA ASP B 54 -3.46 -5.70 -6.25
C ASP B 54 -2.74 -7.04 -6.45
N SER B 55 -2.82 -7.62 -7.66
CA SER B 55 -2.25 -8.94 -7.98
C SER B 55 -1.04 -8.76 -8.88
N LYS B 56 -0.70 -7.53 -9.23
CA LYS B 56 0.29 -7.20 -10.26
C LYS B 56 1.72 -7.36 -9.74
N TYR B 57 2.14 -8.60 -9.50
CA TYR B 57 3.49 -8.93 -9.01
C TYR B 57 4.44 -9.27 -10.15
N LEU B 58 4.03 -9.20 -11.41
CA LEU B 58 4.92 -9.44 -12.58
C LEU B 58 4.37 -8.70 -13.81
N GLU B 59 4.88 -7.49 -14.04
CA GLU B 59 4.30 -6.47 -14.93
C GLU B 59 5.00 -6.31 -16.28
N ASN B 60 6.26 -6.52 -16.46
CA ASN B 60 6.79 -5.99 -17.76
C ASN B 60 7.04 -7.12 -18.76
N LYS B 61 6.43 -8.25 -18.55
CA LYS B 61 6.71 -9.45 -19.38
C LYS B 61 5.72 -9.59 -20.52
N VAL B 62 6.21 -10.17 -21.61
CA VAL B 62 5.40 -10.54 -22.79
C VAL B 62 5.65 -12.04 -23.03
N PHE B 63 4.57 -12.79 -23.01
CA PHE B 63 4.60 -14.25 -23.24
C PHE B 63 4.00 -14.53 -24.60
N CYS B 64 4.32 -15.70 -25.12
CA CYS B 64 3.56 -16.34 -26.21
C CYS B 64 2.92 -17.61 -25.61
N SER B 65 1.64 -17.78 -25.85
CA SER B 65 0.88 -18.99 -25.51
C SER B 65 0.52 -19.73 -26.82
N VAL B 66 1.00 -20.96 -26.97
CA VAL B 66 0.87 -21.79 -28.21
C VAL B 66 0.11 -23.07 -27.87
N PHE B 67 -1.17 -23.11 -28.23
CA PHE B 67 -2.09 -24.25 -27.98
C PHE B 67 -2.41 -24.86 -29.36
N LEU B 68 -1.84 -26.03 -29.68
CA LEU B 68 -2.02 -26.72 -30.98
C LEU B 68 -3.03 -27.88 -30.86
N GLU B 69 -3.83 -27.87 -29.78
CA GLU B 69 -5.12 -28.59 -29.69
C GLU B 69 -6.03 -27.72 -28.84
N PRO B 70 -7.36 -27.79 -29.06
CA PRO B 70 -8.29 -27.07 -28.20
C PRO B 70 -8.12 -27.63 -26.80
N SER B 71 -8.05 -26.76 -25.81
CA SER B 71 -8.10 -27.19 -24.39
C SER B 71 -8.19 -25.89 -23.64
N THR B 72 -9.42 -25.35 -23.78
CA THR B 72 -10.02 -24.09 -23.30
C THR B 72 -9.67 -23.72 -21.84
N ARG B 73 -9.92 -24.59 -20.87
CA ARG B 73 -9.71 -24.21 -19.43
C ARG B 73 -8.24 -23.96 -19.13
N THR B 74 -7.33 -24.84 -19.57
CA THR B 74 -5.91 -24.72 -19.26
C THR B 74 -5.42 -23.44 -19.96
N ARG B 75 -5.86 -23.19 -21.19
CA ARG B 75 -5.37 -22.04 -21.99
C ARG B 75 -5.84 -20.72 -21.35
N CYS B 76 -7.13 -20.63 -21.00
CA CYS B 76 -7.76 -19.44 -20.36
C CYS B 76 -7.16 -19.17 -18.99
N SER B 77 -6.86 -20.22 -18.25
CA SER B 77 -6.24 -20.18 -16.89
C SER B 77 -4.85 -19.60 -17.00
N PHE B 78 -4.07 -20.03 -17.95
CA PHE B 78 -2.73 -19.43 -18.22
C PHE B 78 -2.87 -17.98 -18.68
N ASP B 79 -3.82 -17.65 -19.54
CA ASP B 79 -4.05 -16.24 -19.97
C ASP B 79 -4.35 -15.37 -18.76
N ALA B 80 -5.36 -15.76 -17.98
CA ALA B 80 -5.85 -15.03 -16.82
C ALA B 80 -4.70 -14.80 -15.88
N ALA B 81 -3.88 -15.82 -15.67
CA ALA B 81 -2.76 -15.75 -14.73
C ALA B 81 -1.79 -14.68 -15.14
N ILE B 82 -1.42 -14.68 -16.42
CA ILE B 82 -0.46 -13.70 -16.98
C ILE B 82 -1.07 -12.32 -16.83
N LEU B 83 -2.34 -12.17 -17.23
CA LEU B 83 -2.94 -10.83 -17.28
C LEU B 83 -3.12 -10.30 -15.83
N LYS B 84 -3.50 -11.13 -14.89
CA LYS B 84 -3.77 -10.74 -13.47
C LYS B 84 -2.44 -10.32 -12.80
N LEU B 85 -1.34 -10.92 -13.22
CA LEU B 85 0.04 -10.60 -12.76
C LEU B 85 0.48 -9.26 -13.32
N GLY B 86 -0.16 -8.83 -14.41
CA GLY B 86 0.01 -7.50 -15.01
C GLY B 86 0.92 -7.54 -16.22
N SER B 87 1.21 -8.74 -16.74
CA SER B 87 2.02 -8.93 -17.97
C SER B 87 1.09 -9.07 -19.18
N LYS B 88 1.67 -9.42 -20.33
CA LYS B 88 0.94 -9.38 -21.64
C LYS B 88 1.24 -10.68 -22.39
N VAL B 89 0.34 -11.06 -23.26
CA VAL B 89 0.43 -12.39 -23.94
C VAL B 89 -0.13 -12.30 -25.35
N LEU B 90 0.63 -12.88 -26.28
CA LEU B 90 0.11 -13.11 -27.64
C LEU B 90 -0.20 -14.61 -27.77
N ASN B 91 -1.29 -14.90 -28.46
CA ASN B 91 -1.94 -16.25 -28.49
C ASN B 91 -1.82 -16.84 -29.88
N ILE B 92 -1.49 -18.13 -29.94
CA ILE B 92 -1.73 -19.05 -31.10
C ILE B 92 -2.70 -20.15 -30.61
N THR B 93 -3.88 -20.23 -31.19
CA THR B 93 -5.00 -21.10 -30.74
C THR B 93 -5.61 -21.81 -31.95
N ASP B 94 -6.48 -22.80 -31.70
CA ASP B 94 -7.52 -23.30 -32.62
C ASP B 94 -6.78 -23.82 -33.87
N MET B 95 -5.51 -24.14 -33.71
CA MET B 95 -4.58 -24.53 -34.79
C MET B 95 -4.04 -25.90 -34.42
N ASN B 96 -3.59 -26.73 -35.37
CA ASN B 96 -2.93 -28.04 -35.07
C ASN B 96 -1.46 -27.96 -35.49
N SER B 97 -0.69 -28.95 -35.07
CA SER B 97 0.75 -29.16 -35.37
C SER B 97 1.01 -28.83 -36.85
N THR B 98 0.32 -29.53 -37.77
CA THR B 98 0.66 -29.59 -39.21
C THR B 98 0.47 -28.20 -39.85
N SER B 99 -0.59 -27.48 -39.49
CA SER B 99 -0.89 -26.13 -40.06
C SER B 99 0.01 -25.05 -39.45
N PHE B 100 0.45 -25.19 -38.20
CA PHE B 100 1.38 -24.21 -37.57
C PHE B 100 2.81 -24.44 -38.07
N TYR B 101 3.21 -25.69 -38.36
CA TYR B 101 4.59 -26.06 -38.80
C TYR B 101 4.62 -26.21 -40.34
N LYS B 102 3.60 -25.68 -41.02
CA LYS B 102 3.53 -25.47 -42.49
C LYS B 102 4.94 -25.46 -43.09
N GLY B 103 5.51 -26.64 -43.34
CA GLY B 103 6.84 -26.71 -43.97
C GLY B 103 7.77 -25.74 -43.26
N GLU B 104 7.86 -25.87 -41.94
CA GLU B 104 8.99 -25.33 -41.15
C GLU B 104 9.23 -26.29 -39.99
N THR B 105 10.50 -26.52 -39.66
CA THR B 105 10.92 -27.38 -38.54
C THR B 105 10.50 -26.73 -37.22
N VAL B 106 10.21 -27.57 -36.24
CA VAL B 106 9.88 -27.13 -34.86
C VAL B 106 11.05 -26.30 -34.34
N GLU B 107 12.30 -26.68 -34.66
CA GLU B 107 13.51 -26.02 -34.12
C GLU B 107 13.62 -24.59 -34.67
N ASP B 108 13.33 -24.40 -35.98
CA ASP B 108 13.39 -23.06 -36.63
C ASP B 108 12.34 -22.23 -35.95
N ALA B 109 11.10 -22.75 -35.85
CA ALA B 109 9.96 -22.00 -35.32
C ALA B 109 10.25 -21.49 -33.90
N PHE B 110 10.80 -22.34 -33.04
CA PHE B 110 11.00 -21.99 -31.60
C PHE B 110 12.24 -21.10 -31.45
N LYS B 111 13.23 -21.24 -32.30
CA LYS B 111 14.47 -20.41 -32.20
C LYS B 111 14.06 -18.96 -32.48
N ILE B 112 13.14 -18.77 -33.43
CA ILE B 112 12.68 -17.42 -33.87
C ILE B 112 11.71 -16.90 -32.83
N LEU B 113 10.71 -17.68 -32.47
CA LEU B 113 9.63 -17.18 -31.60
C LEU B 113 10.24 -16.69 -30.28
N SER B 114 11.27 -17.36 -29.79
CA SER B 114 11.84 -17.08 -28.47
C SER B 114 12.65 -15.79 -28.51
N THR B 115 12.93 -15.25 -29.69
CA THR B 115 13.57 -13.91 -29.80
C THR B 115 12.49 -12.85 -29.48
N TYR B 116 11.21 -13.14 -29.62
CA TYR B 116 10.13 -12.12 -29.55
C TYR B 116 9.67 -11.85 -28.15
N VAL B 117 9.86 -12.78 -27.22
CA VAL B 117 9.07 -12.90 -25.97
C VAL B 117 9.99 -13.34 -24.83
N ASP B 118 9.50 -13.23 -23.60
CA ASP B 118 10.21 -13.58 -22.33
C ASP B 118 9.97 -15.02 -21.97
N GLY B 119 8.97 -15.69 -22.55
CA GLY B 119 8.64 -17.07 -22.21
C GLY B 119 7.47 -17.61 -23.02
N ILE B 120 7.34 -18.93 -23.10
CA ILE B 120 6.33 -19.58 -23.95
C ILE B 120 5.58 -20.57 -23.08
N ILE B 121 4.27 -20.60 -23.22
CA ILE B 121 3.37 -21.65 -22.72
C ILE B 121 2.97 -22.51 -23.93
N TYR B 122 3.22 -23.80 -23.90
CA TYR B 122 3.05 -24.69 -25.07
C TYR B 122 2.27 -25.95 -24.69
N ARG B 123 1.17 -26.15 -25.42
CA ARG B 123 0.32 -27.38 -25.40
C ARG B 123 0.38 -27.97 -26.81
N ASP B 124 0.89 -29.18 -26.91
CA ASP B 124 0.95 -29.91 -28.21
C ASP B 124 0.70 -31.39 -27.91
N PRO B 125 -0.24 -32.05 -28.61
CA PRO B 125 -0.53 -33.47 -28.37
C PRO B 125 0.64 -34.39 -28.74
N SER B 126 1.60 -33.93 -29.53
CA SER B 126 2.89 -34.65 -29.76
C SER B 126 3.85 -34.53 -28.55
N LYS B 127 4.54 -35.59 -28.11
CA LYS B 127 5.53 -35.36 -27.00
C LYS B 127 6.86 -34.85 -27.55
N LYS B 128 7.25 -35.36 -28.71
CA LYS B 128 8.51 -34.94 -29.35
C LYS B 128 8.53 -33.42 -29.46
N ASN B 129 7.48 -32.79 -29.95
CA ASN B 129 7.44 -31.34 -30.26
C ASN B 129 7.88 -30.51 -29.02
N VAL B 130 7.37 -30.80 -27.83
CA VAL B 130 7.66 -30.00 -26.60
C VAL B 130 9.15 -30.11 -26.29
N ASP B 131 9.69 -31.30 -26.30
CA ASP B 131 11.16 -31.53 -26.08
C ASP B 131 12.02 -30.86 -27.15
N ILE B 132 11.60 -30.87 -28.42
CA ILE B 132 12.34 -30.12 -29.48
C ILE B 132 12.27 -28.63 -29.20
N ALA B 133 11.08 -28.12 -28.85
CA ALA B 133 10.87 -26.69 -28.52
C ALA B 133 11.86 -26.29 -27.42
N VAL B 134 12.01 -27.11 -26.40
CA VAL B 134 12.86 -26.79 -25.23
C VAL B 134 14.32 -26.68 -25.67
N SER B 135 14.77 -27.63 -26.49
CA SER B 135 16.13 -27.64 -27.04
C SER B 135 16.41 -26.41 -27.92
N SER B 136 15.41 -25.90 -28.63
CA SER B 136 15.62 -24.84 -29.64
C SER B 136 15.43 -23.45 -29.04
N SER B 137 14.71 -23.34 -27.93
CA SER B 137 14.20 -22.06 -27.37
C SER B 137 15.33 -21.35 -26.62
N SER B 138 15.53 -20.04 -26.83
CA SER B 138 16.40 -19.24 -25.94
C SER B 138 15.61 -18.82 -24.69
N LYS B 139 14.31 -19.10 -24.61
CA LYS B 139 13.51 -18.67 -23.45
C LYS B 139 12.86 -19.86 -22.76
N PRO B 140 12.47 -19.70 -21.49
CA PRO B 140 11.79 -20.80 -20.78
C PRO B 140 10.44 -21.17 -21.39
N ILE B 141 10.11 -22.44 -21.31
CA ILE B 141 8.83 -23.07 -21.70
C ILE B 141 8.15 -23.66 -20.48
N ILE B 142 6.84 -23.38 -20.36
CA ILE B 142 5.95 -24.20 -19.48
C ILE B 142 5.08 -25.09 -20.39
N ASN B 143 5.22 -26.39 -20.23
CA ASN B 143 4.39 -27.42 -20.88
C ASN B 143 3.04 -27.33 -20.19
N ALA B 144 2.02 -27.01 -20.97
CA ALA B 144 0.61 -26.97 -20.60
C ALA B 144 -0.06 -28.25 -20.96
N GLY B 145 0.67 -29.33 -21.25
CA GLY B 145 0.06 -30.64 -21.63
C GLY B 145 0.56 -31.19 -22.94
N ASN B 146 1.04 -32.43 -22.96
CA ASN B 146 1.42 -33.09 -24.23
C ASN B 146 0.94 -34.55 -24.22
N GLY B 147 1.20 -35.25 -25.33
CA GLY B 147 0.76 -36.64 -25.62
C GLY B 147 1.32 -37.70 -24.67
N THR B 148 2.50 -37.50 -24.04
CA THR B 148 3.06 -38.43 -23.04
C THR B 148 2.34 -38.33 -21.69
N GLY B 149 1.42 -37.38 -21.52
CA GLY B 149 0.75 -37.23 -20.22
C GLY B 149 1.61 -36.42 -19.25
N GLU B 150 2.61 -35.70 -19.74
CA GLU B 150 3.27 -34.65 -18.91
C GLU B 150 2.32 -33.46 -18.90
N HIS B 151 1.94 -32.99 -17.71
CA HIS B 151 1.07 -31.80 -17.53
C HIS B 151 1.34 -31.23 -16.15
N PRO B 152 2.54 -30.68 -15.92
CA PRO B 152 3.02 -30.37 -14.59
C PRO B 152 2.09 -29.44 -13.79
N THR B 153 1.45 -28.47 -14.41
CA THR B 153 0.57 -27.52 -13.67
C THR B 153 -0.74 -28.20 -13.28
N GLN B 154 -1.20 -29.21 -14.00
CA GLN B 154 -2.33 -30.02 -13.48
C GLN B 154 -1.93 -30.77 -12.22
N SER B 155 -0.79 -31.41 -12.21
CA SER B 155 -0.27 -32.15 -11.01
C SER B 155 -0.10 -31.16 -9.86
N LEU B 156 0.53 -30.01 -10.15
CA LEU B 156 0.77 -28.98 -9.11
C LEU B 156 -0.54 -28.48 -8.50
N LEU B 157 -1.54 -28.22 -9.32
CA LEU B 157 -2.79 -27.64 -8.80
C LEU B 157 -3.56 -28.75 -8.06
N ASP B 158 -3.43 -30.00 -8.52
CA ASP B 158 -4.01 -31.17 -7.85
C ASP B 158 -3.42 -31.25 -6.44
N PHE B 159 -2.11 -31.20 -6.36
CA PHE B 159 -1.39 -31.33 -5.08
C PHE B 159 -1.74 -30.16 -4.17
N TYR B 160 -1.72 -28.92 -4.67
CA TYR B 160 -2.11 -27.72 -3.90
C TYR B 160 -3.48 -27.94 -3.27
N THR B 161 -4.41 -28.48 -4.04
CA THR B 161 -5.80 -28.69 -3.58
C THR B 161 -5.80 -29.65 -2.36
N ILE B 162 -5.16 -30.79 -2.52
CA ILE B 162 -5.02 -31.83 -1.45
C ILE B 162 -4.36 -31.21 -0.20
N HIS B 163 -3.22 -30.56 -0.40
CA HIS B 163 -2.40 -29.99 0.71
C HIS B 163 -3.25 -28.98 1.47
N ASN B 164 -4.22 -28.31 0.82
CA ASN B 164 -5.09 -27.35 1.54
C ASN B 164 -5.99 -28.05 2.58
N TYR B 165 -6.45 -29.30 2.37
CA TYR B 165 -7.32 -30.01 3.35
C TYR B 165 -6.48 -30.92 4.23
N PHE B 166 -5.33 -31.38 3.72
CA PHE B 166 -4.45 -32.36 4.39
C PHE B 166 -3.03 -31.84 4.37
N PRO B 167 -2.70 -30.76 5.11
CA PRO B 167 -1.35 -30.18 5.01
C PRO B 167 -0.23 -31.10 5.52
N PHE B 168 -0.57 -32.10 6.31
CA PHE B 168 0.41 -33.06 6.87
C PHE B 168 1.07 -33.89 5.76
N ILE B 169 0.55 -33.93 4.51
CA ILE B 169 1.25 -34.69 3.43
C ILE B 169 2.66 -34.14 3.27
N LEU B 170 2.95 -32.92 3.68
CA LEU B 170 4.31 -32.35 3.44
C LEU B 170 5.28 -32.85 4.47
N ASP B 171 4.85 -33.47 5.58
CA ASP B 171 5.74 -33.66 6.76
C ASP B 171 6.55 -34.92 6.63
N ARG B 172 6.14 -35.90 5.81
CA ARG B 172 6.93 -37.15 5.73
C ARG B 172 7.05 -37.72 7.16
N ASN B 173 5.92 -37.74 7.86
CA ASN B 173 5.75 -38.22 9.26
C ASN B 173 5.17 -39.66 9.26
N ILE B 174 5.92 -40.65 9.70
CA ILE B 174 5.52 -42.10 9.61
C ILE B 174 4.15 -42.36 10.36
N ASN B 175 3.77 -41.48 11.30
CA ASN B 175 2.41 -41.48 11.95
C ASN B 175 1.29 -40.77 11.19
N LYS B 176 1.55 -40.06 10.07
CA LYS B 176 0.56 -39.16 9.42
C LYS B 176 0.52 -39.52 7.92
N LYS B 177 -0.30 -40.51 7.58
CA LYS B 177 -0.37 -41.12 6.26
C LYS B 177 -1.61 -40.53 5.55
N LEU B 178 -1.50 -40.14 4.28
CA LEU B 178 -2.65 -39.83 3.42
C LEU B 178 -3.04 -41.04 2.57
N ASN B 179 -4.33 -41.35 2.52
CA ASN B 179 -4.94 -42.46 1.77
C ASN B 179 -5.74 -41.84 0.63
N ILE B 180 -5.43 -42.23 -0.60
CA ILE B 180 -6.16 -41.64 -1.77
C ILE B 180 -6.70 -42.77 -2.63
N ALA B 181 -7.91 -42.62 -3.16
CA ALA B 181 -8.49 -43.54 -4.18
C ALA B 181 -8.52 -42.81 -5.50
N PHE B 182 -7.85 -43.40 -6.50
CA PHE B 182 -7.94 -43.06 -7.92
C PHE B 182 -8.94 -44.02 -8.57
N VAL B 183 -9.94 -43.45 -9.24
CA VAL B 183 -11.19 -44.12 -9.69
C VAL B 183 -11.39 -43.83 -11.18
N GLY B 184 -11.57 -44.88 -11.98
CA GLY B 184 -12.12 -44.77 -13.34
C GLY B 184 -11.19 -45.40 -14.35
N ASP B 185 -10.77 -44.63 -15.36
CA ASP B 185 -9.84 -45.10 -16.42
C ASP B 185 -8.42 -44.72 -16.00
N LEU B 186 -7.78 -45.65 -15.28
CA LEU B 186 -6.42 -45.46 -14.71
C LEU B 186 -5.37 -45.75 -15.79
N LYS B 187 -5.77 -46.41 -16.89
CA LYS B 187 -4.86 -46.64 -18.02
C LYS B 187 -4.66 -45.32 -18.81
N ASN B 188 -5.73 -44.64 -19.18
CA ASN B 188 -5.69 -43.45 -20.08
C ASN B 188 -5.73 -42.13 -19.29
N GLY B 189 -6.05 -42.17 -17.99
CA GLY B 189 -5.99 -41.00 -17.11
C GLY B 189 -4.55 -40.64 -16.71
N ARG B 190 -3.90 -39.83 -17.53
CA ARG B 190 -2.47 -39.52 -17.38
C ARG B 190 -2.28 -38.57 -16.20
N THR B 191 -3.33 -37.87 -15.82
CA THR B 191 -3.32 -36.97 -14.63
C THR B 191 -3.13 -37.77 -13.36
N VAL B 192 -3.59 -39.03 -13.39
CA VAL B 192 -3.39 -39.98 -12.26
C VAL B 192 -1.91 -40.36 -12.23
N HIS B 193 -1.34 -40.60 -13.41
CA HIS B 193 0.08 -41.04 -13.58
C HIS B 193 0.98 -39.97 -12.95
N SER B 194 0.75 -38.72 -13.34
CA SER B 194 1.59 -37.57 -12.94
C SER B 194 1.44 -37.24 -11.41
N LEU B 195 0.21 -37.23 -10.93
CA LEU B 195 -0.10 -36.92 -9.53
C LEU B 195 0.41 -38.05 -8.63
N SER B 196 0.22 -39.31 -9.05
CA SER B 196 0.78 -40.48 -8.37
C SER B 196 2.27 -40.36 -8.11
N LYS B 197 3.03 -40.02 -9.13
CA LYS B 197 4.50 -39.87 -9.02
C LYS B 197 4.82 -38.81 -7.97
N LEU B 198 4.06 -37.69 -8.00
CA LEU B 198 4.38 -36.57 -7.06
C LEU B 198 3.93 -36.96 -5.64
N LEU B 199 2.79 -37.61 -5.46
CA LEU B 199 2.29 -38.00 -4.11
C LEU B 199 3.21 -39.04 -3.46
N SER B 200 3.91 -39.85 -4.26
CA SER B 200 4.70 -41.03 -3.82
C SER B 200 6.06 -40.61 -3.23
N ARG B 201 6.32 -39.31 -3.29
CA ARG B 201 7.47 -38.65 -2.61
C ARG B 201 7.16 -38.49 -1.11
N TYR B 202 5.91 -38.74 -0.70
CA TYR B 202 5.38 -38.46 0.64
C TYR B 202 4.81 -39.77 1.24
N ASN B 203 4.26 -39.63 2.43
CA ASN B 203 3.67 -40.75 3.18
C ASN B 203 2.27 -40.94 2.63
N VAL B 204 2.13 -41.75 1.58
CA VAL B 204 0.80 -41.90 0.93
C VAL B 204 0.53 -43.36 0.63
N SER B 205 -0.71 -43.81 0.77
CA SER B 205 -1.16 -45.14 0.30
C SER B 205 -2.30 -44.96 -0.70
N PHE B 206 -2.35 -45.87 -1.66
CA PHE B 206 -3.13 -45.71 -2.92
C PHE B 206 -4.07 -46.88 -3.08
N ASN B 207 -5.34 -46.54 -3.31
CA ASN B 207 -6.43 -47.43 -3.79
C ASN B 207 -6.70 -47.13 -5.27
N PHE B 208 -6.35 -48.07 -6.15
CA PHE B 208 -6.59 -47.97 -7.61
C PHE B 208 -7.84 -48.76 -7.95
N VAL B 209 -8.89 -48.03 -8.30
CA VAL B 209 -10.29 -48.51 -8.46
C VAL B 209 -10.65 -48.41 -9.94
N SER B 210 -10.74 -49.56 -10.60
CA SER B 210 -10.90 -49.71 -12.08
C SER B 210 -11.38 -51.13 -12.34
N CYS B 211 -11.96 -51.38 -13.53
CA CYS B 211 -12.42 -52.74 -13.93
C CYS B 211 -11.43 -53.26 -14.97
N LYS B 212 -10.69 -54.29 -14.55
CA LYS B 212 -9.78 -55.17 -15.33
C LYS B 212 -9.03 -54.43 -16.46
N SER B 213 -9.76 -54.08 -17.52
CA SER B 213 -9.18 -53.61 -18.80
C SER B 213 -8.49 -52.24 -18.67
N LEU B 214 -8.79 -51.46 -17.61
CA LEU B 214 -8.38 -50.01 -17.56
C LEU B 214 -7.53 -49.69 -16.31
N ASN B 215 -6.67 -50.61 -15.93
CA ASN B 215 -5.99 -50.62 -14.62
C ASN B 215 -4.78 -49.71 -14.75
N ILE B 216 -4.21 -49.35 -13.61
CA ILE B 216 -3.00 -48.45 -13.57
C ILE B 216 -1.88 -49.21 -14.26
N PRO B 217 -1.03 -48.62 -15.11
CA PRO B 217 0.06 -49.37 -15.72
C PRO B 217 1.19 -49.74 -14.73
N LYS B 218 1.86 -50.84 -15.02
CA LYS B 218 2.90 -51.41 -14.15
C LYS B 218 3.96 -50.31 -13.95
N ASP B 219 4.39 -49.63 -15.02
CA ASP B 219 5.53 -48.68 -14.87
C ASP B 219 5.23 -47.59 -13.83
N ILE B 220 3.96 -47.22 -13.62
CA ILE B 220 3.57 -46.21 -12.60
C ILE B 220 3.62 -46.89 -11.20
N VAL B 221 3.06 -48.09 -11.08
CA VAL B 221 3.15 -48.87 -9.83
C VAL B 221 4.61 -49.00 -9.40
N ASN B 222 5.52 -49.24 -10.38
CA ASN B 222 6.96 -49.45 -10.05
C ASN B 222 7.57 -48.15 -9.55
N THR B 223 7.17 -47.05 -10.17
CA THR B 223 7.71 -45.71 -9.82
C THR B 223 7.20 -45.27 -8.46
N ILE B 224 5.93 -45.52 -8.17
CA ILE B 224 5.32 -45.26 -6.83
C ILE B 224 6.08 -46.07 -5.76
N THR B 225 6.31 -47.36 -6.01
CA THR B 225 6.93 -48.32 -5.05
C THR B 225 8.41 -47.99 -4.72
N TYR B 226 9.19 -47.62 -5.76
CA TYR B 226 10.57 -47.09 -5.62
C TYR B 226 10.55 -45.76 -4.82
N ASN B 227 9.61 -44.85 -5.04
CA ASN B 227 9.58 -43.53 -4.34
C ASN B 227 9.28 -43.88 -2.81
N LEU B 228 8.32 -44.74 -2.57
CA LEU B 228 7.80 -44.97 -1.18
C LEU B 228 8.92 -45.70 -0.41
N LYS B 229 9.46 -46.74 -1.04
CA LYS B 229 10.68 -47.42 -0.53
C LYS B 229 11.80 -46.40 -0.19
N LYS B 230 12.04 -45.43 -1.03
CA LYS B 230 13.22 -44.53 -0.90
C LYS B 230 13.05 -43.69 0.37
N ASN B 231 11.83 -43.37 0.79
CA ASN B 231 11.54 -42.59 2.04
C ASN B 231 11.07 -43.50 3.18
N ASN B 232 11.26 -44.82 3.03
CA ASN B 232 10.92 -45.83 4.05
C ASN B 232 9.44 -45.70 4.43
N PHE B 233 8.53 -45.48 3.41
CA PHE B 233 7.06 -45.57 3.60
C PHE B 233 6.37 -46.68 2.82
N TYR B 234 7.14 -47.58 2.25
CA TYR B 234 6.55 -48.76 1.53
C TYR B 234 6.18 -49.91 2.50
N SER B 235 4.97 -50.45 2.35
CA SER B 235 4.48 -51.71 2.98
C SER B 235 3.51 -52.41 2.01
N ASP B 236 3.12 -53.63 2.37
CA ASP B 236 2.20 -54.47 1.54
C ASP B 236 0.84 -53.78 1.43
N ASP B 237 0.59 -52.82 2.32
CA ASP B 237 -0.61 -51.93 2.43
C ASP B 237 -0.49 -50.71 1.51
N SER B 238 0.68 -50.43 0.96
CA SER B 238 0.95 -49.13 0.27
C SER B 238 0.08 -49.02 -0.97
N ILE B 239 -0.07 -50.12 -1.74
CA ILE B 239 -0.88 -50.14 -2.98
C ILE B 239 -1.95 -51.23 -2.90
N LYS B 240 -3.24 -50.84 -2.96
CA LYS B 240 -4.36 -51.81 -3.07
C LYS B 240 -5.08 -51.59 -4.41
N TYR B 241 -5.72 -52.63 -4.91
CA TYR B 241 -6.51 -52.70 -6.17
C TYR B 241 -7.93 -53.15 -5.86
N PHE B 242 -8.94 -52.38 -6.28
CA PHE B 242 -10.36 -52.76 -6.17
C PHE B 242 -11.08 -52.60 -7.51
N ASP B 243 -12.21 -53.31 -7.64
CA ASP B 243 -13.04 -53.24 -8.86
C ASP B 243 -14.41 -52.63 -8.53
N ASN B 244 -14.60 -52.07 -7.33
CA ASN B 244 -15.90 -51.48 -6.89
C ASN B 244 -15.70 -50.38 -5.84
N LEU B 245 -16.66 -49.43 -5.80
CA LEU B 245 -16.63 -48.18 -4.99
C LEU B 245 -16.69 -48.55 -3.50
N GLU B 246 -17.64 -49.42 -3.17
CA GLU B 246 -18.03 -49.75 -1.78
C GLU B 246 -16.76 -50.05 -0.97
N GLU B 247 -15.82 -50.84 -1.52
CA GLU B 247 -14.52 -51.17 -0.88
C GLU B 247 -13.50 -50.06 -1.17
N GLY B 248 -13.40 -49.60 -2.41
CA GLY B 248 -12.33 -48.70 -2.87
C GLY B 248 -12.31 -47.38 -2.11
N LEU B 249 -13.49 -46.92 -1.69
CA LEU B 249 -13.71 -45.53 -1.18
C LEU B 249 -13.62 -45.52 0.34
N GLU B 250 -13.40 -46.68 0.96
CA GLU B 250 -13.35 -46.83 2.44
C GLU B 250 -12.04 -46.20 2.94
N ASP B 251 -12.09 -45.39 3.99
CA ASP B 251 -10.89 -44.84 4.70
C ASP B 251 -9.91 -44.13 3.73
N VAL B 252 -10.41 -43.36 2.78
CA VAL B 252 -9.54 -42.50 1.94
C VAL B 252 -9.88 -41.04 2.21
N HIS B 253 -8.86 -40.23 2.42
CA HIS B 253 -8.94 -38.75 2.62
C HIS B 253 -9.33 -38.07 1.32
N ILE B 254 -8.91 -38.64 0.20
CA ILE B 254 -9.15 -38.05 -1.15
C ILE B 254 -9.75 -39.11 -2.06
N ILE B 255 -10.79 -38.76 -2.81
CA ILE B 255 -11.26 -39.53 -3.99
C ILE B 255 -10.96 -38.71 -5.25
N TYR B 256 -10.17 -39.25 -6.17
CA TYR B 256 -9.82 -38.56 -7.43
C TYR B 256 -10.41 -39.36 -8.60
N MET B 257 -11.45 -38.79 -9.20
CA MET B 257 -12.23 -39.39 -10.30
C MET B 257 -11.58 -38.93 -11.59
N THR B 258 -11.56 -39.84 -12.57
CA THR B 258 -10.97 -39.60 -13.92
C THR B 258 -12.12 -39.55 -14.93
N ARG B 259 -11.79 -39.04 -16.10
CA ARG B 259 -12.59 -39.03 -17.33
C ARG B 259 -12.68 -40.46 -17.85
N ILE B 260 -13.88 -40.89 -18.26
CA ILE B 260 -14.17 -42.23 -18.85
C ILE B 260 -14.88 -41.92 -20.17
N GLN B 261 -14.08 -41.50 -21.15
CA GLN B 261 -14.52 -41.00 -22.49
C GLN B 261 -15.03 -42.22 -23.25
N LYS B 262 -16.31 -42.29 -23.66
CA LYS B 262 -16.93 -43.49 -24.34
C LYS B 262 -16.08 -44.06 -25.49
N GLU B 263 -15.37 -43.16 -26.20
CA GLU B 263 -14.39 -43.45 -27.29
C GLU B 263 -13.16 -44.26 -26.77
N ARG B 264 -13.17 -44.72 -25.51
CA ARG B 264 -12.17 -45.66 -24.93
C ARG B 264 -12.76 -47.06 -24.77
N PHE B 265 -13.97 -47.30 -25.26
CA PHE B 265 -14.65 -48.61 -25.20
C PHE B 265 -14.92 -49.10 -26.61
N THR B 266 -15.42 -50.34 -26.72
CA THR B 266 -15.82 -50.99 -28.00
C THR B 266 -17.06 -50.23 -28.48
N ASP B 267 -18.13 -50.28 -27.68
CA ASP B 267 -19.48 -49.71 -27.97
C ASP B 267 -20.00 -48.92 -26.75
N VAL B 268 -21.31 -48.62 -26.74
CA VAL B 268 -22.05 -47.89 -25.67
C VAL B 268 -22.32 -48.86 -24.51
N ASP B 269 -22.75 -50.08 -24.80
CA ASP B 269 -23.13 -51.01 -23.72
C ASP B 269 -21.90 -51.16 -22.80
N GLU B 270 -20.69 -51.31 -23.34
CA GLU B 270 -19.45 -51.45 -22.53
C GLU B 270 -19.28 -50.12 -21.78
N TYR B 271 -19.28 -48.98 -22.47
CA TYR B 271 -19.20 -47.63 -21.84
C TYR B 271 -20.17 -47.53 -20.67
N ASN B 272 -21.48 -47.65 -20.94
CA ASN B 272 -22.59 -47.49 -19.97
C ASN B 272 -22.56 -48.57 -18.88
N GLN B 273 -21.86 -49.71 -19.08
CA GLN B 273 -21.68 -50.70 -17.99
C GLN B 273 -20.57 -50.16 -17.06
N TYR B 274 -19.50 -49.59 -17.62
CA TYR B 274 -18.34 -49.08 -16.85
C TYR B 274 -18.72 -47.76 -16.16
N LYS B 275 -19.08 -46.73 -16.93
CA LYS B 275 -20.10 -45.73 -16.46
C LYS B 275 -21.06 -46.57 -15.61
N ASN B 276 -21.71 -45.99 -14.63
CA ASN B 276 -22.78 -46.67 -13.83
C ASN B 276 -22.15 -47.50 -12.72
N ALA B 277 -21.10 -48.28 -13.03
CA ALA B 277 -20.33 -49.04 -12.03
C ALA B 277 -19.52 -48.06 -11.19
N PHE B 278 -18.91 -47.05 -11.83
CA PHE B 278 -18.06 -46.04 -11.16
C PHE B 278 -18.67 -44.67 -10.99
N ILE B 279 -19.98 -44.47 -11.16
CA ILE B 279 -20.58 -43.12 -11.01
C ILE B 279 -20.67 -42.72 -9.54
N LEU B 280 -20.39 -41.45 -9.23
CA LEU B 280 -20.35 -40.97 -7.84
C LEU B 280 -21.70 -40.31 -7.49
N SER B 281 -22.38 -40.80 -6.45
CA SER B 281 -23.67 -40.31 -5.91
C SER B 281 -23.50 -40.00 -4.41
N ASN B 282 -24.45 -39.26 -3.83
CA ASN B 282 -24.48 -39.02 -2.36
C ASN B 282 -24.55 -40.39 -1.67
N LYS B 283 -25.27 -41.36 -2.28
CA LYS B 283 -25.44 -42.72 -1.72
C LYS B 283 -24.07 -43.40 -1.63
N THR B 284 -23.31 -43.48 -2.74
CA THR B 284 -21.98 -44.15 -2.76
C THR B 284 -20.95 -43.38 -1.92
N LEU B 285 -21.33 -42.32 -1.21
CA LEU B 285 -20.38 -41.48 -0.43
C LEU B 285 -20.67 -41.55 1.07
N GLU B 286 -21.74 -42.23 1.48
CA GLU B 286 -22.24 -42.30 2.89
C GLU B 286 -21.21 -42.93 3.83
N ASN B 287 -20.44 -43.91 3.35
CA ASN B 287 -19.45 -44.67 4.18
C ASN B 287 -18.01 -44.27 3.87
N THR B 288 -17.79 -43.05 3.39
CA THR B 288 -16.44 -42.42 3.33
C THR B 288 -16.20 -41.69 4.64
N ARG B 289 -14.96 -41.33 4.90
CA ARG B 289 -14.62 -40.52 6.08
C ARG B 289 -15.42 -39.23 6.02
N ASP B 290 -15.56 -38.57 7.15
CA ASP B 290 -16.27 -37.27 7.26
C ASP B 290 -15.47 -36.21 6.47
N ASP B 291 -14.17 -36.42 6.37
CA ASP B 291 -13.17 -35.40 5.93
C ASP B 291 -12.79 -35.61 4.47
N THR B 292 -13.31 -36.66 3.84
CA THR B 292 -13.02 -37.06 2.44
C THR B 292 -13.31 -35.87 1.50
N LYS B 293 -12.42 -35.55 0.57
CA LYS B 293 -12.60 -34.51 -0.46
C LYS B 293 -12.52 -35.19 -1.82
N ILE B 294 -13.30 -34.66 -2.78
CA ILE B 294 -13.52 -35.25 -4.11
C ILE B 294 -12.90 -34.33 -5.16
N LEU B 295 -11.88 -34.80 -5.84
CA LEU B 295 -11.27 -34.11 -6.98
C LEU B 295 -11.69 -34.82 -8.27
N HIS B 296 -11.53 -34.08 -9.35
CA HIS B 296 -11.73 -34.53 -10.74
C HIS B 296 -11.05 -33.50 -11.61
N PRO B 297 -10.16 -33.86 -12.55
CA PRO B 297 -9.39 -32.88 -13.32
C PRO B 297 -10.25 -32.08 -14.29
N LEU B 298 -11.46 -32.60 -14.53
CA LEU B 298 -12.49 -32.07 -15.45
C LEU B 298 -11.97 -32.21 -16.89
N PRO B 299 -12.84 -32.06 -17.92
CA PRO B 299 -14.28 -31.90 -17.75
C PRO B 299 -15.01 -33.16 -17.25
N ARG B 300 -16.13 -32.86 -16.61
CA ARG B 300 -17.09 -33.77 -15.98
C ARG B 300 -18.13 -34.12 -17.05
N VAL B 301 -18.55 -35.37 -17.10
CA VAL B 301 -19.66 -35.86 -17.96
C VAL B 301 -20.71 -36.42 -17.02
N ASN B 302 -20.63 -37.70 -16.71
CA ASN B 302 -21.61 -38.41 -15.84
C ASN B 302 -20.86 -39.03 -14.65
N GLU B 303 -19.51 -39.04 -14.65
CA GLU B 303 -18.66 -39.67 -13.61
C GLU B 303 -19.15 -39.29 -12.21
N ILE B 304 -19.67 -38.08 -12.08
CA ILE B 304 -20.21 -37.47 -10.84
C ILE B 304 -21.56 -36.85 -11.12
N LYS B 305 -22.58 -37.27 -10.37
CA LYS B 305 -23.98 -36.74 -10.51
C LYS B 305 -24.05 -35.33 -9.93
N VAL B 306 -24.84 -34.47 -10.56
CA VAL B 306 -24.97 -33.04 -10.19
C VAL B 306 -25.34 -32.92 -8.71
N GLU B 307 -26.01 -33.91 -8.09
CA GLU B 307 -26.46 -33.80 -6.67
C GLU B 307 -25.23 -33.69 -5.75
N VAL B 308 -24.10 -34.23 -6.18
CA VAL B 308 -22.83 -34.25 -5.39
C VAL B 308 -22.22 -32.85 -5.28
N ASP B 309 -22.58 -31.92 -6.18
CA ASP B 309 -22.06 -30.51 -6.21
C ASP B 309 -22.45 -29.78 -4.90
N SER B 310 -23.56 -30.17 -4.26
CA SER B 310 -24.07 -29.57 -2.99
C SER B 310 -23.44 -30.27 -1.80
N ASN B 311 -22.82 -31.43 -2.01
CA ASN B 311 -22.15 -32.19 -0.94
C ASN B 311 -20.85 -31.46 -0.59
N PRO B 312 -20.61 -31.13 0.71
CA PRO B 312 -19.39 -30.42 1.11
C PRO B 312 -18.11 -31.22 0.85
N LYS B 313 -18.22 -32.51 0.50
CA LYS B 313 -17.02 -33.30 0.15
C LYS B 313 -16.54 -32.94 -1.27
N SER B 314 -17.36 -32.29 -2.09
CA SER B 314 -17.02 -31.93 -3.48
C SER B 314 -16.10 -30.72 -3.48
N VAL B 315 -14.90 -30.81 -4.06
CA VAL B 315 -14.00 -29.63 -4.25
C VAL B 315 -13.50 -29.50 -5.69
N TYR B 316 -14.09 -30.21 -6.65
CA TYR B 316 -13.49 -30.26 -8.03
C TYR B 316 -13.57 -28.90 -8.75
N PHE B 317 -14.50 -28.03 -8.38
CA PHE B 317 -14.61 -26.64 -8.88
C PHE B 317 -13.61 -25.75 -8.16
N THR B 318 -13.42 -25.88 -6.84
CA THR B 318 -12.28 -25.21 -6.16
C THR B 318 -10.97 -25.64 -6.84
N GLN B 319 -10.81 -26.94 -7.10
CA GLN B 319 -9.58 -27.50 -7.72
C GLN B 319 -9.23 -26.74 -9.01
N ALA B 320 -10.21 -26.57 -9.89
CA ALA B 320 -10.06 -25.92 -11.19
C ALA B 320 -9.73 -24.44 -10.97
N GLU B 321 -10.39 -23.82 -10.03
CA GLU B 321 -10.09 -22.44 -9.63
C GLU B 321 -8.65 -22.32 -9.17
N ASN B 322 -8.14 -23.32 -8.45
CA ASN B 322 -6.76 -23.31 -7.86
C ASN B 322 -5.69 -23.23 -8.94
N GLY B 323 -5.99 -23.73 -10.13
CA GLY B 323 -5.06 -23.60 -11.26
C GLY B 323 -4.69 -22.17 -11.55
N LEU B 324 -5.56 -21.21 -11.38
CA LEU B 324 -5.23 -19.76 -11.55
C LEU B 324 -4.07 -19.42 -10.59
N TYR B 325 -4.18 -19.77 -9.31
CA TYR B 325 -3.22 -19.30 -8.27
C TYR B 325 -1.87 -19.97 -8.48
N VAL B 326 -1.90 -21.26 -8.81
CA VAL B 326 -0.72 -22.12 -9.05
C VAL B 326 0.00 -21.64 -10.32
N ARG B 327 -0.73 -21.33 -11.38
CA ARG B 327 -0.09 -20.77 -12.62
C ARG B 327 0.44 -19.37 -12.34
N MET B 328 -0.24 -18.51 -11.58
CA MET B 328 0.33 -17.20 -11.18
C MET B 328 1.62 -17.42 -10.41
N ALA B 329 1.61 -18.37 -9.46
CA ALA B 329 2.79 -18.64 -8.62
C ALA B 329 3.95 -19.05 -9.48
N LEU B 330 3.74 -20.07 -10.34
CA LEU B 330 4.87 -20.63 -11.15
C LEU B 330 5.42 -19.55 -12.07
N LEU B 331 4.57 -18.70 -12.64
CA LEU B 331 5.04 -17.66 -13.58
C LEU B 331 5.86 -16.61 -12.82
N TYR B 332 5.37 -16.20 -11.64
CA TYR B 332 6.10 -15.25 -10.78
C TYR B 332 7.51 -15.78 -10.46
N LEU B 333 7.60 -17.03 -9.99
CA LEU B 333 8.89 -17.61 -9.50
C LEU B 333 9.87 -17.78 -10.66
N ILE B 334 9.43 -18.14 -11.85
CA ILE B 334 10.35 -18.33 -13.00
C ILE B 334 10.74 -17.02 -13.66
N PHE B 335 9.82 -16.08 -13.84
CA PHE B 335 10.05 -14.97 -14.80
C PHE B 335 10.39 -13.66 -14.10
N SER B 336 10.25 -13.57 -12.78
CA SER B 336 10.67 -12.32 -12.06
C SER B 336 12.14 -12.00 -12.37
N SER B 337 12.55 -10.75 -12.51
CA SER B 337 13.95 -10.47 -12.94
C SER B 337 14.81 -10.59 -11.69
N THR B 338 14.19 -10.33 -10.54
CA THR B 338 14.83 -10.36 -9.21
C THR B 338 13.74 -10.39 -8.15
N SER B 339 14.18 -10.25 -6.90
CA SER B 339 13.35 -10.20 -5.69
C SER B 339 13.74 -8.94 -4.90
N SER B 340 12.91 -8.48 -3.97
CA SER B 340 13.24 -8.00 -2.62
C SER B 340 12.35 -8.85 -1.72
N ALA B 341 12.40 -8.83 -0.39
CA ALA B 341 11.37 -9.47 0.47
C ALA B 341 10.05 -8.68 0.39
N TRP B 342 10.13 -7.35 0.16
CA TRP B 342 8.97 -6.42 -0.04
C TRP B 342 8.37 -6.55 -1.45
N SER B 343 9.07 -7.11 -2.43
CA SER B 343 8.47 -7.31 -3.79
C SER B 343 7.63 -8.61 -3.80
N HIS B 344 7.77 -9.51 -2.81
CA HIS B 344 7.06 -10.81 -2.81
C HIS B 344 5.61 -10.62 -2.40
N PRO B 345 4.70 -11.45 -2.97
CA PRO B 345 3.32 -11.50 -2.49
C PRO B 345 3.30 -12.04 -1.06
N GLN B 346 2.57 -11.35 -0.18
CA GLN B 346 2.54 -11.58 1.29
C GLN B 346 1.22 -11.04 1.83
N PHE B 347 0.18 -11.86 1.99
CA PHE B 347 -1.12 -11.48 2.60
C PHE B 347 -1.01 -11.44 4.14
N PHE C 2 -22.16 19.57 -11.29
CA PHE C 2 -21.11 18.53 -11.20
C PHE C 2 -21.29 17.50 -12.34
N TYR C 3 -22.31 16.63 -12.26
CA TYR C 3 -22.71 15.73 -13.37
C TYR C 3 -24.02 16.23 -13.97
N ILE C 4 -23.91 16.86 -15.13
CA ILE C 4 -25.08 17.42 -15.84
C ILE C 4 -24.98 16.91 -17.28
N ASN C 5 -26.13 16.88 -17.94
CA ASN C 5 -26.46 16.29 -19.26
C ASN C 5 -27.33 17.37 -19.93
N SER C 6 -26.83 18.63 -19.90
CA SER C 6 -27.54 19.91 -20.20
C SER C 6 -28.41 20.33 -19.01
N LYS C 7 -29.55 19.65 -18.81
CA LYS C 7 -30.50 19.99 -17.70
C LYS C 7 -30.94 18.77 -16.88
N TYR C 8 -30.35 17.57 -17.05
CA TYR C 8 -30.48 16.43 -16.11
C TYR C 8 -29.22 16.29 -15.25
N LYS C 9 -29.39 16.47 -13.94
CA LYS C 9 -28.32 16.28 -12.92
C LYS C 9 -28.24 14.79 -12.62
N ILE C 10 -27.05 14.18 -12.68
CA ILE C 10 -26.84 12.71 -12.52
C ILE C 10 -26.17 12.38 -11.17
N ASP C 11 -26.78 11.53 -10.33
CA ASP C 11 -26.16 10.99 -9.09
C ASP C 11 -25.52 9.65 -9.42
N LEU C 12 -24.28 9.73 -9.88
CA LEU C 12 -23.54 8.61 -10.50
C LEU C 12 -23.12 7.61 -9.42
N ASP C 13 -22.65 8.12 -8.28
CA ASP C 13 -22.34 7.35 -7.06
C ASP C 13 -23.54 6.45 -6.74
N LYS C 14 -24.74 7.01 -6.69
CA LYS C 14 -25.95 6.25 -6.26
C LYS C 14 -26.31 5.25 -7.36
N ILE C 15 -26.27 5.68 -8.61
CA ILE C 15 -26.66 4.76 -9.74
C ILE C 15 -25.63 3.63 -9.90
N MET C 16 -24.36 3.88 -9.58
CA MET C 16 -23.28 2.87 -9.68
C MET C 16 -23.42 1.86 -8.55
N THR C 17 -23.72 2.29 -7.31
CA THR C 17 -24.10 1.41 -6.17
C THR C 17 -25.14 0.39 -6.65
N LYS C 18 -26.11 0.81 -7.45
CA LYS C 18 -27.19 -0.11 -7.91
C LYS C 18 -26.69 -0.99 -9.07
N MET C 19 -25.84 -0.45 -9.96
CA MET C 19 -25.43 -1.16 -11.20
C MET C 19 -24.22 -2.07 -10.91
N LYS C 20 -23.61 -1.96 -9.75
CA LYS C 20 -22.30 -2.63 -9.48
C LYS C 20 -22.54 -4.13 -9.58
N ASN C 21 -21.76 -4.85 -10.40
CA ASN C 21 -21.83 -6.34 -10.51
C ASN C 21 -23.23 -6.82 -10.92
N LYS C 22 -23.93 -5.96 -11.61
CA LYS C 22 -25.18 -6.30 -12.31
C LYS C 22 -24.82 -6.98 -13.63
N SER C 23 -25.55 -8.00 -13.99
CA SER C 23 -25.56 -8.64 -15.32
C SER C 23 -26.52 -7.89 -16.22
N VAL C 24 -26.17 -7.68 -17.49
CA VAL C 24 -27.06 -6.96 -18.42
C VAL C 24 -27.29 -7.87 -19.64
N ILE C 25 -28.48 -8.44 -19.69
CA ILE C 25 -28.85 -9.54 -20.61
C ILE C 25 -29.87 -9.03 -21.63
N ASN C 26 -30.81 -8.18 -21.20
CA ASN C 26 -31.98 -7.62 -21.92
C ASN C 26 -31.95 -6.10 -21.70
N ILE C 27 -32.54 -5.33 -22.60
CA ILE C 27 -32.65 -3.86 -22.43
C ILE C 27 -33.56 -3.52 -21.24
N ASP C 28 -34.48 -4.38 -20.84
CA ASP C 28 -35.37 -4.20 -19.66
C ASP C 28 -34.61 -4.34 -18.35
N ASP C 29 -33.33 -4.79 -18.34
CA ASP C 29 -32.46 -4.76 -17.14
C ASP C 29 -31.91 -3.36 -16.90
N VAL C 30 -32.15 -2.40 -17.81
CA VAL C 30 -31.73 -0.98 -17.66
C VAL C 30 -32.96 -0.13 -17.34
N ASP C 31 -33.01 0.50 -16.18
CA ASP C 31 -34.15 1.38 -15.82
C ASP C 31 -33.85 2.83 -16.21
N ASP C 32 -34.73 3.78 -15.88
CA ASP C 32 -34.62 5.19 -16.35
C ASP C 32 -33.30 5.79 -15.85
N GLU C 33 -33.00 5.58 -14.55
CA GLU C 33 -31.82 6.17 -13.86
C GLU C 33 -30.57 5.58 -14.54
N GLU C 34 -30.57 4.28 -14.78
CA GLU C 34 -29.37 3.59 -15.30
C GLU C 34 -29.15 4.08 -16.74
N LEU C 35 -30.22 4.33 -17.47
CA LEU C 35 -30.10 4.81 -18.87
C LEU C 35 -29.45 6.21 -18.87
N LEU C 36 -29.87 7.11 -17.99
CA LEU C 36 -29.22 8.43 -17.84
C LEU C 36 -27.74 8.25 -17.47
N ALA C 37 -27.38 7.34 -16.57
CA ALA C 37 -25.97 7.15 -16.17
C ALA C 37 -25.17 6.71 -17.40
N ILE C 38 -25.73 5.78 -18.16
CA ILE C 38 -25.09 5.28 -19.41
C ILE C 38 -24.94 6.42 -20.43
N LEU C 39 -26.01 7.21 -20.63
CA LEU C 39 -25.98 8.29 -21.64
C LEU C 39 -24.90 9.28 -21.25
N TYR C 40 -24.87 9.66 -19.97
CA TYR C 40 -23.91 10.64 -19.42
C TYR C 40 -22.49 10.11 -19.59
N THR C 41 -22.24 8.87 -19.18
CA THR C 41 -20.88 8.30 -19.15
C THR C 41 -20.37 8.13 -20.58
N SER C 42 -21.25 7.67 -21.46
CA SER C 42 -20.96 7.51 -22.89
C SER C 42 -20.48 8.85 -23.45
N LYS C 43 -21.16 9.93 -23.09
CA LYS C 43 -20.83 11.29 -23.62
C LYS C 43 -19.44 11.68 -23.10
N GLN C 44 -19.12 11.38 -21.85
CA GLN C 44 -17.78 11.75 -21.32
C GLN C 44 -16.73 10.97 -22.12
N PHE C 45 -16.92 9.68 -22.38
CA PHE C 45 -15.94 8.87 -23.11
C PHE C 45 -15.83 9.39 -24.55
N GLU C 46 -16.93 9.75 -25.17
CA GLU C 46 -16.89 10.30 -26.53
C GLU C 46 -15.94 11.53 -26.56
N LYS C 47 -16.12 12.47 -25.65
CA LYS C 47 -15.34 13.72 -25.61
C LYS C 47 -13.89 13.45 -25.21
N ILE C 48 -13.66 12.58 -24.23
CA ILE C 48 -12.26 12.30 -23.81
C ILE C 48 -11.50 11.72 -25.03
N LEU C 49 -12.06 10.71 -25.70
CA LEU C 49 -11.38 10.02 -26.83
C LEU C 49 -11.29 10.93 -28.05
N LYS C 50 -12.27 11.79 -28.33
CA LYS C 50 -12.19 12.62 -29.55
C LYS C 50 -11.16 13.71 -29.29
N ASN C 51 -10.86 14.00 -28.02
CA ASN C 51 -9.83 15.01 -27.62
C ASN C 51 -8.50 14.36 -27.22
N ASN C 52 -8.30 13.05 -27.39
CA ASN C 52 -6.99 12.37 -27.14
C ASN C 52 -6.61 12.52 -25.66
N GLU C 53 -7.58 12.48 -24.78
CA GLU C 53 -7.29 12.45 -23.32
C GLU C 53 -7.19 11.00 -22.88
N ASP C 54 -6.54 10.81 -21.74
CA ASP C 54 -6.48 9.58 -20.92
C ASP C 54 -7.87 9.00 -20.74
N SER C 55 -8.06 7.76 -21.15
CA SER C 55 -9.36 7.05 -21.15
C SER C 55 -9.35 5.98 -20.08
N LYS C 56 -8.24 5.83 -19.37
CA LYS C 56 -8.02 4.65 -18.51
C LYS C 56 -8.78 4.79 -17.17
N TYR C 57 -10.09 4.69 -17.19
CA TYR C 57 -10.96 4.87 -16.01
C TYR C 57 -11.28 3.49 -15.39
N LEU C 58 -10.83 2.38 -15.98
CA LEU C 58 -11.13 1.03 -15.43
C LEU C 58 -9.92 0.15 -15.74
N GLU C 59 -8.91 0.36 -14.93
CA GLU C 59 -7.65 -0.35 -14.83
C GLU C 59 -7.92 -1.57 -13.96
N ASN C 60 -7.09 -2.59 -14.13
CA ASN C 60 -6.86 -3.67 -13.14
C ASN C 60 -7.90 -4.79 -13.27
N LYS C 61 -8.83 -4.71 -14.20
CA LYS C 61 -9.78 -5.80 -14.48
C LYS C 61 -9.29 -6.68 -15.63
N VAL C 62 -9.68 -7.95 -15.54
CA VAL C 62 -9.40 -9.01 -16.54
C VAL C 62 -10.72 -9.61 -16.92
N PHE C 63 -11.06 -9.57 -18.19
CA PHE C 63 -12.38 -10.02 -18.70
C PHE C 63 -12.12 -11.25 -19.57
N CYS C 64 -13.15 -12.06 -19.72
CA CYS C 64 -13.24 -13.12 -20.73
C CYS C 64 -14.35 -12.72 -21.69
N SER C 65 -14.03 -12.72 -22.97
CA SER C 65 -15.00 -12.44 -24.06
C SER C 65 -15.21 -13.73 -24.86
N VAL C 66 -16.45 -14.25 -24.85
CA VAL C 66 -16.83 -15.57 -25.42
C VAL C 66 -17.83 -15.37 -26.57
N PHE C 67 -17.31 -15.51 -27.80
CA PHE C 67 -18.07 -15.33 -29.05
C PHE C 67 -18.23 -16.69 -29.72
N LEU C 68 -19.41 -17.32 -29.66
CA LEU C 68 -19.64 -18.69 -30.19
C LEU C 68 -20.44 -18.62 -31.49
N GLU C 69 -20.42 -17.47 -32.15
CA GLU C 69 -20.67 -17.34 -33.61
C GLU C 69 -19.75 -16.25 -34.13
N PRO C 70 -19.48 -16.20 -35.46
CA PRO C 70 -18.80 -15.07 -36.06
C PRO C 70 -19.62 -13.83 -35.77
N SER C 71 -19.01 -12.76 -35.31
CA SER C 71 -19.76 -11.55 -34.90
C SER C 71 -18.72 -10.50 -34.58
N THR C 72 -17.89 -10.23 -35.61
CA THR C 72 -16.59 -9.50 -35.66
C THR C 72 -16.70 -8.04 -35.12
N ARG C 73 -17.68 -7.26 -35.56
CA ARG C 73 -17.78 -5.82 -35.16
C ARG C 73 -18.07 -5.69 -33.67
N THR C 74 -19.04 -6.44 -33.16
CA THR C 74 -19.49 -6.34 -31.76
C THR C 74 -18.32 -6.81 -30.90
N ARG C 75 -17.62 -7.86 -31.31
CA ARG C 75 -16.51 -8.48 -30.52
C ARG C 75 -15.35 -7.50 -30.45
N CYS C 76 -14.96 -6.88 -31.59
CA CYS C 76 -13.85 -5.91 -31.67
C CYS C 76 -14.15 -4.66 -30.85
N SER C 77 -15.40 -4.22 -30.89
CA SER C 77 -15.92 -3.01 -30.17
C SER C 77 -15.82 -3.24 -28.68
N PHE C 78 -16.22 -4.41 -28.19
CA PHE C 78 -16.08 -4.76 -26.78
C PHE C 78 -14.58 -4.89 -26.42
N ASP C 79 -13.75 -5.52 -27.25
CA ASP C 79 -12.30 -5.59 -26.98
C ASP C 79 -11.71 -4.18 -26.82
N ALA C 80 -11.92 -3.34 -27.83
CA ALA C 80 -11.40 -1.95 -27.87
C ALA C 80 -11.83 -1.22 -26.60
N ALA C 81 -13.08 -1.39 -26.21
CA ALA C 81 -13.64 -0.67 -25.05
C ALA C 81 -12.87 -1.05 -23.79
N ILE C 82 -12.67 -2.35 -23.60
CA ILE C 82 -11.94 -2.88 -22.41
C ILE C 82 -10.52 -2.35 -22.44
N LEU C 83 -9.89 -2.42 -23.61
CA LEU C 83 -8.45 -2.10 -23.68
C LEU C 83 -8.27 -0.58 -23.48
N LYS C 84 -9.16 0.23 -24.01
CA LYS C 84 -9.09 1.71 -23.92
C LYS C 84 -9.32 2.15 -22.48
N LEU C 85 -10.11 1.39 -21.72
CA LEU C 85 -10.42 1.64 -20.29
C LEU C 85 -9.18 1.28 -19.46
N GLY C 86 -8.28 0.48 -20.02
CA GLY C 86 -6.97 0.12 -19.44
C GLY C 86 -7.00 -1.23 -18.72
N SER C 87 -8.04 -2.01 -18.95
CA SER C 87 -8.19 -3.40 -18.48
C SER C 87 -7.71 -4.37 -19.54
N LYS C 88 -7.91 -5.67 -19.31
CA LYS C 88 -7.25 -6.74 -20.10
C LYS C 88 -8.28 -7.79 -20.42
N VAL C 89 -8.11 -8.52 -21.51
CA VAL C 89 -9.15 -9.50 -21.93
C VAL C 89 -8.51 -10.74 -22.54
N LEU C 90 -9.08 -11.88 -22.23
CA LEU C 90 -8.78 -13.13 -23.00
C LEU C 90 -10.05 -13.42 -23.84
N ASN C 91 -9.86 -13.98 -25.00
CA ASN C 91 -10.90 -14.19 -26.02
C ASN C 91 -11.05 -15.67 -26.27
N ILE C 92 -12.32 -16.07 -26.42
CA ILE C 92 -12.74 -17.38 -27.02
C ILE C 92 -13.57 -17.05 -28.27
N THR C 93 -13.04 -17.43 -29.44
CA THR C 93 -13.59 -17.14 -30.79
C THR C 93 -13.50 -18.41 -31.63
N ASP C 94 -13.84 -18.34 -32.91
CA ASP C 94 -13.61 -19.42 -33.93
C ASP C 94 -14.33 -20.67 -33.43
N MET C 95 -15.30 -20.49 -32.52
CA MET C 95 -15.95 -21.61 -31.83
C MET C 95 -17.44 -21.51 -32.11
N ASN C 96 -18.12 -22.64 -32.18
CA ASN C 96 -19.59 -22.73 -32.00
C ASN C 96 -19.86 -23.44 -30.67
N SER C 97 -21.12 -23.37 -30.26
CA SER C 97 -21.73 -24.04 -29.08
C SER C 97 -21.11 -25.46 -28.91
N THR C 98 -21.26 -26.33 -29.90
CA THR C 98 -21.02 -27.79 -29.80
C THR C 98 -19.54 -28.07 -29.54
N SER C 99 -18.63 -27.36 -30.20
CA SER C 99 -17.16 -27.54 -30.06
C SER C 99 -16.65 -26.93 -28.74
N PHE C 100 -17.26 -25.86 -28.24
CA PHE C 100 -16.83 -25.24 -26.97
C PHE C 100 -17.38 -26.04 -25.78
N TYR C 101 -18.57 -26.64 -25.90
CA TYR C 101 -19.27 -27.39 -24.81
C TYR C 101 -19.07 -28.90 -25.04
N LYS C 102 -18.06 -29.26 -25.84
CA LYS C 102 -17.47 -30.62 -25.99
C LYS C 102 -17.86 -31.49 -24.80
N GLY C 103 -19.06 -32.07 -24.79
CA GLY C 103 -19.46 -32.93 -23.66
C GLY C 103 -19.09 -32.24 -22.35
N GLU C 104 -19.58 -31.03 -22.19
CA GLU C 104 -19.59 -30.33 -20.89
C GLU C 104 -20.83 -29.46 -20.85
N THR C 105 -21.47 -29.39 -19.70
CA THR C 105 -22.66 -28.54 -19.47
C THR C 105 -22.21 -27.07 -19.50
N VAL C 106 -23.14 -26.22 -19.92
CA VAL C 106 -22.98 -24.76 -19.92
C VAL C 106 -22.72 -24.30 -18.50
N GLU C 107 -23.35 -24.95 -17.51
CA GLU C 107 -23.25 -24.53 -16.10
C GLU C 107 -21.85 -24.85 -15.55
N ASP C 108 -21.25 -25.99 -15.93
CA ASP C 108 -19.89 -26.35 -15.52
C ASP C 108 -18.96 -25.32 -16.13
N ALA C 109 -19.10 -25.06 -17.44
CA ALA C 109 -18.16 -24.17 -18.16
C ALA C 109 -18.16 -22.79 -17.50
N PHE C 110 -19.33 -22.25 -17.18
CA PHE C 110 -19.44 -20.88 -16.65
C PHE C 110 -19.06 -20.81 -15.17
N LYS C 111 -19.31 -21.86 -14.43
CA LYS C 111 -18.93 -21.86 -12.99
C LYS C 111 -17.40 -21.76 -12.89
N ILE C 112 -16.71 -22.43 -13.79
CA ILE C 112 -15.22 -22.51 -13.78
C ILE C 112 -14.66 -21.20 -14.37
N LEU C 113 -15.16 -20.81 -15.53
CA LEU C 113 -14.57 -19.66 -16.22
C LEU C 113 -14.65 -18.40 -15.33
N SER C 114 -15.72 -18.28 -14.55
CA SER C 114 -15.99 -17.06 -13.77
C SER C 114 -15.03 -17.00 -12.57
N THR C 115 -14.34 -18.11 -12.24
CA THR C 115 -13.33 -18.11 -11.15
C THR C 115 -12.08 -17.40 -11.70
N TYR C 116 -11.90 -17.28 -13.01
CA TYR C 116 -10.63 -16.80 -13.59
C TYR C 116 -10.61 -15.29 -13.72
N VAL C 117 -11.77 -14.61 -13.75
CA VAL C 117 -11.93 -13.29 -14.41
C VAL C 117 -12.94 -12.49 -13.62
N ASP C 118 -13.03 -11.19 -13.92
CA ASP C 118 -13.90 -10.20 -13.19
C ASP C 118 -15.24 -10.10 -13.86
N GLY C 119 -15.34 -10.52 -15.11
CA GLY C 119 -16.58 -10.37 -15.90
C GLY C 119 -16.46 -11.06 -17.22
N ILE C 120 -17.58 -11.32 -17.85
CA ILE C 120 -17.66 -12.15 -19.07
C ILE C 120 -18.58 -11.41 -20.01
N ILE C 121 -18.17 -11.29 -21.27
CA ILE C 121 -18.97 -10.80 -22.40
C ILE C 121 -19.29 -12.05 -23.24
N TYR C 122 -20.58 -12.28 -23.58
CA TYR C 122 -21.00 -13.56 -24.16
C TYR C 122 -21.97 -13.31 -25.30
N ARG C 123 -21.65 -13.86 -26.48
CA ARG C 123 -22.48 -13.89 -27.70
C ARG C 123 -22.66 -15.37 -28.05
N ASP C 124 -23.91 -15.82 -28.08
CA ASP C 124 -24.25 -17.22 -28.41
C ASP C 124 -25.62 -17.18 -29.10
N PRO C 125 -25.75 -17.77 -30.32
CA PRO C 125 -27.03 -17.74 -31.03
C PRO C 125 -28.15 -18.52 -30.32
N SER C 126 -27.83 -19.38 -29.35
CA SER C 126 -28.83 -20.04 -28.45
C SER C 126 -29.36 -19.06 -27.39
N LYS C 127 -30.67 -19.00 -27.09
CA LYS C 127 -31.07 -18.15 -25.92
C LYS C 127 -30.87 -18.87 -24.59
N LYS C 128 -31.13 -20.18 -24.57
CA LYS C 128 -30.94 -20.99 -23.34
C LYS C 128 -29.54 -20.69 -22.76
N ASN C 129 -28.49 -20.79 -23.58
CA ASN C 129 -27.08 -20.75 -23.12
C ASN C 129 -26.82 -19.50 -22.28
N VAL C 130 -27.24 -18.31 -22.71
CA VAL C 130 -26.94 -17.03 -22.00
C VAL C 130 -27.59 -17.06 -20.62
N ASP C 131 -28.85 -17.47 -20.53
CA ASP C 131 -29.57 -17.54 -19.25
C ASP C 131 -28.95 -18.59 -18.34
N ILE C 132 -28.50 -19.73 -18.87
CA ILE C 132 -27.78 -20.74 -18.04
C ILE C 132 -26.45 -20.14 -17.56
N ALA C 133 -25.71 -19.45 -18.42
CA ALA C 133 -24.45 -18.78 -18.07
C ALA C 133 -24.67 -17.88 -16.86
N VAL C 134 -25.73 -17.08 -16.91
CA VAL C 134 -25.99 -16.06 -15.84
C VAL C 134 -26.29 -16.79 -14.51
N SER C 135 -27.07 -17.85 -14.56
CA SER C 135 -27.40 -18.70 -13.37
C SER C 135 -26.13 -19.33 -12.78
N SER C 136 -25.16 -19.69 -13.61
CA SER C 136 -24.02 -20.52 -13.16
C SER C 136 -22.83 -19.66 -12.74
N SER C 137 -22.75 -18.41 -13.25
CA SER C 137 -21.56 -17.55 -13.15
C SER C 137 -21.49 -16.93 -11.76
N SER C 138 -20.29 -16.88 -11.15
CA SER C 138 -20.08 -16.06 -9.93
C SER C 138 -19.81 -14.61 -10.32
N LYS C 139 -19.70 -14.30 -11.61
CA LYS C 139 -19.34 -12.92 -12.03
C LYS C 139 -20.37 -12.37 -13.01
N PRO C 140 -20.46 -11.04 -13.14
CA PRO C 140 -21.44 -10.45 -14.06
C PRO C 140 -21.15 -10.79 -15.52
N ILE C 141 -22.23 -10.96 -16.27
CA ILE C 141 -22.26 -11.19 -17.72
C ILE C 141 -22.86 -10.00 -18.46
N ILE C 142 -22.18 -9.58 -19.54
CA ILE C 142 -22.83 -8.74 -20.59
C ILE C 142 -23.19 -9.59 -21.80
N ASN C 143 -24.50 -9.68 -22.10
CA ASN C 143 -24.97 -10.35 -23.33
C ASN C 143 -24.61 -9.45 -24.51
N ALA C 144 -23.82 -9.95 -25.43
CA ALA C 144 -23.38 -9.29 -26.67
C ALA C 144 -24.27 -9.76 -27.82
N GLY C 145 -25.36 -10.50 -27.53
CA GLY C 145 -26.32 -10.89 -28.59
C GLY C 145 -26.64 -12.36 -28.52
N ASN C 146 -27.93 -12.72 -28.50
CA ASN C 146 -28.33 -14.14 -28.54
C ASN C 146 -29.51 -14.33 -29.50
N GLY C 147 -29.97 -15.59 -29.63
CA GLY C 147 -31.04 -16.04 -30.54
C GLY C 147 -32.44 -15.49 -30.23
N THR C 148 -32.75 -15.06 -29.00
CA THR C 148 -34.05 -14.40 -28.68
C THR C 148 -34.09 -12.95 -29.15
N GLY C 149 -32.95 -12.45 -29.65
CA GLY C 149 -32.88 -11.06 -30.11
C GLY C 149 -32.64 -10.10 -28.98
N GLU C 150 -32.20 -10.61 -27.82
CA GLU C 150 -31.67 -9.71 -26.76
C GLU C 150 -30.26 -9.29 -27.26
N HIS C 151 -29.99 -8.00 -27.28
CA HIS C 151 -28.72 -7.37 -27.66
C HIS C 151 -28.68 -5.99 -27.04
N PRO C 152 -28.55 -5.91 -25.72
CA PRO C 152 -28.77 -4.67 -24.99
C PRO C 152 -27.88 -3.53 -25.44
N THR C 153 -26.63 -3.80 -25.77
CA THR C 153 -25.68 -2.70 -26.13
C THR C 153 -25.97 -2.20 -27.54
N GLN C 154 -26.55 -3.02 -28.43
CA GLN C 154 -27.05 -2.49 -29.71
C GLN C 154 -28.17 -1.49 -29.48
N SER C 155 -29.14 -1.82 -28.61
CA SER C 155 -30.28 -0.90 -28.35
C SER C 155 -29.75 0.34 -27.71
N LEU C 156 -28.88 0.19 -26.69
CA LEU C 156 -28.28 1.34 -25.97
C LEU C 156 -27.52 2.27 -26.94
N LEU C 157 -26.75 1.72 -27.87
CA LEU C 157 -25.92 2.60 -28.74
C LEU C 157 -26.85 3.23 -29.78
N ASP C 158 -27.92 2.52 -30.18
CA ASP C 158 -28.96 3.05 -31.07
C ASP C 158 -29.56 4.27 -30.38
N PHE C 159 -29.99 4.09 -29.14
CA PHE C 159 -30.68 5.16 -28.37
C PHE C 159 -29.73 6.35 -28.16
N TYR C 160 -28.48 6.11 -27.71
CA TYR C 160 -27.45 7.18 -27.58
C TYR C 160 -27.36 8.00 -28.88
N THR C 161 -27.35 7.34 -30.01
CA THR C 161 -27.20 8.00 -31.34
C THR C 161 -28.38 8.96 -31.55
N ILE C 162 -29.60 8.45 -31.40
CA ILE C 162 -30.85 9.24 -31.51
C ILE C 162 -30.81 10.44 -30.57
N HIS C 163 -30.54 10.19 -29.31
CA HIS C 163 -30.57 11.23 -28.25
C HIS C 163 -29.57 12.33 -28.61
N ASN C 164 -28.47 12.00 -29.32
CA ASN C 164 -27.48 13.01 -29.75
C ASN C 164 -28.08 14.03 -30.73
N TYR C 165 -29.00 13.65 -31.63
CA TYR C 165 -29.62 14.57 -32.62
C TYR C 165 -30.95 15.11 -32.08
N PHE C 166 -31.62 14.35 -31.23
CA PHE C 166 -32.97 14.68 -30.71
C PHE C 166 -32.96 14.50 -29.20
N PRO C 167 -32.28 15.37 -28.44
CA PRO C 167 -32.21 15.18 -26.99
C PRO C 167 -33.56 15.28 -26.26
N PHE C 168 -34.58 15.85 -26.91
CA PHE C 168 -35.92 15.98 -26.29
C PHE C 168 -36.58 14.60 -26.07
N ILE C 169 -36.10 13.52 -26.68
CA ILE C 169 -36.65 12.16 -26.39
C ILE C 169 -36.59 11.88 -24.88
N LEU C 170 -35.69 12.52 -24.13
CA LEU C 170 -35.55 12.15 -22.70
C LEU C 170 -36.63 12.83 -21.86
N ASP C 171 -37.34 13.84 -22.39
CA ASP C 171 -38.11 14.79 -21.55
C ASP C 171 -39.49 14.21 -21.24
N ARG C 172 -40.01 13.32 -22.09
CA ARG C 172 -41.39 12.80 -21.88
C ARG C 172 -42.34 14.01 -21.78
N ASN C 173 -42.17 14.91 -22.75
CA ASN C 173 -42.97 16.16 -22.92
C ASN C 173 -44.07 15.93 -23.98
N ILE C 174 -45.34 16.00 -23.60
CA ILE C 174 -46.49 15.70 -24.52
C ILE C 174 -46.49 16.57 -25.81
N ASN C 175 -45.85 17.74 -25.77
CA ASN C 175 -45.63 18.60 -26.99
C ASN C 175 -44.38 18.26 -27.84
N LYS C 176 -43.51 17.32 -27.44
CA LYS C 176 -42.22 17.02 -28.13
C LYS C 176 -42.16 15.52 -28.39
N LYS C 177 -42.75 15.12 -29.51
CA LYS C 177 -42.89 13.72 -29.92
C LYS C 177 -41.79 13.42 -30.95
N LEU C 178 -41.12 12.27 -30.82
CA LEU C 178 -40.22 11.77 -31.86
C LEU C 178 -40.95 10.75 -32.74
N ASN C 179 -40.76 10.86 -34.03
CA ASN C 179 -41.37 10.01 -35.08
C ASN C 179 -40.25 9.19 -35.67
N ILE C 180 -40.39 7.87 -35.68
CA ILE C 180 -39.34 7.00 -36.25
C ILE C 180 -39.98 6.07 -37.26
N ALA C 181 -39.29 5.81 -38.37
CA ALA C 181 -39.67 4.75 -39.35
C ALA C 181 -38.66 3.63 -39.26
N PHE C 182 -39.16 2.43 -39.00
CA PHE C 182 -38.44 1.15 -39.11
C PHE C 182 -38.80 0.53 -40.45
N VAL C 183 -37.76 0.19 -41.21
CA VAL C 183 -37.83 -0.18 -42.65
C VAL C 183 -37.11 -1.51 -42.85
N GLY C 184 -37.79 -2.47 -43.47
CA GLY C 184 -37.15 -3.67 -44.03
C GLY C 184 -37.78 -4.92 -43.50
N ASP C 185 -36.97 -5.81 -42.92
CA ASP C 185 -37.44 -7.10 -42.36
C ASP C 185 -37.77 -6.88 -40.88
N LEU C 186 -39.02 -6.50 -40.59
CA LEU C 186 -39.48 -6.17 -39.22
C LEU C 186 -39.87 -7.46 -38.50
N LYS C 187 -40.03 -8.57 -39.22
CA LYS C 187 -40.31 -9.88 -38.60
C LYS C 187 -39.02 -10.43 -37.95
N ASN C 188 -37.91 -10.45 -38.70
CA ASN C 188 -36.66 -11.09 -38.24
C ASN C 188 -35.67 -10.05 -37.68
N GLY C 189 -35.92 -8.74 -37.88
CA GLY C 189 -34.98 -7.68 -37.44
C GLY C 189 -35.11 -7.40 -35.94
N ARG C 190 -34.40 -8.17 -35.12
CA ARG C 190 -34.59 -8.21 -33.64
C ARG C 190 -34.15 -6.89 -33.04
N THR C 191 -33.32 -6.13 -33.73
CA THR C 191 -32.84 -4.85 -33.15
C THR C 191 -33.95 -3.84 -33.23
N VAL C 192 -34.90 -4.03 -34.12
CA VAL C 192 -36.17 -3.21 -34.17
C VAL C 192 -36.99 -3.52 -32.93
N HIS C 193 -37.07 -4.81 -32.61
CA HIS C 193 -37.90 -5.33 -31.50
C HIS C 193 -37.38 -4.68 -30.21
N SER C 194 -36.09 -4.75 -30.00
CA SER C 194 -35.43 -4.30 -28.75
C SER C 194 -35.44 -2.78 -28.61
N LEU C 195 -35.16 -2.06 -29.69
CA LEU C 195 -35.09 -0.59 -29.67
C LEU C 195 -36.53 -0.06 -29.55
N SER C 196 -37.49 -0.68 -30.23
CA SER C 196 -38.94 -0.32 -30.08
C SER C 196 -39.38 -0.31 -28.62
N LYS C 197 -39.07 -1.39 -27.90
CA LYS C 197 -39.41 -1.51 -26.45
C LYS C 197 -38.77 -0.36 -25.68
N LEU C 198 -37.51 0.00 -25.99
CA LEU C 198 -36.78 1.06 -25.22
C LEU C 198 -37.34 2.42 -25.63
N LEU C 199 -37.56 2.68 -26.92
CA LEU C 199 -38.12 3.99 -27.39
C LEU C 199 -39.54 4.24 -26.82
N SER C 200 -40.29 3.19 -26.57
CA SER C 200 -41.75 3.26 -26.22
C SER C 200 -41.94 3.60 -24.74
N ARG C 201 -40.86 3.78 -24.02
CA ARG C 201 -40.83 4.33 -22.64
C ARG C 201 -40.94 5.86 -22.68
N TYR C 202 -40.89 6.45 -23.88
CA TYR C 202 -40.74 7.91 -24.14
C TYR C 202 -41.89 8.31 -25.07
N ASN C 203 -41.93 9.60 -25.42
CA ASN C 203 -42.99 10.14 -26.30
C ASN C 203 -42.55 9.82 -27.72
N VAL C 204 -42.93 8.65 -28.23
CA VAL C 204 -42.50 8.24 -29.60
C VAL C 204 -43.67 7.70 -30.40
N SER C 205 -43.72 7.98 -31.70
CA SER C 205 -44.69 7.34 -32.64
C SER C 205 -43.91 6.62 -33.74
N PHE C 206 -44.48 5.55 -34.24
CA PHE C 206 -43.76 4.52 -35.03
C PHE C 206 -44.43 4.29 -36.38
N ASN C 207 -43.63 4.35 -37.44
CA ASN C 207 -43.95 3.94 -38.82
C ASN C 207 -43.23 2.62 -39.13
N PHE C 208 -43.97 1.53 -39.23
CA PHE C 208 -43.46 0.19 -39.58
C PHE C 208 -43.69 -0.05 -41.05
N VAL C 209 -42.58 -0.04 -41.81
CA VAL C 209 -42.55 -0.09 -43.29
C VAL C 209 -41.94 -1.41 -43.69
N SER C 210 -42.76 -2.29 -44.24
CA SER C 210 -42.43 -3.69 -44.59
C SER C 210 -43.50 -4.19 -45.57
N CYS C 211 -43.19 -5.25 -46.31
CA CYS C 211 -44.06 -5.71 -47.42
C CYS C 211 -45.40 -6.17 -46.81
N LYS C 212 -45.63 -7.48 -46.69
CA LYS C 212 -46.67 -8.09 -45.82
C LYS C 212 -46.09 -9.30 -45.07
N SER C 213 -45.35 -10.16 -45.76
CA SER C 213 -44.69 -11.39 -45.23
C SER C 213 -43.68 -11.07 -44.10
N LEU C 214 -43.22 -9.83 -43.95
CA LEU C 214 -42.11 -9.48 -43.01
C LEU C 214 -42.53 -8.37 -42.04
N ASN C 215 -43.79 -8.39 -41.58
CA ASN C 215 -44.35 -7.26 -40.80
C ASN C 215 -43.90 -7.39 -39.35
N ILE C 216 -44.04 -6.30 -38.59
CA ILE C 216 -43.69 -6.27 -37.14
C ILE C 216 -44.57 -7.32 -36.44
N PRO C 217 -44.05 -8.17 -35.53
CA PRO C 217 -44.92 -9.13 -34.85
C PRO C 217 -45.86 -8.47 -33.81
N LYS C 218 -47.00 -9.09 -33.60
CA LYS C 218 -48.06 -8.51 -32.74
C LYS C 218 -47.45 -8.30 -31.33
N ASP C 219 -46.70 -9.29 -30.80
CA ASP C 219 -46.13 -9.18 -29.43
C ASP C 219 -45.34 -7.86 -29.21
N ILE C 220 -44.72 -7.31 -30.26
CA ILE C 220 -43.99 -6.01 -30.17
C ILE C 220 -44.99 -4.85 -30.20
N VAL C 221 -45.93 -4.90 -31.13
CA VAL C 221 -47.06 -3.86 -31.11
C VAL C 221 -47.70 -3.79 -29.70
N ASN C 222 -47.83 -4.97 -29.07
CA ASN C 222 -48.53 -5.00 -27.72
C ASN C 222 -47.63 -4.36 -26.68
N THR C 223 -46.34 -4.64 -26.78
CA THR C 223 -45.35 -4.15 -25.80
C THR C 223 -45.14 -2.65 -25.98
N ILE C 224 -45.11 -2.16 -27.20
CA ILE C 224 -45.13 -0.66 -27.48
C ILE C 224 -46.41 -0.01 -26.86
N THR C 225 -47.56 -0.59 -27.07
CA THR C 225 -48.89 -0.01 -26.60
C THR C 225 -49.06 0.06 -25.05
N TYR C 226 -48.66 -1.01 -24.35
CA TYR C 226 -48.52 -1.05 -22.88
C TYR C 226 -47.46 -0.02 -22.38
N ASN C 227 -46.33 0.16 -23.05
CA ASN C 227 -45.26 1.10 -22.56
C ASN C 227 -45.90 2.52 -22.70
N LEU C 228 -46.50 2.80 -23.89
CA LEU C 228 -46.85 4.19 -24.25
C LEU C 228 -48.01 4.57 -23.34
N LYS C 229 -49.00 3.65 -23.21
CA LYS C 229 -50.05 3.82 -22.22
C LYS C 229 -49.46 4.12 -20.83
N LYS C 230 -48.37 3.49 -20.40
CA LYS C 230 -47.82 3.65 -19.02
C LYS C 230 -47.49 5.14 -18.77
N ASN C 231 -47.04 5.89 -19.79
CA ASN C 231 -46.67 7.33 -19.67
C ASN C 231 -47.74 8.22 -20.33
N ASN C 232 -48.92 7.66 -20.61
CA ASN C 232 -50.05 8.37 -21.27
C ASN C 232 -49.59 9.07 -22.56
N PHE C 233 -48.81 8.34 -23.41
CA PHE C 233 -48.48 8.78 -24.80
C PHE C 233 -49.02 7.85 -25.87
N TYR C 234 -49.89 6.91 -25.50
CA TYR C 234 -50.58 6.05 -26.52
C TYR C 234 -51.82 6.77 -27.08
N SER C 235 -51.96 6.79 -28.41
CA SER C 235 -53.18 7.21 -29.15
C SER C 235 -53.27 6.34 -30.41
N ASP C 236 -54.43 6.40 -31.08
CA ASP C 236 -54.73 5.57 -32.27
C ASP C 236 -53.76 5.98 -33.39
N ASP C 237 -53.11 7.13 -33.24
CA ASP C 237 -52.04 7.74 -34.10
C ASP C 237 -50.63 7.13 -33.78
N SER C 238 -50.46 6.38 -32.68
CA SER C 238 -49.12 6.09 -32.14
C SER C 238 -48.34 5.17 -33.08
N ILE C 239 -49.04 4.23 -33.72
CA ILE C 239 -48.46 3.18 -34.59
C ILE C 239 -49.12 3.23 -35.98
N LYS C 240 -48.34 3.44 -37.04
CA LYS C 240 -48.82 3.42 -38.45
C LYS C 240 -48.06 2.31 -39.19
N TYR C 241 -48.72 1.72 -40.20
CA TYR C 241 -48.22 0.59 -41.02
C TYR C 241 -48.24 1.00 -42.49
N PHE C 242 -47.11 0.87 -43.21
CA PHE C 242 -47.05 1.13 -44.67
C PHE C 242 -46.32 -0.02 -45.36
N ASP C 243 -46.54 -0.12 -46.68
CA ASP C 243 -45.83 -1.13 -47.51
C ASP C 243 -44.95 -0.42 -48.56
N ASN C 244 -44.71 0.89 -48.41
CA ASN C 244 -43.87 1.68 -49.36
C ASN C 244 -43.21 2.87 -48.65
N LEU C 245 -42.04 3.23 -49.16
CA LEU C 245 -41.09 4.20 -48.56
C LEU C 245 -41.71 5.59 -48.66
N GLU C 246 -42.25 5.91 -49.84
CA GLU C 246 -42.75 7.25 -50.20
C GLU C 246 -43.65 7.79 -49.08
N GLU C 247 -44.58 6.98 -48.56
CA GLU C 247 -45.49 7.32 -47.43
C GLU C 247 -44.76 7.10 -46.09
N GLY C 248 -44.05 5.96 -45.95
CA GLY C 248 -43.44 5.54 -44.69
C GLY C 248 -42.45 6.56 -44.13
N LEU C 249 -41.77 7.29 -45.03
CA LEU C 249 -40.56 8.09 -44.70
C LEU C 249 -40.96 9.53 -44.39
N GLU C 250 -42.25 9.86 -44.59
CA GLU C 250 -42.77 11.25 -44.47
C GLU C 250 -42.78 11.63 -42.98
N ASP C 251 -42.30 12.80 -42.61
CA ASP C 251 -42.38 13.39 -41.24
C ASP C 251 -41.82 12.43 -40.16
N VAL C 252 -40.71 11.76 -40.41
CA VAL C 252 -39.99 11.00 -39.34
C VAL C 252 -38.62 11.62 -39.09
N HIS C 253 -38.29 11.85 -37.83
CA HIS C 253 -36.99 12.38 -37.34
C HIS C 253 -35.88 11.35 -37.57
N ILE C 254 -36.22 10.07 -37.48
CA ILE C 254 -35.26 8.96 -37.61
C ILE C 254 -35.79 7.98 -38.64
N ILE C 255 -34.91 7.55 -39.56
CA ILE C 255 -35.15 6.37 -40.43
C ILE C 255 -34.22 5.26 -39.99
N TYR C 256 -34.72 4.08 -39.63
CA TYR C 256 -33.90 2.96 -39.13
C TYR C 256 -34.10 1.81 -40.09
N MET C 257 -33.08 1.54 -40.90
CA MET C 257 -33.06 0.48 -41.94
C MET C 257 -32.53 -0.79 -41.28
N THR C 258 -33.06 -1.95 -41.64
CA THR C 258 -32.71 -3.28 -41.10
C THR C 258 -32.00 -4.08 -42.19
N ARG C 259 -31.31 -5.16 -41.78
CA ARG C 259 -30.78 -6.20 -42.70
C ARG C 259 -31.95 -7.04 -43.24
N ILE C 260 -31.96 -7.32 -44.53
CA ILE C 260 -32.82 -8.33 -45.20
C ILE C 260 -31.87 -9.18 -46.06
N GLN C 261 -31.26 -10.26 -45.53
CA GLN C 261 -30.60 -11.32 -46.37
C GLN C 261 -31.66 -12.02 -47.26
N LYS C 262 -31.66 -11.82 -48.60
CA LYS C 262 -32.77 -12.27 -49.50
C LYS C 262 -33.03 -13.79 -49.43
N GLU C 263 -32.34 -14.53 -48.54
CA GLU C 263 -32.70 -15.91 -48.05
C GLU C 263 -34.14 -15.88 -47.51
N ASN C 276 -35.28 -4.67 -52.71
CA ASN C 276 -35.81 -4.28 -54.05
C ASN C 276 -36.91 -3.22 -53.87
N ALA C 277 -37.85 -3.48 -52.95
CA ALA C 277 -38.93 -2.52 -52.61
C ALA C 277 -38.28 -1.36 -51.84
N PHE C 278 -37.38 -1.66 -50.91
CA PHE C 278 -36.98 -0.72 -49.82
C PHE C 278 -35.48 -0.39 -49.90
N ILE C 279 -34.96 -0.08 -51.10
CA ILE C 279 -33.58 0.48 -51.21
C ILE C 279 -33.63 1.98 -50.98
N LEU C 280 -32.72 2.50 -50.16
CA LEU C 280 -32.62 3.95 -49.81
C LEU C 280 -31.60 4.61 -50.76
N SER C 281 -32.05 5.63 -51.48
CA SER C 281 -31.28 6.45 -52.46
C SER C 281 -31.45 7.94 -52.07
N ASN C 282 -30.58 8.81 -52.58
CA ASN C 282 -30.75 10.28 -52.38
C ASN C 282 -32.12 10.68 -52.95
N LYS C 283 -32.56 10.02 -54.03
CA LYS C 283 -33.87 10.31 -54.67
C LYS C 283 -35.00 10.02 -53.67
N THR C 284 -35.07 8.81 -53.10
CA THR C 284 -36.13 8.43 -52.13
C THR C 284 -35.99 9.21 -50.81
N LEU C 285 -35.07 10.17 -50.68
CA LEU C 285 -34.85 10.91 -49.41
C LEU C 285 -35.19 12.40 -49.56
N GLU C 286 -35.52 12.85 -50.78
CA GLU C 286 -35.64 14.30 -51.11
C GLU C 286 -36.77 14.98 -50.32
N ASN C 287 -37.84 14.24 -50.02
CA ASN C 287 -39.04 14.78 -49.32
C ASN C 287 -39.13 14.26 -47.89
N THR C 288 -38.00 14.00 -47.24
CA THR C 288 -37.95 13.75 -45.76
C THR C 288 -37.73 15.08 -45.06
N ARG C 289 -37.93 15.13 -43.74
CA ARG C 289 -37.59 16.35 -42.96
C ARG C 289 -36.12 16.68 -43.22
N ASP C 290 -35.75 17.93 -42.99
CA ASP C 290 -34.37 18.44 -43.14
C ASP C 290 -33.50 17.78 -42.09
N ASP C 291 -34.13 17.44 -40.96
CA ASP C 291 -33.43 17.09 -39.69
C ASP C 291 -33.38 15.56 -39.56
N THR C 292 -33.98 14.81 -40.49
CA THR C 292 -34.02 13.33 -40.38
C THR C 292 -32.57 12.82 -40.36
N LYS C 293 -32.31 11.83 -39.50
CA LYS C 293 -31.05 11.08 -39.44
C LYS C 293 -31.38 9.62 -39.78
N ILE C 294 -30.42 8.96 -40.44
CA ILE C 294 -30.55 7.58 -40.96
C ILE C 294 -29.64 6.65 -40.15
N LEU C 295 -30.25 5.71 -39.42
CA LEU C 295 -29.51 4.63 -38.75
C LEU C 295 -29.67 3.32 -39.53
N HIS C 296 -28.79 2.39 -39.20
CA HIS C 296 -28.73 1.01 -39.73
C HIS C 296 -27.75 0.29 -38.83
N PRO C 297 -28.11 -0.88 -38.22
CA PRO C 297 -27.25 -1.52 -37.24
C PRO C 297 -25.97 -2.08 -37.84
N LEU C 298 -26.00 -2.24 -39.17
CA LEU C 298 -24.96 -2.83 -40.04
C LEU C 298 -24.77 -4.31 -39.71
N PRO C 299 -24.19 -5.12 -40.63
CA PRO C 299 -23.84 -4.68 -41.97
C PRO C 299 -25.02 -4.39 -42.91
N ARG C 300 -24.79 -3.49 -43.87
CA ARG C 300 -25.73 -3.17 -44.98
C ARG C 300 -25.29 -3.97 -46.19
N VAL C 301 -26.24 -4.31 -47.06
CA VAL C 301 -25.93 -4.95 -48.38
C VAL C 301 -26.44 -4.00 -49.45
N ASN C 302 -27.72 -4.14 -49.83
CA ASN C 302 -28.36 -3.28 -50.85
C ASN C 302 -29.26 -2.20 -50.22
N GLU C 303 -29.76 -2.42 -49.00
CA GLU C 303 -30.81 -1.57 -48.36
C GLU C 303 -30.45 -0.08 -48.47
N ILE C 304 -29.17 0.28 -48.46
CA ILE C 304 -28.70 1.70 -48.55
C ILE C 304 -27.57 1.79 -49.60
N LYS C 305 -27.78 2.60 -50.63
CA LYS C 305 -26.81 2.82 -51.73
C LYS C 305 -25.65 3.67 -51.22
N VAL C 306 -24.44 3.37 -51.70
CA VAL C 306 -23.20 4.05 -51.28
C VAL C 306 -23.33 5.56 -51.47
N GLU C 307 -24.18 6.05 -52.38
CA GLU C 307 -24.35 7.50 -52.65
C GLU C 307 -24.86 8.21 -51.38
N VAL C 308 -25.62 7.49 -50.54
CA VAL C 308 -26.26 8.06 -49.33
C VAL C 308 -25.23 8.37 -48.24
N ASP C 309 -24.04 7.76 -48.31
CA ASP C 309 -22.91 7.98 -47.36
C ASP C 309 -22.46 9.45 -47.36
N SER C 310 -22.63 10.17 -48.47
CA SER C 310 -22.25 11.59 -48.65
C SER C 310 -23.40 12.51 -48.22
N ASN C 311 -24.60 11.94 -48.06
CA ASN C 311 -25.79 12.71 -47.60
C ASN C 311 -25.60 12.98 -46.11
N PRO C 312 -25.67 14.24 -45.66
CA PRO C 312 -25.47 14.55 -44.24
C PRO C 312 -26.56 13.98 -43.32
N LYS C 313 -27.62 13.41 -43.89
CA LYS C 313 -28.66 12.74 -43.06
C LYS C 313 -28.15 11.36 -42.63
N SER C 314 -27.10 10.83 -43.28
CA SER C 314 -26.55 9.48 -42.96
C SER C 314 -25.73 9.56 -41.67
N VAL C 315 -26.06 8.77 -40.65
CA VAL C 315 -25.24 8.69 -39.40
C VAL C 315 -24.92 7.26 -39.00
N TYR C 316 -25.13 6.28 -39.88
CA TYR C 316 -24.96 4.85 -39.48
C TYR C 316 -23.49 4.53 -39.14
N PHE C 317 -22.51 5.28 -39.68
CA PHE C 317 -21.08 5.10 -39.33
C PHE C 317 -20.76 5.77 -37.98
N THR C 318 -21.32 6.96 -37.71
CA THR C 318 -21.23 7.54 -36.35
C THR C 318 -21.89 6.56 -35.35
N GLN C 319 -23.05 5.99 -35.70
CA GLN C 319 -23.81 5.04 -34.86
C GLN C 319 -22.87 3.92 -34.40
N ALA C 320 -22.18 3.29 -35.33
CA ALA C 320 -21.28 2.14 -35.09
C ALA C 320 -20.11 2.60 -34.25
N GLU C 321 -19.59 3.79 -34.53
CA GLU C 321 -18.51 4.41 -33.71
C GLU C 321 -19.01 4.53 -32.27
N ASN C 322 -20.26 4.93 -32.07
CA ASN C 322 -20.85 5.20 -30.71
C ASN C 322 -20.83 3.95 -29.83
N GLY C 323 -20.90 2.78 -30.43
CA GLY C 323 -20.79 1.50 -29.72
C GLY C 323 -19.54 1.43 -28.86
N LEU C 324 -18.41 2.01 -29.28
CA LEU C 324 -17.20 2.08 -28.42
C LEU C 324 -17.55 2.83 -27.11
N TYR C 325 -18.16 4.01 -27.18
CA TYR C 325 -18.32 4.91 -26.03
C TYR C 325 -19.37 4.29 -25.07
N VAL C 326 -20.41 3.68 -25.63
CA VAL C 326 -21.52 3.04 -24.91
C VAL C 326 -21.02 1.76 -24.22
N ARG C 327 -20.22 0.94 -24.90
CA ARG C 327 -19.61 -0.24 -24.27
C ARG C 327 -18.58 0.18 -23.21
N MET C 328 -17.79 1.23 -23.43
CA MET C 328 -16.88 1.74 -22.38
C MET C 328 -17.74 2.15 -21.18
N ALA C 329 -18.82 2.90 -21.42
CA ALA C 329 -19.67 3.40 -20.33
C ALA C 329 -20.22 2.23 -19.52
N LEU C 330 -20.82 1.25 -20.18
CA LEU C 330 -21.50 0.13 -19.46
C LEU C 330 -20.46 -0.66 -18.67
N LEU C 331 -19.25 -0.88 -19.21
CA LEU C 331 -18.22 -1.65 -18.49
C LEU C 331 -17.79 -0.86 -17.26
N TYR C 332 -17.55 0.44 -17.44
CA TYR C 332 -17.15 1.31 -16.30
C TYR C 332 -18.22 1.26 -15.19
N LEU C 333 -19.50 1.42 -15.53
CA LEU C 333 -20.56 1.53 -14.50
C LEU C 333 -20.78 0.18 -13.79
N ILE C 334 -20.66 -0.95 -14.45
CA ILE C 334 -20.86 -2.26 -13.75
C ILE C 334 -19.61 -2.69 -12.96
N PHE C 335 -18.40 -2.50 -13.51
CA PHE C 335 -17.23 -3.21 -12.97
C PHE C 335 -16.38 -2.35 -12.07
N SER C 336 -16.60 -1.03 -12.02
CA SER C 336 -15.72 -0.14 -11.21
C SER C 336 -15.70 -0.62 -9.77
N SER C 337 -14.53 -0.56 -9.11
CA SER C 337 -14.33 -1.01 -7.73
C SER C 337 -14.45 0.23 -6.84
N THR C 338 -15.02 1.32 -7.36
CA THR C 338 -14.74 2.71 -6.90
C THR C 338 -15.86 3.11 -5.92
N SER C 339 -15.65 4.27 -5.29
CA SER C 339 -16.62 4.87 -4.36
C SER C 339 -16.93 6.31 -4.79
N SER C 340 -15.91 7.08 -5.20
CA SER C 340 -15.94 8.55 -5.05
C SER C 340 -16.32 9.27 -6.35
N ALA C 341 -17.04 10.38 -6.18
CA ALA C 341 -17.59 11.24 -7.25
C ALA C 341 -16.46 11.87 -8.09
N TRP C 342 -15.28 12.17 -7.50
CA TRP C 342 -14.07 12.78 -8.11
C TRP C 342 -13.32 11.82 -9.04
N SER C 343 -13.54 10.51 -8.99
CA SER C 343 -12.81 9.54 -9.86
C SER C 343 -13.53 9.42 -11.22
N HIS C 344 -14.76 9.92 -11.34
CA HIS C 344 -15.61 9.71 -12.54
C HIS C 344 -15.13 10.62 -13.67
N PRO C 345 -15.27 10.17 -14.94
CA PRO C 345 -14.97 11.05 -16.08
C PRO C 345 -15.94 12.26 -16.09
N GLN C 346 -15.42 13.48 -16.24
CA GLN C 346 -16.17 14.75 -16.39
C GLN C 346 -15.46 15.72 -17.32
N PHE C 347 -15.39 15.44 -18.63
CA PHE C 347 -14.81 16.35 -19.66
C PHE C 347 -15.10 17.83 -19.34
N TYR D 3 -18.06 23.57 54.64
CA TYR D 3 -17.65 22.27 54.03
C TYR D 3 -18.39 21.12 54.71
N ILE D 4 -19.44 20.60 54.07
CA ILE D 4 -20.39 19.65 54.71
C ILE D 4 -20.71 18.57 53.66
N ASN D 5 -21.56 17.58 53.97
CA ASN D 5 -22.39 16.82 52.97
C ASN D 5 -23.85 16.75 53.50
N SER D 6 -24.33 17.91 53.93
CA SER D 6 -25.62 18.22 54.64
C SER D 6 -25.43 18.15 56.16
N LYS D 7 -24.78 17.13 56.71
CA LYS D 7 -24.73 16.91 58.19
C LYS D 7 -23.34 16.49 58.67
N TYR D 8 -22.40 16.08 57.80
CA TYR D 8 -21.04 15.61 58.20
C TYR D 8 -20.01 16.68 57.83
N LYS D 9 -19.34 17.20 58.86
CA LYS D 9 -18.46 18.38 58.82
C LYS D 9 -17.11 17.97 58.21
N ILE D 10 -16.63 18.72 57.21
CA ILE D 10 -15.27 18.43 56.68
C ILE D 10 -14.33 19.51 57.25
N ASP D 11 -13.52 19.08 58.22
CA ASP D 11 -12.35 19.84 58.72
C ASP D 11 -11.18 19.39 57.85
N LEU D 12 -11.00 20.12 56.77
CA LEU D 12 -10.14 19.76 55.62
C LEU D 12 -8.68 19.89 56.04
N ASP D 13 -8.37 21.00 56.73
CA ASP D 13 -7.06 21.26 57.37
C ASP D 13 -6.66 20.03 58.18
N LYS D 14 -7.54 19.53 59.04
CA LYS D 14 -7.21 18.44 59.97
C LYS D 14 -7.08 17.13 59.20
N ILE D 15 -7.99 16.88 58.26
CA ILE D 15 -7.96 15.61 57.49
C ILE D 15 -6.75 15.59 56.53
N MET D 16 -6.31 16.75 56.05
CA MET D 16 -5.10 16.87 55.18
C MET D 16 -3.85 16.65 56.01
N THR D 17 -3.75 17.24 57.21
CA THR D 17 -2.63 17.02 58.18
C THR D 17 -2.45 15.52 58.35
N LYS D 18 -3.55 14.76 58.41
CA LYS D 18 -3.48 13.31 58.62
C LYS D 18 -3.12 12.58 57.31
N MET D 19 -3.62 13.04 56.18
CA MET D 19 -3.40 12.37 54.85
C MET D 19 -2.09 12.80 54.22
N LYS D 20 -1.40 13.80 54.77
CA LYS D 20 -0.24 14.46 54.09
C LYS D 20 0.83 13.38 53.95
N ASN D 21 1.35 13.16 52.73
CA ASN D 21 2.49 12.21 52.51
C ASN D 21 2.11 10.78 52.90
N LYS D 22 0.84 10.49 52.81
CA LYS D 22 0.28 9.14 52.96
C LYS D 22 0.47 8.42 51.64
N SER D 23 0.82 7.15 51.72
CA SER D 23 0.78 6.19 50.61
C SER D 23 -0.61 5.56 50.56
N VAL D 24 -1.15 5.32 49.39
CA VAL D 24 -2.46 4.64 49.25
C VAL D 24 -2.29 3.40 48.39
N ILE D 25 -2.28 2.24 49.04
CA ILE D 25 -1.92 0.93 48.42
C ILE D 25 -3.18 0.07 48.26
N ASN D 26 -4.02 0.07 49.30
CA ASN D 26 -5.20 -0.77 49.56
C ASN D 26 -6.33 0.18 49.94
N ILE D 27 -7.57 -0.19 49.69
CA ILE D 27 -8.74 0.66 50.07
C ILE D 27 -8.85 0.76 51.60
N ASP D 28 -8.33 -0.21 52.34
CA ASP D 28 -8.31 -0.22 53.83
C ASP D 28 -7.31 0.79 54.40
N ASP D 29 -6.44 1.41 53.59
CA ASP D 29 -5.61 2.55 54.04
C ASP D 29 -6.41 3.85 54.13
N VAL D 30 -7.65 3.85 53.61
CA VAL D 30 -8.57 5.03 53.67
C VAL D 30 -9.63 4.78 54.76
N ASP D 31 -9.69 5.61 55.79
CA ASP D 31 -10.67 5.46 56.88
C ASP D 31 -11.92 6.31 56.57
N ASP D 32 -12.89 6.35 57.50
CA ASP D 32 -14.23 6.98 57.28
C ASP D 32 -14.00 8.45 56.92
N GLU D 33 -13.16 9.13 57.69
CA GLU D 33 -13.01 10.59 57.58
C GLU D 33 -12.27 10.89 56.29
N GLU D 34 -11.29 10.05 55.93
CA GLU D 34 -10.49 10.30 54.68
C GLU D 34 -11.43 10.11 53.50
N LEU D 35 -12.34 9.14 53.60
CA LEU D 35 -13.29 8.87 52.48
C LEU D 35 -14.19 10.09 52.29
N LEU D 36 -14.72 10.66 53.36
CA LEU D 36 -15.54 11.90 53.27
C LEU D 36 -14.71 13.01 52.63
N ALA D 37 -13.46 13.22 53.03
CA ALA D 37 -12.64 14.33 52.47
C ALA D 37 -12.48 14.11 50.97
N ILE D 38 -12.20 12.87 50.57
CA ILE D 38 -12.01 12.50 49.12
C ILE D 38 -13.31 12.76 48.38
N LEU D 39 -14.44 12.31 48.95
CA LEU D 39 -15.75 12.44 48.24
C LEU D 39 -16.04 13.92 48.05
N TYR D 40 -15.85 14.71 49.09
CA TYR D 40 -16.10 16.17 49.10
C TYR D 40 -15.22 16.87 48.07
N THR D 41 -13.93 16.58 48.07
CA THR D 41 -12.95 17.29 47.22
C THR D 41 -13.19 16.88 45.76
N SER D 42 -13.50 15.61 45.52
CA SER D 42 -13.85 15.10 44.17
C SER D 42 -15.02 15.93 43.64
N LYS D 43 -16.02 16.20 44.51
CA LYS D 43 -17.22 16.94 44.08
C LYS D 43 -16.80 18.38 43.71
N GLN D 44 -15.91 18.99 44.46
CA GLN D 44 -15.50 20.37 44.15
C GLN D 44 -14.78 20.35 42.77
N PHE D 45 -13.90 19.40 42.50
CA PHE D 45 -13.19 19.35 41.22
C PHE D 45 -14.18 19.03 40.08
N GLU D 46 -15.15 18.17 40.32
CA GLU D 46 -16.17 17.88 39.29
C GLU D 46 -16.84 19.20 38.85
N LYS D 47 -17.31 20.00 39.81
CA LYS D 47 -18.05 21.25 39.51
C LYS D 47 -17.12 22.30 38.92
N ILE D 48 -15.90 22.43 39.42
CA ILE D 48 -14.95 23.44 38.89
C ILE D 48 -14.72 23.13 37.39
N LEU D 49 -14.40 21.88 37.06
CA LEU D 49 -14.06 21.47 35.67
C LEU D 49 -15.31 21.53 34.79
N LYS D 50 -16.51 21.18 35.29
CA LYS D 50 -17.71 21.20 34.41
C LYS D 50 -18.06 22.67 34.12
N ASN D 51 -17.63 23.60 34.97
CA ASN D 51 -17.83 25.05 34.77
C ASN D 51 -16.61 25.78 34.16
N ASN D 52 -15.53 25.08 33.75
CA ASN D 52 -14.36 25.75 33.11
C ASN D 52 -13.73 26.77 34.06
N GLU D 53 -13.69 26.46 35.34
CA GLU D 53 -12.92 27.30 36.30
C GLU D 53 -11.49 26.76 36.34
N ASP D 54 -10.59 27.60 36.84
CA ASP D 54 -9.18 27.31 37.20
C ASP D 54 -9.14 26.03 38.06
N SER D 55 -8.38 25.02 37.64
CA SER D 55 -8.30 23.70 38.34
C SER D 55 -6.95 23.58 39.03
N LYS D 56 -6.11 24.60 38.95
CA LYS D 56 -4.68 24.46 39.30
C LYS D 56 -4.51 24.62 40.83
N TYR D 57 -4.97 23.65 41.60
CA TYR D 57 -4.90 23.69 43.08
C TYR D 57 -3.63 22.99 43.59
N LEU D 58 -2.76 22.46 42.69
CA LEU D 58 -1.54 21.75 43.12
C LEU D 58 -0.51 21.97 42.02
N GLU D 59 0.06 23.16 42.00
CA GLU D 59 1.24 23.57 41.21
C GLU D 59 2.47 23.14 42.00
N ASN D 60 3.60 23.03 41.33
CA ASN D 60 4.97 22.95 41.91
C ASN D 60 5.30 21.52 42.30
N LYS D 61 4.45 20.55 42.03
CA LYS D 61 4.85 19.14 42.19
C LYS D 61 5.36 18.56 40.86
N VAL D 62 6.31 17.64 41.01
CA VAL D 62 6.78 16.74 39.92
C VAL D 62 6.59 15.31 40.39
N PHE D 63 5.83 14.55 39.64
CA PHE D 63 5.57 13.12 39.90
C PHE D 63 6.31 12.28 38.88
N CYS D 64 6.49 11.02 39.26
CA CYS D 64 6.89 9.96 38.32
C CYS D 64 5.74 8.97 38.25
N SER D 65 5.35 8.61 37.05
CA SER D 65 4.30 7.62 36.80
C SER D 65 4.94 6.39 36.14
N VAL D 66 4.84 5.24 36.81
CA VAL D 66 5.52 3.97 36.46
C VAL D 66 4.47 2.89 36.22
N PHE D 67 4.22 2.61 34.94
CA PHE D 67 3.21 1.65 34.47
C PHE D 67 3.93 0.50 33.81
N LEU D 68 4.05 -0.65 34.47
CA LEU D 68 4.83 -1.83 34.01
C LEU D 68 3.85 -2.91 33.51
N GLU D 69 2.63 -2.53 33.12
CA GLU D 69 1.81 -3.27 32.15
C GLU D 69 1.08 -2.26 31.30
N PRO D 70 0.50 -2.63 30.13
CA PRO D 70 -0.56 -1.82 29.51
C PRO D 70 -1.68 -1.68 30.57
N SER D 71 -2.15 -0.47 30.74
CA SER D 71 -3.37 -0.12 31.51
C SER D 71 -3.52 1.37 31.26
N THR D 72 -3.75 1.66 29.97
CA THR D 72 -3.73 2.97 29.25
C THR D 72 -4.83 3.92 29.79
N ARG D 73 -6.04 3.48 30.11
CA ARG D 73 -7.09 4.37 30.70
C ARG D 73 -6.63 4.94 32.06
N THR D 74 -6.15 4.08 32.95
CA THR D 74 -5.79 4.45 34.32
C THR D 74 -4.56 5.36 34.21
N ARG D 75 -3.65 5.07 33.33
CA ARG D 75 -2.38 5.85 33.18
C ARG D 75 -2.68 7.25 32.65
N CYS D 76 -3.50 7.36 31.59
CA CYS D 76 -3.92 8.66 30.99
C CYS D 76 -4.72 9.50 32.00
N SER D 77 -5.57 8.84 32.78
CA SER D 77 -6.42 9.46 33.83
C SER D 77 -5.55 10.07 34.92
N PHE D 78 -4.56 9.34 35.38
CA PHE D 78 -3.55 9.87 36.34
C PHE D 78 -2.76 11.02 35.71
N ASP D 79 -2.30 10.91 34.48
CA ASP D 79 -1.58 12.02 33.81
C ASP D 79 -2.45 13.28 33.77
N ALA D 80 -3.64 13.15 33.21
CA ALA D 80 -4.64 14.23 33.12
C ALA D 80 -4.83 14.91 34.48
N ALA D 81 -4.98 14.11 35.52
CA ALA D 81 -5.29 14.62 36.87
C ALA D 81 -4.12 15.49 37.35
N ILE D 82 -2.90 14.96 37.19
CA ILE D 82 -1.68 15.69 37.60
C ILE D 82 -1.60 16.98 36.81
N LEU D 83 -1.83 16.89 35.51
CA LEU D 83 -1.55 18.07 34.64
C LEU D 83 -2.65 19.11 34.89
N LYS D 84 -3.89 18.70 35.10
CA LYS D 84 -5.05 19.62 35.32
C LYS D 84 -4.88 20.32 36.69
N LEU D 85 -4.17 19.68 37.64
CA LEU D 85 -3.88 20.27 38.97
C LEU D 85 -2.79 21.30 38.84
N GLY D 86 -2.06 21.29 37.69
CA GLY D 86 -1.02 22.27 37.34
C GLY D 86 0.36 21.78 37.69
N SER D 87 0.51 20.50 38.07
CA SER D 87 1.81 19.86 38.38
C SER D 87 2.39 19.19 37.13
N LYS D 88 3.51 18.48 37.29
CA LYS D 88 4.28 17.93 36.15
C LYS D 88 4.56 16.48 36.40
N VAL D 89 4.77 15.72 35.32
CA VAL D 89 4.98 14.26 35.48
C VAL D 89 5.96 13.77 34.43
N LEU D 90 6.83 12.87 34.85
CA LEU D 90 7.62 12.10 33.87
C LEU D 90 7.15 10.64 33.94
N ASN D 91 7.11 10.00 32.76
CA ASN D 91 6.41 8.71 32.55
C ASN D 91 7.44 7.61 32.27
N ILE D 92 7.16 6.40 32.77
CA ILE D 92 7.74 5.10 32.33
C ILE D 92 6.60 4.17 31.92
N THR D 93 6.45 3.81 30.63
CA THR D 93 5.29 3.00 30.13
C THR D 93 5.76 1.87 29.19
N ASP D 94 4.78 1.06 28.75
CA ASP D 94 4.83 -0.03 27.73
C ASP D 94 6.10 -0.84 27.94
N MET D 95 6.42 -0.96 29.23
CA MET D 95 7.57 -1.73 29.73
C MET D 95 6.98 -2.77 30.69
N ASN D 96 7.66 -3.92 30.90
CA ASN D 96 7.22 -4.89 31.93
C ASN D 96 8.27 -4.92 33.05
N SER D 97 7.89 -5.55 34.16
CA SER D 97 8.69 -5.77 35.38
C SER D 97 10.13 -6.16 34.98
N THR D 98 10.28 -7.24 34.21
CA THR D 98 11.58 -7.93 33.98
C THR D 98 12.55 -7.00 33.22
N SER D 99 12.06 -6.25 32.22
CA SER D 99 12.89 -5.32 31.39
C SER D 99 13.21 -4.02 32.16
N PHE D 100 12.34 -3.57 33.05
CA PHE D 100 12.60 -2.35 33.87
C PHE D 100 13.58 -2.67 35.00
N TYR D 101 13.53 -3.88 35.58
CA TYR D 101 14.34 -4.32 36.75
C TYR D 101 15.52 -5.16 36.26
N LYS D 102 15.85 -5.10 34.97
CA LYS D 102 16.91 -5.97 34.38
C LYS D 102 18.08 -6.10 35.38
N GLY D 103 18.00 -7.12 36.25
CA GLY D 103 19.07 -7.43 37.21
C GLY D 103 19.13 -6.52 38.43
N GLU D 104 18.42 -5.38 38.45
CA GLU D 104 18.47 -4.44 39.59
C GLU D 104 17.27 -4.69 40.50
N THR D 105 17.47 -4.63 41.81
CA THR D 105 16.45 -4.83 42.83
C THR D 105 15.43 -3.69 42.76
N VAL D 106 14.20 -4.03 43.09
CA VAL D 106 13.09 -3.06 43.18
C VAL D 106 13.47 -2.01 44.20
N GLU D 107 14.16 -2.39 45.27
CA GLU D 107 14.44 -1.47 46.41
C GLU D 107 15.49 -0.43 45.97
N ASP D 108 16.48 -0.83 45.15
CA ASP D 108 17.50 0.09 44.63
C ASP D 108 16.76 1.08 43.75
N ALA D 109 15.94 0.58 42.83
CA ALA D 109 15.25 1.42 41.82
C ALA D 109 14.40 2.49 42.53
N PHE D 110 13.64 2.11 43.55
CA PHE D 110 12.71 3.03 44.22
C PHE D 110 13.42 3.98 45.18
N LYS D 111 14.51 3.54 45.78
CA LYS D 111 15.27 4.44 46.70
C LYS D 111 15.82 5.61 45.88
N ILE D 112 16.24 5.34 44.66
CA ILE D 112 16.87 6.36 43.77
C ILE D 112 15.75 7.21 43.16
N LEU D 113 14.76 6.56 42.57
CA LEU D 113 13.73 7.31 41.84
C LEU D 113 13.02 8.30 42.78
N SER D 114 12.85 7.95 44.05
CA SER D 114 12.09 8.78 45.00
C SER D 114 12.91 10.00 45.41
N THR D 115 14.21 10.03 45.10
CA THR D 115 15.01 11.25 45.34
C THR D 115 14.62 12.29 44.28
N TYR D 116 14.04 11.90 43.14
CA TYR D 116 13.93 12.81 41.97
C TYR D 116 12.64 13.61 42.02
N VAL D 117 11.63 13.14 42.75
CA VAL D 117 10.22 13.52 42.56
C VAL D 117 9.56 13.65 43.91
N ASP D 118 8.35 14.23 43.92
CA ASP D 118 7.49 14.44 45.09
C ASP D 118 6.67 13.21 45.39
N GLY D 119 6.40 12.39 44.38
CA GLY D 119 5.54 11.20 44.56
C GLY D 119 5.57 10.32 43.36
N ILE D 120 5.11 9.10 43.49
CA ILE D 120 5.19 8.08 42.42
C ILE D 120 3.82 7.45 42.33
N ILE D 121 3.36 7.28 41.10
CA ILE D 121 2.16 6.49 40.77
C ILE D 121 2.68 5.17 40.16
N TYR D 122 2.27 4.02 40.70
CA TYR D 122 2.84 2.72 40.31
C TYR D 122 1.75 1.70 40.03
N ARG D 123 1.81 1.12 38.84
CA ARG D 123 1.00 -0.03 38.33
C ARG D 123 1.98 -1.13 37.97
N ASP D 124 1.86 -2.29 38.63
CA ASP D 124 2.73 -3.46 38.36
C ASP D 124 1.88 -4.71 38.60
N PRO D 125 1.81 -5.66 37.64
CA PRO D 125 1.00 -6.86 37.81
C PRO D 125 1.51 -7.78 38.92
N SER D 126 2.76 -7.64 39.38
CA SER D 126 3.28 -8.30 40.61
C SER D 126 2.74 -7.62 41.89
N LYS D 127 2.26 -8.39 42.87
CA LYS D 127 1.87 -7.94 44.24
C LYS D 127 3.10 -7.41 45.04
N LYS D 128 4.10 -8.26 45.05
CA LYS D 128 5.31 -8.05 45.87
C LYS D 128 5.89 -6.68 45.51
N ASN D 129 6.06 -6.38 44.24
CA ASN D 129 6.79 -5.18 43.76
C ASN D 129 6.25 -3.90 44.43
N VAL D 130 4.93 -3.71 44.49
CA VAL D 130 4.34 -2.46 45.04
C VAL D 130 4.73 -2.32 46.51
N ASP D 131 4.59 -3.38 47.27
CA ASP D 131 4.96 -3.41 48.72
C ASP D 131 6.46 -3.17 48.92
N ILE D 132 7.32 -3.73 48.06
CA ILE D 132 8.79 -3.47 48.15
C ILE D 132 9.05 -1.98 47.84
N ALA D 133 8.39 -1.43 46.81
CA ALA D 133 8.51 -0.01 46.43
C ALA D 133 8.19 0.85 47.65
N VAL D 134 7.10 0.54 48.35
CA VAL D 134 6.63 1.35 49.51
C VAL D 134 7.70 1.31 50.62
N SER D 135 8.24 0.15 50.91
CA SER D 135 9.33 -0.02 51.90
C SER D 135 10.59 0.78 51.54
N SER D 136 10.89 0.93 50.26
CA SER D 136 12.18 1.50 49.81
C SER D 136 12.08 2.99 49.56
N SER D 137 10.85 3.51 49.32
CA SER D 137 10.63 4.87 48.76
C SER D 137 10.73 5.89 49.90
N SER D 138 11.42 7.02 49.67
CA SER D 138 11.34 8.18 50.61
C SER D 138 10.07 8.99 50.34
N LYS D 139 9.31 8.68 49.29
CA LYS D 139 8.16 9.51 48.90
C LYS D 139 6.89 8.66 48.82
N PRO D 140 5.71 9.30 48.94
CA PRO D 140 4.46 8.53 48.93
C PRO D 140 4.21 7.90 47.56
N ILE D 141 3.60 6.71 47.58
CA ILE D 141 3.15 5.93 46.42
C ILE D 141 1.63 5.88 46.39
N ILE D 142 1.03 6.15 45.21
CA ILE D 142 -0.35 5.69 44.92
C ILE D 142 -0.29 4.46 44.03
N ASN D 143 -0.84 3.35 44.53
CA ASN D 143 -0.98 2.10 43.77
C ASN D 143 -2.10 2.33 42.78
N ALA D 144 -1.79 2.23 41.49
CA ALA D 144 -2.71 2.35 40.37
C ALA D 144 -3.16 0.96 39.93
N GLY D 145 -2.86 -0.09 40.70
CA GLY D 145 -3.30 -1.46 40.34
C GLY D 145 -2.19 -2.47 40.38
N ASN D 146 -2.37 -3.58 41.14
CA ASN D 146 -1.37 -4.67 41.12
C ASN D 146 -2.06 -6.04 41.02
N GLY D 147 -1.26 -7.11 41.00
CA GLY D 147 -1.69 -8.52 40.83
C GLY D 147 -2.55 -9.08 41.96
N THR D 148 -2.49 -8.55 43.18
CA THR D 148 -3.40 -8.96 44.30
C THR D 148 -4.79 -8.38 44.13
N GLY D 149 -5.00 -7.52 43.13
CA GLY D 149 -6.31 -6.90 42.93
C GLY D 149 -6.48 -5.67 43.78
N GLU D 150 -5.42 -5.14 44.39
CA GLU D 150 -5.51 -3.83 45.08
C GLU D 150 -5.54 -2.76 43.99
N HIS D 151 -6.54 -1.88 44.03
CA HIS D 151 -6.74 -0.80 43.04
C HIS D 151 -7.59 0.26 43.68
N PRO D 152 -7.04 1.00 44.65
CA PRO D 152 -7.80 1.86 45.50
C PRO D 152 -8.58 2.92 44.77
N THR D 153 -8.02 3.52 43.73
CA THR D 153 -8.68 4.62 43.02
C THR D 153 -9.83 4.09 42.15
N GLN D 154 -9.77 2.84 41.70
CA GLN D 154 -10.98 2.25 41.07
C GLN D 154 -12.12 2.13 42.07
N SER D 155 -11.85 1.63 43.27
CA SER D 155 -12.90 1.48 44.34
C SER D 155 -13.42 2.85 44.69
N LEU D 156 -12.51 3.82 44.89
CA LEU D 156 -12.91 5.19 45.27
C LEU D 156 -13.80 5.82 44.19
N LEU D 157 -13.46 5.64 42.93
CA LEU D 157 -14.28 6.31 41.86
C LEU D 157 -15.61 5.55 41.72
N ASP D 158 -15.60 4.24 41.93
CA ASP D 158 -16.81 3.38 41.94
C ASP D 158 -17.74 3.90 43.04
N PHE D 159 -17.20 4.09 44.23
CA PHE D 159 -17.98 4.54 45.41
C PHE D 159 -18.49 5.96 45.20
N TYR D 160 -17.66 6.88 44.75
CA TYR D 160 -18.09 8.28 44.38
C TYR D 160 -19.30 8.21 43.43
N THR D 161 -19.27 7.33 42.44
CA THR D 161 -20.31 7.25 41.41
C THR D 161 -21.62 6.86 42.08
N ILE D 162 -21.61 5.79 42.88
CA ILE D 162 -22.79 5.30 43.63
C ILE D 162 -23.32 6.39 44.52
N HIS D 163 -22.45 6.97 45.34
CA HIS D 163 -22.81 8.01 46.32
C HIS D 163 -23.47 9.19 45.61
N ASN D 164 -23.13 9.47 44.36
CA ASN D 164 -23.76 10.58 43.60
C ASN D 164 -25.26 10.33 43.33
N TYR D 165 -25.72 9.10 43.13
CA TYR D 165 -27.14 8.79 42.85
C TYR D 165 -27.84 8.37 44.14
N PHE D 166 -27.09 7.81 45.08
CA PHE D 166 -27.63 7.28 46.35
C PHE D 166 -26.78 7.83 47.50
N PRO D 167 -26.83 9.14 47.80
CA PRO D 167 -25.97 9.71 48.84
C PRO D 167 -26.21 9.15 50.24
N PHE D 168 -27.36 8.54 50.47
CA PHE D 168 -27.73 7.94 51.79
C PHE D 168 -26.80 6.78 52.16
N ILE D 169 -26.00 6.21 51.24
CA ILE D 169 -25.03 5.15 51.64
C ILE D 169 -24.09 5.68 52.72
N LEU D 170 -23.88 6.99 52.81
CA LEU D 170 -22.90 7.52 53.80
C LEU D 170 -23.51 7.56 55.20
N ASP D 171 -24.83 7.45 55.35
CA ASP D 171 -25.51 7.82 56.62
C ASP D 171 -25.44 6.67 57.65
N ARG D 172 -25.29 5.43 57.21
CA ARG D 172 -25.39 4.28 58.12
C ARG D 172 -26.69 4.41 58.94
N ASN D 173 -27.78 4.64 58.20
CA ASN D 173 -29.18 4.71 58.69
C ASN D 173 -29.88 3.32 58.50
N ILE D 174 -30.27 2.66 59.60
CA ILE D 174 -30.85 1.27 59.53
C ILE D 174 -32.10 1.17 58.59
N ASN D 175 -32.81 2.30 58.43
CA ASN D 175 -33.94 2.46 57.44
C ASN D 175 -33.58 2.88 56.00
N LYS D 176 -32.31 3.01 55.64
CA LYS D 176 -31.87 3.48 54.28
C LYS D 176 -30.79 2.50 53.82
N LYS D 177 -31.19 1.41 53.19
CA LYS D 177 -30.30 0.32 52.77
C LYS D 177 -30.07 0.46 51.27
N LEU D 178 -28.82 0.31 50.80
CA LEU D 178 -28.50 0.20 49.36
C LEU D 178 -28.33 -1.27 48.99
N ASN D 179 -28.97 -1.67 47.91
CA ASN D 179 -28.99 -3.05 47.38
C ASN D 179 -28.19 -2.99 46.08
N ILE D 180 -27.16 -3.81 45.97
CA ILE D 180 -26.32 -3.81 44.75
C ILE D 180 -26.23 -5.25 44.23
N ALA D 181 -26.28 -5.42 42.91
CA ALA D 181 -25.97 -6.70 42.25
C ALA D 181 -24.62 -6.59 41.53
N PHE D 182 -23.71 -7.49 41.88
CA PHE D 182 -22.45 -7.77 41.19
C PHE D 182 -22.65 -8.97 40.26
N VAL D 183 -22.31 -8.76 38.99
CA VAL D 183 -22.65 -9.65 37.86
C VAL D 183 -21.38 -9.97 37.08
N GLY D 184 -21.12 -11.25 36.85
CA GLY D 184 -20.12 -11.73 35.88
C GLY D 184 -19.12 -12.65 36.52
N ASP D 185 -17.84 -12.33 36.36
CA ASP D 185 -16.71 -13.12 36.90
C ASP D 185 -16.37 -12.59 38.30
N LEU D 186 -17.04 -13.12 39.33
CA LEU D 186 -16.89 -12.65 40.73
C LEU D 186 -15.67 -13.33 41.34
N LYS D 187 -15.14 -14.38 40.71
CA LYS D 187 -13.89 -15.03 41.18
C LYS D 187 -12.69 -14.15 40.84
N ASN D 188 -12.57 -13.68 39.60
CA ASN D 188 -11.36 -12.96 39.09
C ASN D 188 -11.60 -11.46 39.07
N GLY D 189 -12.84 -10.99 39.21
CA GLY D 189 -13.16 -9.54 39.19
C GLY D 189 -12.78 -8.85 40.48
N ARG D 190 -11.52 -8.42 40.58
CA ARG D 190 -10.86 -7.89 41.80
C ARG D 190 -11.52 -6.57 42.19
N THR D 191 -12.11 -5.88 41.21
CA THR D 191 -12.76 -4.59 41.47
C THR D 191 -14.04 -4.82 42.28
N VAL D 192 -14.62 -6.01 42.16
CA VAL D 192 -15.79 -6.41 42.99
C VAL D 192 -15.31 -6.63 44.42
N HIS D 193 -14.16 -7.24 44.57
CA HIS D 193 -13.56 -7.64 45.87
C HIS D 193 -13.30 -6.35 46.64
N SER D 194 -12.68 -5.38 45.98
CA SER D 194 -12.23 -4.11 46.63
C SER D 194 -13.46 -3.22 46.96
N LEU D 195 -14.41 -3.10 46.02
CA LEU D 195 -15.60 -2.23 46.21
C LEU D 195 -16.50 -2.89 47.25
N SER D 196 -16.66 -4.23 47.22
CA SER D 196 -17.41 -4.98 48.26
C SER D 196 -16.93 -4.64 49.67
N LYS D 197 -15.63 -4.70 49.90
CA LYS D 197 -15.02 -4.44 51.23
C LYS D 197 -15.40 -3.01 51.62
N LEU D 198 -15.32 -2.07 50.66
CA LEU D 198 -15.61 -0.64 50.98
C LEU D 198 -17.09 -0.44 51.20
N LEU D 199 -17.95 -1.01 50.37
CA LEU D 199 -19.45 -0.87 50.53
C LEU D 199 -19.94 -1.48 51.88
N SER D 200 -19.24 -2.47 52.38
CA SER D 200 -19.68 -3.33 53.54
C SER D 200 -19.43 -2.61 54.86
N ARG D 201 -18.80 -1.46 54.82
CA ARG D 201 -18.64 -0.50 55.93
C ARG D 201 -19.97 0.25 56.17
N TYR D 202 -20.93 0.12 55.25
CA TYR D 202 -22.18 0.91 55.18
C TYR D 202 -23.38 -0.05 55.26
N ASN D 203 -24.58 0.53 55.16
CA ASN D 203 -25.82 -0.25 55.18
C ASN D 203 -26.02 -0.75 53.76
N VAL D 204 -25.50 -1.95 53.45
CA VAL D 204 -25.58 -2.46 52.06
C VAL D 204 -25.94 -3.92 52.03
N SER D 205 -26.75 -4.35 51.06
CA SER D 205 -27.02 -5.80 50.82
C SER D 205 -26.63 -6.14 49.39
N PHE D 206 -26.18 -7.37 49.20
CA PHE D 206 -25.41 -7.80 48.01
C PHE D 206 -26.08 -8.99 47.37
N ASN D 207 -26.31 -8.88 46.05
CA ASN D 207 -26.71 -9.94 45.11
C ASN D 207 -25.50 -10.30 44.24
N PHE D 208 -24.92 -11.49 44.45
CA PHE D 208 -23.79 -12.03 43.68
C PHE D 208 -24.31 -12.98 42.61
N VAL D 209 -24.21 -12.52 41.37
CA VAL D 209 -24.80 -13.17 40.17
C VAL D 209 -23.64 -13.68 39.32
N SER D 210 -23.48 -15.00 39.24
CA SER D 210 -22.34 -15.62 38.54
C SER D 210 -22.67 -17.03 38.07
N CYS D 211 -21.86 -17.58 37.17
CA CYS D 211 -21.78 -19.04 36.97
C CYS D 211 -21.19 -19.59 38.28
N LYS D 212 -20.96 -20.91 38.33
CA LYS D 212 -20.58 -21.67 39.55
C LYS D 212 -19.05 -21.66 39.76
N SER D 213 -18.27 -21.97 38.71
CA SER D 213 -16.79 -21.87 38.67
C SER D 213 -16.27 -20.45 38.95
N LEU D 214 -17.13 -19.42 38.88
CA LEU D 214 -16.70 -17.99 38.94
C LEU D 214 -17.48 -17.25 40.05
N ASN D 215 -17.74 -17.92 41.17
CA ASN D 215 -18.55 -17.34 42.27
C ASN D 215 -17.61 -16.46 43.12
N ILE D 216 -18.19 -15.59 43.94
CA ILE D 216 -17.46 -14.71 44.87
C ILE D 216 -16.65 -15.61 45.81
N PRO D 217 -15.36 -15.33 46.10
CA PRO D 217 -14.61 -16.20 47.03
C PRO D 217 -15.05 -16.03 48.49
N LYS D 218 -14.91 -17.11 49.26
CA LYS D 218 -15.42 -17.16 50.64
C LYS D 218 -14.76 -16.01 51.42
N ASP D 219 -13.42 -15.82 51.26
CA ASP D 219 -12.75 -14.81 52.12
C ASP D 219 -13.32 -13.39 51.88
N ILE D 220 -13.93 -13.09 50.73
CA ILE D 220 -14.62 -11.78 50.52
C ILE D 220 -15.99 -11.79 51.26
N VAL D 221 -16.74 -12.86 51.08
CA VAL D 221 -18.02 -13.05 51.86
C VAL D 221 -17.74 -12.85 53.37
N ASN D 222 -16.59 -13.33 53.82
CA ASN D 222 -16.29 -13.27 55.31
C ASN D 222 -15.97 -11.85 55.69
N THR D 223 -15.28 -11.14 54.80
CA THR D 223 -14.87 -9.73 55.04
C THR D 223 -16.10 -8.83 55.00
N ILE D 224 -17.01 -9.06 54.06
CA ILE D 224 -18.34 -8.38 54.02
C ILE D 224 -19.12 -8.61 55.34
N THR D 225 -19.21 -9.83 55.79
CA THR D 225 -20.02 -10.27 56.97
C THR D 225 -19.50 -9.72 58.35
N TYR D 226 -18.18 -9.70 58.52
CA TYR D 226 -17.47 -9.01 59.62
C TYR D 226 -17.74 -7.50 59.56
N ASN D 227 -17.70 -6.85 58.39
CA ASN D 227 -17.85 -5.38 58.29
C ASN D 227 -19.38 -5.10 58.73
N LEU D 228 -20.33 -5.90 58.21
CA LEU D 228 -21.76 -5.58 58.28
C LEU D 228 -22.16 -5.82 59.74
N LYS D 229 -21.71 -6.96 60.29
CA LYS D 229 -21.84 -7.21 61.74
C LYS D 229 -21.26 -6.02 62.55
N LYS D 230 -20.14 -5.42 62.17
CA LYS D 230 -19.46 -4.43 63.03
C LYS D 230 -20.35 -3.18 63.13
N ASN D 231 -21.16 -2.86 62.12
CA ASN D 231 -22.10 -1.70 62.18
C ASN D 231 -23.55 -2.16 62.43
N ASN D 232 -23.74 -3.41 62.82
CA ASN D 232 -25.07 -4.01 63.11
C ASN D 232 -26.01 -3.85 61.90
N PHE D 233 -25.46 -4.10 60.65
CA PHE D 233 -26.28 -4.22 59.42
C PHE D 233 -26.19 -5.59 58.75
N TYR D 234 -25.72 -6.59 59.47
CA TYR D 234 -25.81 -8.02 59.00
C TYR D 234 -27.19 -8.63 59.34
N SER D 235 -27.83 -9.30 58.36
CA SER D 235 -29.07 -10.11 58.50
C SER D 235 -29.03 -11.24 57.46
N ASP D 236 -30.00 -12.16 57.56
CA ASP D 236 -30.11 -13.38 56.72
C ASP D 236 -30.28 -12.93 55.26
N ASP D 237 -30.71 -11.68 55.07
CA ASP D 237 -30.96 -11.05 53.74
C ASP D 237 -29.73 -10.29 53.25
N SER D 238 -28.62 -10.24 54.01
CA SER D 238 -27.50 -9.32 53.68
C SER D 238 -26.83 -9.78 52.38
N ILE D 239 -26.66 -11.08 52.18
CA ILE D 239 -25.95 -11.68 51.03
C ILE D 239 -26.84 -12.70 50.34
N LYS D 240 -27.20 -12.49 49.06
CA LYS D 240 -27.96 -13.47 48.24
C LYS D 240 -27.10 -13.87 47.04
N TYR D 241 -27.28 -15.10 46.53
CA TYR D 241 -26.53 -15.76 45.44
C TYR D 241 -27.52 -16.19 44.36
N PHE D 242 -27.33 -15.77 43.11
CA PHE D 242 -28.17 -16.20 41.97
C PHE D 242 -27.27 -16.64 40.81
N ASP D 243 -27.84 -17.39 39.90
CA ASP D 243 -27.19 -17.88 38.68
C ASP D 243 -27.93 -17.32 37.45
N ASN D 244 -28.80 -16.30 37.61
CA ASN D 244 -29.53 -15.66 36.48
C ASN D 244 -29.90 -14.20 36.81
N LEU D 245 -29.95 -13.37 35.76
CA LEU D 245 -30.14 -11.90 35.81
C LEU D 245 -31.55 -11.59 36.31
N GLU D 246 -32.51 -12.29 35.75
CA GLU D 246 -33.98 -12.07 35.94
C GLU D 246 -34.26 -11.92 37.45
N GLU D 247 -33.71 -12.81 38.28
CA GLU D 247 -33.84 -12.79 39.76
C GLU D 247 -32.81 -11.84 40.37
N GLY D 248 -31.55 -11.91 39.91
CA GLY D 248 -30.43 -11.14 40.50
C GLY D 248 -30.68 -9.63 40.50
N LEU D 249 -31.40 -9.12 39.48
CA LEU D 249 -31.49 -7.69 39.17
C LEU D 249 -32.72 -7.08 39.82
N GLU D 250 -33.54 -7.89 40.52
CA GLU D 250 -34.78 -7.43 41.19
C GLU D 250 -34.40 -6.55 42.39
N ASP D 251 -35.03 -5.40 42.54
CA ASP D 251 -34.91 -4.49 43.72
C ASP D 251 -33.44 -4.17 44.08
N VAL D 252 -32.58 -3.90 43.10
CA VAL D 252 -31.20 -3.38 43.36
C VAL D 252 -31.08 -1.96 42.81
N HIS D 253 -30.54 -1.05 43.60
CA HIS D 253 -30.25 0.37 43.25
C HIS D 253 -29.12 0.44 42.26
N ILE D 254 -28.18 -0.50 42.35
CA ILE D 254 -26.95 -0.49 41.50
C ILE D 254 -26.79 -1.87 40.87
N ILE D 255 -26.50 -1.90 39.56
CA ILE D 255 -25.98 -3.13 38.88
C ILE D 255 -24.52 -2.88 38.51
N TYR D 256 -23.60 -3.74 38.94
CA TYR D 256 -22.15 -3.59 38.64
C TYR D 256 -21.72 -4.82 37.85
N MET D 257 -21.47 -4.61 36.56
CA MET D 257 -21.05 -5.66 35.60
C MET D 257 -19.52 -5.69 35.60
N THR D 258 -18.95 -6.88 35.50
CA THR D 258 -17.50 -7.18 35.37
C THR D 258 -17.25 -7.77 33.97
N ARG D 259 -15.98 -8.02 33.59
CA ARG D 259 -15.66 -8.82 32.37
C ARG D 259 -15.92 -10.31 32.62
N ILE D 260 -16.47 -10.99 31.62
CA ILE D 260 -16.80 -12.44 31.63
C ILE D 260 -16.21 -13.08 30.35
N GLN D 261 -15.17 -13.96 30.41
CA GLN D 261 -14.40 -14.47 29.21
C GLN D 261 -14.72 -15.93 28.75
N LYS D 262 -15.63 -16.17 27.76
CA LYS D 262 -15.95 -17.55 27.23
C LYS D 262 -17.02 -17.55 26.13
N ASN D 276 -21.93 -15.07 25.85
CA ASN D 276 -21.51 -15.14 27.27
C ASN D 276 -22.78 -15.13 28.16
N ALA D 277 -22.62 -15.38 29.46
CA ALA D 277 -23.71 -15.92 30.32
C ALA D 277 -24.69 -14.78 30.60
N PHE D 278 -24.16 -13.61 30.98
CA PHE D 278 -24.91 -12.52 31.63
C PHE D 278 -24.78 -11.28 30.74
N ILE D 279 -25.45 -11.30 29.58
CA ILE D 279 -25.46 -10.09 28.70
C ILE D 279 -26.57 -9.15 29.17
N LEU D 280 -26.25 -7.87 29.27
CA LEU D 280 -27.21 -6.81 29.70
C LEU D 280 -27.82 -6.15 28.45
N SER D 281 -29.15 -6.20 28.31
CA SER D 281 -29.95 -5.63 27.20
C SER D 281 -31.05 -4.71 27.79
N ASN D 282 -31.66 -3.85 26.98
CA ASN D 282 -32.83 -3.05 27.42
C ASN D 282 -33.93 -4.03 27.89
N LYS D 283 -34.04 -5.19 27.24
CA LYS D 283 -35.04 -6.23 27.59
C LYS D 283 -34.80 -6.71 29.03
N THR D 284 -33.58 -7.18 29.34
CA THR D 284 -33.25 -7.71 30.70
C THR D 284 -33.25 -6.58 31.74
N LEU D 285 -33.63 -5.34 31.39
CA LEU D 285 -33.59 -4.19 32.34
C LEU D 285 -34.99 -3.66 32.65
N GLU D 286 -36.03 -4.20 31.98
CA GLU D 286 -37.45 -3.77 32.11
C GLU D 286 -37.97 -3.92 33.55
N ASN D 287 -37.53 -4.93 34.29
CA ASN D 287 -38.06 -5.26 35.65
C ASN D 287 -37.08 -4.89 36.75
N THR D 288 -36.17 -3.94 36.49
CA THR D 288 -35.32 -3.31 37.53
C THR D 288 -36.06 -2.09 38.07
N ARG D 289 -35.61 -1.58 39.21
CA ARG D 289 -36.15 -0.33 39.77
C ARG D 289 -35.99 0.76 38.72
N ASP D 290 -36.79 1.81 38.86
CA ASP D 290 -36.78 2.98 37.98
C ASP D 290 -35.43 3.69 38.13
N ASP D 291 -34.84 3.58 39.32
CA ASP D 291 -33.73 4.42 39.82
C ASP D 291 -32.42 3.68 39.68
N THR D 292 -32.44 2.42 39.22
CA THR D 292 -31.19 1.63 39.20
C THR D 292 -30.20 2.32 38.23
N LYS D 293 -28.93 2.30 38.63
CA LYS D 293 -27.79 2.81 37.82
C LYS D 293 -26.85 1.65 37.53
N ILE D 294 -26.21 1.68 36.35
CA ILE D 294 -25.43 0.56 35.81
C ILE D 294 -23.96 0.99 35.73
N LEU D 295 -23.12 0.35 36.50
CA LEU D 295 -21.68 0.57 36.48
C LEU D 295 -21.00 -0.63 35.81
N HIS D 296 -19.81 -0.36 35.32
CA HIS D 296 -18.88 -1.34 34.71
C HIS D 296 -17.52 -0.67 34.72
N PRO D 297 -16.45 -1.31 35.27
CA PRO D 297 -15.15 -0.65 35.41
C PRO D 297 -14.47 -0.35 34.07
N LEU D 298 -14.95 -1.04 33.03
CA LEU D 298 -14.49 -0.99 31.63
C LEU D 298 -13.06 -1.54 31.54
N PRO D 299 -12.62 -1.96 30.33
CA PRO D 299 -13.47 -2.04 29.14
C PRO D 299 -14.56 -3.13 29.17
N ARG D 300 -15.64 -2.87 28.45
CA ARG D 300 -16.71 -3.84 28.15
C ARG D 300 -16.43 -4.45 26.77
N VAL D 301 -16.98 -5.65 26.53
CA VAL D 301 -16.95 -6.33 25.20
C VAL D 301 -18.41 -6.50 24.79
N ASN D 302 -19.04 -7.59 25.21
CA ASN D 302 -20.45 -7.91 24.91
C ASN D 302 -21.26 -7.96 26.19
N GLU D 303 -20.65 -7.94 27.39
CA GLU D 303 -21.39 -8.04 28.68
C GLU D 303 -22.55 -7.03 28.71
N ILE D 304 -22.40 -5.90 28.01
CA ILE D 304 -23.42 -4.83 27.86
C ILE D 304 -23.55 -4.46 26.39
N LYS D 305 -24.76 -4.59 25.84
CA LYS D 305 -25.08 -4.27 24.42
C LYS D 305 -25.08 -2.76 24.24
N VAL D 306 -24.60 -2.29 23.08
CA VAL D 306 -24.45 -0.84 22.77
C VAL D 306 -25.80 -0.13 22.97
N GLU D 307 -26.93 -0.83 22.80
CA GLU D 307 -28.29 -0.22 22.89
C GLU D 307 -28.50 0.34 24.31
N VAL D 308 -27.84 -0.23 25.32
CA VAL D 308 -28.00 0.17 26.75
C VAL D 308 -27.35 1.54 27.02
N ASP D 309 -26.42 1.98 26.15
CA ASP D 309 -25.73 3.31 26.25
C ASP D 309 -26.75 4.46 26.17
N SER D 310 -27.88 4.27 25.50
CA SER D 310 -28.97 5.28 25.33
C SER D 310 -29.94 5.20 26.50
N ASN D 311 -29.90 4.13 27.27
CA ASN D 311 -30.75 3.95 28.47
C ASN D 311 -30.22 4.87 29.57
N PRO D 312 -31.05 5.74 30.17
CA PRO D 312 -30.63 6.65 31.23
C PRO D 312 -30.16 5.91 32.49
N LYS D 313 -30.35 4.59 32.58
CA LYS D 313 -29.82 3.84 33.75
C LYS D 313 -28.32 3.62 33.58
N SER D 314 -27.77 3.77 32.36
CA SER D 314 -26.33 3.54 32.08
C SER D 314 -25.51 4.72 32.61
N VAL D 315 -24.54 4.49 33.49
CA VAL D 315 -23.61 5.56 33.97
C VAL D 315 -22.15 5.10 33.89
N TYR D 316 -21.84 4.02 33.19
CA TYR D 316 -20.45 3.49 33.17
C TYR D 316 -19.47 4.47 32.50
N PHE D 317 -19.93 5.34 31.58
CA PHE D 317 -19.07 6.39 30.99
C PHE D 317 -18.89 7.57 31.95
N THR D 318 -19.94 7.99 32.66
CA THR D 318 -19.81 8.97 33.75
C THR D 318 -18.82 8.39 34.78
N GLN D 319 -18.93 7.11 35.11
CA GLN D 319 -18.11 6.43 36.14
C GLN D 319 -16.63 6.64 35.79
N ALA D 320 -16.25 6.35 34.54
CA ALA D 320 -14.85 6.43 34.05
C ALA D 320 -14.42 7.90 34.09
N GLU D 321 -15.31 8.80 33.68
CA GLU D 321 -15.06 10.25 33.82
C GLU D 321 -14.74 10.62 35.28
N ASN D 322 -15.46 10.06 36.23
CA ASN D 322 -15.32 10.39 37.69
C ASN D 322 -13.92 10.08 38.22
N GLY D 323 -13.23 9.13 37.63
CA GLY D 323 -11.84 8.87 37.99
C GLY D 323 -10.93 10.07 37.82
N LEU D 324 -11.19 10.99 36.88
CA LEU D 324 -10.37 12.24 36.79
C LEU D 324 -10.54 13.01 38.14
N TYR D 325 -11.76 13.20 38.62
CA TYR D 325 -12.04 14.11 39.75
C TYR D 325 -11.52 13.47 41.03
N VAL D 326 -11.67 12.16 41.15
CA VAL D 326 -11.27 11.35 42.32
C VAL D 326 -9.74 11.30 42.36
N ARG D 327 -9.06 11.09 41.22
CA ARG D 327 -7.57 11.11 41.26
C ARG D 327 -7.08 12.54 41.51
N MET D 328 -7.72 13.59 40.98
CA MET D 328 -7.34 14.98 41.34
C MET D 328 -7.49 15.16 42.84
N ALA D 329 -8.62 14.70 43.41
CA ALA D 329 -8.88 14.89 44.84
C ALA D 329 -7.79 14.20 45.65
N LEU D 330 -7.52 12.94 45.39
CA LEU D 330 -6.55 12.15 46.17
C LEU D 330 -5.16 12.76 46.09
N LEU D 331 -4.76 13.26 44.91
CA LEU D 331 -3.42 13.85 44.77
C LEU D 331 -3.37 15.15 45.57
N TYR D 332 -4.41 15.98 45.47
CA TYR D 332 -4.50 17.24 46.23
C TYR D 332 -4.37 16.99 47.74
N LEU D 333 -5.13 16.03 48.28
CA LEU D 333 -5.17 15.83 49.76
C LEU D 333 -3.83 15.26 50.25
N ILE D 334 -3.16 14.41 49.49
CA ILE D 334 -1.86 13.82 49.95
C ILE D 334 -0.69 14.79 49.74
N PHE D 335 -0.62 15.48 48.59
CA PHE D 335 0.66 16.14 48.17
C PHE D 335 0.62 17.65 48.47
N SER D 336 -0.56 18.18 48.79
CA SER D 336 -0.74 19.61 49.11
C SER D 336 0.23 20.07 50.18
N SER D 337 0.64 21.33 50.09
CA SER D 337 0.76 22.25 51.29
C SER D 337 -0.43 23.25 51.37
N THR D 338 -1.47 23.01 52.20
CA THR D 338 -2.22 24.11 52.87
C THR D 338 -1.95 24.03 54.38
N SER D 343 -7.70 28.59 50.38
CA SER D 343 -6.92 27.97 49.26
C SER D 343 -7.59 26.64 48.83
N HIS D 344 -8.52 26.08 49.61
CA HIS D 344 -9.21 24.81 49.26
C HIS D 344 -10.26 25.05 48.18
N PRO D 345 -10.47 24.05 47.29
CA PRO D 345 -11.55 24.14 46.29
C PRO D 345 -12.92 24.20 46.96
N GLN D 346 -13.77 25.15 46.53
CA GLN D 346 -15.24 25.16 46.73
C GLN D 346 -16.02 25.68 45.51
N PHE D 347 -17.30 25.29 45.45
CA PHE D 347 -18.38 25.78 44.56
C PHE D 347 -18.25 25.12 43.17
N PHE E 2 -5.44 44.40 13.36
CA PHE E 2 -5.62 42.91 13.14
C PHE E 2 -5.63 42.62 11.63
N TYR E 3 -4.47 42.70 10.96
CA TYR E 3 -4.30 42.55 9.47
C TYR E 3 -3.09 41.70 9.04
N ILE E 4 -3.11 41.36 7.75
CA ILE E 4 -1.96 40.75 7.03
C ILE E 4 -1.76 41.59 5.76
N ASN E 5 -0.58 41.45 5.15
CA ASN E 5 -0.19 41.88 3.79
C ASN E 5 -0.52 43.37 3.56
N SER E 6 -1.04 44.09 4.58
CA SER E 6 -1.68 45.43 4.49
C SER E 6 -2.86 45.39 3.49
N LYS E 7 -3.40 44.20 3.20
CA LYS E 7 -4.44 44.03 2.14
C LYS E 7 -5.67 43.28 2.67
N TYR E 8 -5.45 42.23 3.49
CA TYR E 8 -6.55 41.41 4.08
C TYR E 8 -6.64 41.73 5.58
N LYS E 9 -7.73 42.38 5.99
CA LYS E 9 -8.02 42.68 7.42
C LYS E 9 -8.65 41.41 8.01
N ILE E 10 -8.11 40.91 9.13
CA ILE E 10 -8.58 39.65 9.76
C ILE E 10 -9.32 40.03 11.05
N ASP E 11 -10.61 39.68 11.12
CA ASP E 11 -11.48 39.84 12.30
C ASP E 11 -11.37 38.54 13.08
N LEU E 12 -10.40 38.53 13.98
CA LEU E 12 -9.88 37.32 14.65
C LEU E 12 -10.87 36.89 15.71
N ASP E 13 -11.46 37.88 16.44
CA ASP E 13 -12.59 37.65 17.38
C ASP E 13 -13.66 36.82 16.66
N LYS E 14 -14.08 37.26 15.46
CA LYS E 14 -15.20 36.61 14.76
C LYS E 14 -14.75 35.24 14.25
N ILE E 15 -13.54 35.15 13.70
CA ILE E 15 -13.02 33.87 13.14
C ILE E 15 -12.79 32.85 14.26
N MET E 16 -12.43 33.29 15.47
CA MET E 16 -12.22 32.39 16.62
C MET E 16 -13.56 31.85 17.12
N THR E 17 -14.56 32.72 17.26
CA THR E 17 -15.97 32.34 17.57
C THR E 17 -16.38 31.18 16.65
N LYS E 18 -16.02 31.23 15.38
CA LYS E 18 -16.44 30.21 14.38
C LYS E 18 -15.55 28.96 14.52
N MET E 19 -14.26 29.12 14.79
CA MET E 19 -13.28 28.01 14.80
C MET E 19 -13.23 27.35 16.16
N LYS E 20 -13.93 27.88 17.16
CA LYS E 20 -13.84 27.39 18.54
C LYS E 20 -14.31 25.94 18.54
N ASN E 21 -13.50 25.01 19.09
CA ASN E 21 -13.93 23.60 19.25
C ASN E 21 -14.22 22.92 17.91
N LYS E 22 -13.63 23.45 16.86
CA LYS E 22 -13.61 22.84 15.52
C LYS E 22 -12.60 21.67 15.52
N SER E 23 -13.04 20.55 14.96
CA SER E 23 -12.25 19.39 14.58
C SER E 23 -11.65 19.63 13.19
N VAL E 24 -10.39 19.28 12.97
CA VAL E 24 -9.73 19.48 11.66
C VAL E 24 -9.19 18.12 11.21
N ILE E 25 -9.88 17.49 10.27
CA ILE E 25 -9.63 16.10 9.79
C ILE E 25 -9.04 16.13 8.36
N ASN E 26 -9.56 17.02 7.50
CA ASN E 26 -9.24 17.19 6.06
C ASN E 26 -8.99 18.68 5.82
N ILE E 27 -8.20 19.05 4.82
CA ILE E 27 -7.97 20.48 4.44
C ILE E 27 -9.27 21.15 3.99
N ASP E 28 -10.27 20.41 3.56
CA ASP E 28 -11.61 20.91 3.16
C ASP E 28 -12.43 21.39 4.39
N ASP E 29 -12.02 21.08 5.61
CA ASP E 29 -12.61 21.65 6.85
C ASP E 29 -12.12 23.07 7.08
N VAL E 30 -11.17 23.58 6.29
CA VAL E 30 -10.65 24.96 6.44
C VAL E 30 -11.18 25.81 5.27
N ASP E 31 -11.96 26.85 5.56
CA ASP E 31 -12.51 27.73 4.50
C ASP E 31 -11.54 28.91 4.27
N ASP E 32 -11.90 29.84 3.39
CA ASP E 32 -10.97 30.93 2.95
C ASP E 32 -10.60 31.78 4.17
N GLU E 33 -11.59 32.15 4.97
CA GLU E 33 -11.44 33.07 6.11
C GLU E 33 -10.60 32.37 7.18
N GLU E 34 -10.83 31.08 7.40
CA GLU E 34 -10.07 30.32 8.43
C GLU E 34 -8.62 30.23 7.97
N LEU E 35 -8.42 30.06 6.67
CA LEU E 35 -7.02 29.95 6.16
C LEU E 35 -6.28 31.27 6.39
N LEU E 36 -6.90 32.38 6.07
CA LEU E 36 -6.29 33.73 6.37
C LEU E 36 -5.97 33.85 7.86
N ALA E 37 -6.89 33.46 8.76
CA ALA E 37 -6.60 33.61 10.22
C ALA E 37 -5.39 32.78 10.59
N ILE E 38 -5.32 31.55 10.10
CA ILE E 38 -4.18 30.63 10.36
C ILE E 38 -2.89 31.24 9.82
N LEU E 39 -2.91 31.74 8.58
CA LEU E 39 -1.68 32.31 7.96
C LEU E 39 -1.21 33.48 8.81
N TYR E 40 -2.12 34.38 9.16
CA TYR E 40 -1.84 35.59 9.96
C TYR E 40 -1.25 35.21 11.34
N THR E 41 -1.89 34.28 12.03
CA THR E 41 -1.53 33.91 13.41
C THR E 41 -0.19 33.20 13.39
N SER E 42 -0.01 32.32 12.41
CA SER E 42 1.28 31.61 12.22
C SER E 42 2.41 32.63 12.11
N LYS E 43 2.17 33.70 11.35
CA LYS E 43 3.22 34.72 11.12
C LYS E 43 3.53 35.42 12.45
N GLN E 44 2.53 35.69 13.26
CA GLN E 44 2.81 36.36 14.55
C GLN E 44 3.65 35.38 15.42
N PHE E 45 3.35 34.10 15.47
CA PHE E 45 4.13 33.12 16.28
C PHE E 45 5.55 33.01 15.70
N GLU E 46 5.70 33.02 14.37
CA GLU E 46 7.04 33.00 13.78
C GLU E 46 7.90 34.14 14.36
N LYS E 47 7.38 35.36 14.31
CA LYS E 47 8.11 36.57 14.75
C LYS E 47 8.29 36.58 16.27
N ILE E 48 7.28 36.19 17.05
CA ILE E 48 7.44 36.20 18.52
C ILE E 48 8.60 35.24 18.88
N LEU E 49 8.58 34.00 18.35
CA LEU E 49 9.58 32.97 18.73
C LEU E 49 10.96 33.35 18.15
N LYS E 50 11.05 33.94 16.95
CA LYS E 50 12.40 34.20 16.36
C LYS E 50 13.00 35.38 17.13
N ASN E 51 12.15 36.19 17.76
CA ASN E 51 12.60 37.36 18.58
C ASN E 51 12.62 37.06 20.08
N ASN E 52 12.46 35.79 20.52
CA ASN E 52 12.64 35.41 21.94
C ASN E 52 11.60 36.10 22.81
N GLU E 53 10.41 36.34 22.32
CA GLU E 53 9.31 36.87 23.14
C GLU E 53 8.53 35.70 23.73
N ASP E 54 7.73 36.01 24.76
CA ASP E 54 6.81 35.09 25.47
C ASP E 54 5.83 34.54 24.42
N SER E 55 5.71 33.22 24.34
CA SER E 55 4.88 32.50 23.34
C SER E 55 3.62 31.94 24.01
N LYS E 56 3.43 32.19 25.30
CA LYS E 56 2.43 31.47 26.09
C LYS E 56 1.03 32.07 25.88
N TYR E 57 0.45 31.86 24.73
CA TYR E 57 -0.88 32.42 24.37
C TYR E 57 -2.00 31.45 24.69
N LEU E 58 -1.73 30.25 25.19
CA LEU E 58 -2.76 29.21 25.43
C LEU E 58 -2.25 28.33 26.56
N GLU E 59 -2.45 28.86 27.74
CA GLU E 59 -2.15 28.26 29.04
C GLU E 59 -3.38 27.48 29.47
N ASN E 60 -3.14 26.47 30.32
CA ASN E 60 -4.10 25.76 31.19
C ASN E 60 -4.95 24.78 30.41
N LYS E 61 -4.55 24.47 29.19
CA LYS E 61 -5.17 23.35 28.43
C LYS E 61 -4.34 22.12 28.68
N VAL E 62 -5.03 20.98 28.68
CA VAL E 62 -4.40 19.64 28.72
C VAL E 62 -4.89 18.90 27.47
N PHE E 63 -3.97 18.43 26.65
CA PHE E 63 -4.26 17.61 25.45
C PHE E 63 -3.83 16.19 25.70
N CYS E 64 -4.38 15.31 24.88
CA CYS E 64 -3.86 13.95 24.67
C CYS E 64 -3.40 13.87 23.21
N SER E 65 -2.21 13.38 23.01
CA SER E 65 -1.60 13.17 21.69
C SER E 65 -1.43 11.65 21.47
N VAL E 66 -2.15 11.10 20.48
CA VAL E 66 -2.30 9.64 20.23
C VAL E 66 -1.74 9.33 18.83
N PHE E 67 -0.52 8.79 18.81
CA PHE E 67 0.25 8.43 17.60
C PHE E 67 0.34 6.91 17.56
N LEU E 68 -0.45 6.24 16.72
CA LEU E 68 -0.52 4.76 16.66
C LEU E 68 0.26 4.23 15.43
N GLU E 69 1.17 5.04 14.91
CA GLU E 69 2.33 4.57 14.09
C GLU E 69 3.52 5.45 14.46
N PRO E 70 4.76 4.98 14.19
CA PRO E 70 5.93 5.84 14.31
C PRO E 70 5.74 7.01 13.35
N SER E 71 5.97 8.22 13.83
CA SER E 71 5.73 9.48 13.08
C SER E 71 6.14 10.60 14.03
N THR E 72 7.29 10.41 14.68
CA THR E 72 8.21 11.27 15.45
C THR E 72 8.30 12.77 15.05
N ARG E 73 8.55 13.21 13.82
CA ARG E 73 8.70 14.68 13.59
C ARG E 73 7.37 15.42 13.74
N THR E 74 6.27 14.89 13.19
CA THR E 74 4.95 15.53 13.30
C THR E 74 4.55 15.49 14.80
N ARG E 75 4.85 14.41 15.50
CA ARG E 75 4.46 14.22 16.92
C ARG E 75 5.22 15.25 17.81
N CYS E 76 6.52 15.37 17.66
CA CYS E 76 7.40 16.32 18.40
C CYS E 76 7.04 17.77 18.07
N SER E 77 6.68 18.05 16.82
CA SER E 77 6.23 19.38 16.35
C SER E 77 4.93 19.78 17.06
N PHE E 78 3.98 18.87 17.12
CA PHE E 78 2.73 19.08 17.90
C PHE E 78 3.00 19.22 19.40
N ASP E 79 3.90 18.42 19.98
CA ASP E 79 4.31 18.54 21.40
C ASP E 79 4.84 19.93 21.66
N ALA E 80 5.85 20.31 20.91
CA ALA E 80 6.56 21.59 21.04
C ALA E 80 5.54 22.70 20.98
N ALA E 81 4.60 22.62 20.03
CA ALA E 81 3.63 23.69 19.82
C ALA E 81 2.78 23.89 21.10
N ILE E 82 2.27 22.80 21.62
CA ILE E 82 1.43 22.79 22.84
C ILE E 82 2.26 23.35 23.99
N LEU E 83 3.48 22.86 24.15
CA LEU E 83 4.29 23.21 25.35
C LEU E 83 4.72 24.69 25.26
N LYS E 84 5.03 25.18 24.07
CA LYS E 84 5.50 26.57 23.84
C LYS E 84 4.34 27.53 24.07
N LEU E 85 3.10 27.09 23.80
CA LEU E 85 1.87 27.86 24.02
C LEU E 85 1.57 27.94 25.53
N GLY E 86 2.16 27.03 26.30
CA GLY E 86 2.11 27.02 27.77
C GLY E 86 1.13 26.00 28.30
N SER E 87 0.60 25.13 27.43
CA SER E 87 -0.36 24.08 27.81
C SER E 87 0.39 22.78 28.05
N LYS E 88 -0.35 21.71 28.29
CA LYS E 88 0.20 20.44 28.84
C LYS E 88 -0.33 19.29 27.97
N VAL E 89 0.40 18.19 27.95
CA VAL E 89 0.06 17.08 27.01
C VAL E 89 0.47 15.75 27.61
N LEU E 90 -0.43 14.79 27.53
CA LEU E 90 -0.06 13.37 27.80
C LEU E 90 -0.03 12.63 26.44
N ASN E 91 0.92 11.71 26.32
CA ASN E 91 1.38 11.11 25.05
C ASN E 91 1.09 9.63 25.06
N ILE E 92 0.53 9.13 23.95
CA ILE E 92 0.41 7.67 23.63
C ILE E 92 1.19 7.42 22.32
N THR E 93 2.25 6.58 22.38
CA THR E 93 3.16 6.17 21.28
C THR E 93 3.68 4.76 21.57
N ASP E 94 4.61 4.23 20.76
CA ASP E 94 5.11 2.82 20.78
C ASP E 94 3.89 1.89 20.66
N MET E 95 2.80 2.43 20.12
CA MET E 95 1.50 1.73 20.09
C MET E 95 1.10 1.66 18.61
N ASN E 96 0.48 0.55 18.26
CA ASN E 96 -0.29 0.40 17.02
C ASN E 96 -1.77 0.24 17.43
N SER E 97 -2.63 0.33 16.42
CA SER E 97 -4.10 0.15 16.51
C SER E 97 -4.43 -1.01 17.47
N THR E 98 -3.94 -2.22 17.18
CA THR E 98 -4.41 -3.49 17.79
C THR E 98 -4.08 -3.51 19.29
N SER E 99 -2.89 -3.02 19.69
CA SER E 99 -2.43 -3.03 21.10
C SER E 99 -3.11 -1.92 21.90
N PHE E 100 -3.44 -0.78 21.29
CA PHE E 100 -4.12 0.33 22.01
C PHE E 100 -5.62 0.02 22.15
N TYR E 101 -6.23 -0.67 21.19
CA TYR E 101 -7.69 -0.99 21.15
C TYR E 101 -7.89 -2.45 21.63
N LYS E 102 -6.92 -3.03 22.32
CA LYS E 102 -6.96 -4.46 22.76
C LYS E 102 -8.40 -4.88 23.08
N GLY E 103 -9.15 -5.32 22.08
CA GLY E 103 -10.57 -5.71 22.24
C GLY E 103 -11.46 -4.48 22.09
N GLU E 104 -11.15 -3.39 22.79
CA GLU E 104 -12.11 -2.30 23.08
C GLU E 104 -12.39 -1.58 21.77
N THR E 105 -13.64 -1.17 21.56
CA THR E 105 -14.06 -0.39 20.37
C THR E 105 -13.40 0.98 20.40
N VAL E 106 -13.13 1.51 19.22
CA VAL E 106 -12.60 2.88 19.05
C VAL E 106 -13.59 3.86 19.69
N GLU E 107 -14.90 3.59 19.58
CA GLU E 107 -15.94 4.52 20.10
C GLU E 107 -15.89 4.59 21.65
N ASP E 108 -15.70 3.44 22.31
CA ASP E 108 -15.60 3.38 23.80
C ASP E 108 -14.36 4.18 24.17
N ALA E 109 -13.24 3.91 23.50
CA ALA E 109 -11.93 4.48 23.85
C ALA E 109 -12.00 6.00 23.76
N PHE E 110 -12.58 6.54 22.71
CA PHE E 110 -12.59 8.00 22.47
C PHE E 110 -13.65 8.67 23.35
N LYS E 111 -14.74 8.00 23.64
CA LYS E 111 -15.79 8.63 24.48
C LYS E 111 -15.20 8.88 25.88
N ILE E 112 -14.37 7.94 26.34
CA ILE E 112 -13.77 7.99 27.71
C ILE E 112 -12.60 8.98 27.67
N LEU E 113 -11.70 8.82 26.71
CA LEU E 113 -10.46 9.61 26.73
C LEU E 113 -10.82 11.11 26.64
N SER E 114 -11.89 11.45 25.91
CA SER E 114 -12.24 12.86 25.66
C SER E 114 -12.85 13.48 26.93
N THR E 115 -13.19 12.66 27.94
CA THR E 115 -13.63 13.21 29.25
C THR E 115 -12.40 13.74 29.99
N TYR E 116 -11.18 13.32 29.65
CA TYR E 116 -9.99 13.62 30.47
C TYR E 116 -9.37 14.95 30.07
N VAL E 117 -9.62 15.46 28.85
CA VAL E 117 -8.70 16.43 28.20
C VAL E 117 -9.56 17.45 27.43
N ASP E 118 -8.91 18.51 26.96
CA ASP E 118 -9.49 19.63 26.19
C ASP E 118 -9.53 19.28 24.71
N GLY E 119 -8.64 18.39 24.24
CA GLY E 119 -8.61 18.07 22.81
C GLY E 119 -7.61 16.97 22.51
N ILE E 120 -7.71 16.34 21.36
CA ILE E 120 -6.92 15.14 21.04
C ILE E 120 -6.27 15.40 19.69
N ILE E 121 -4.99 15.09 19.63
CA ILE E 121 -4.21 15.03 18.38
C ILE E 121 -4.05 13.56 18.03
N TYR E 122 -4.48 13.14 16.83
CA TYR E 122 -4.55 11.71 16.49
C TYR E 122 -3.88 11.46 15.12
N ARG E 123 -2.92 10.53 15.12
CA ARG E 123 -2.26 9.94 13.91
C ARG E 123 -2.54 8.45 13.96
N ASP E 124 -3.23 7.94 12.94
CA ASP E 124 -3.56 6.50 12.82
C ASP E 124 -3.52 6.13 11.34
N PRO E 125 -2.77 5.10 10.92
CA PRO E 125 -2.71 4.69 9.51
C PRO E 125 -4.05 4.21 8.96
N SER E 126 -5.00 3.84 9.81
CA SER E 126 -6.40 3.51 9.39
C SER E 126 -7.21 4.78 9.08
N LYS E 127 -8.02 4.83 8.03
CA LYS E 127 -8.90 6.04 7.89
C LYS E 127 -10.18 5.90 8.69
N LYS E 128 -10.72 4.68 8.78
CA LYS E 128 -11.92 4.41 9.58
C LYS E 128 -11.72 5.00 11.00
N ASN E 129 -10.60 4.69 11.65
CA ASN E 129 -10.36 5.02 13.08
C ASN E 129 -10.56 6.52 13.33
N VAL E 130 -10.02 7.41 12.51
CA VAL E 130 -10.07 8.89 12.75
C VAL E 130 -11.53 9.32 12.71
N ASP E 131 -12.28 8.89 11.69
CA ASP E 131 -13.72 9.23 11.57
C ASP E 131 -14.52 8.65 12.74
N ILE E 132 -14.21 7.46 13.21
CA ILE E 132 -14.92 6.87 14.39
C ILE E 132 -14.60 7.71 15.62
N ALA E 133 -13.34 8.07 15.81
CA ALA E 133 -12.89 8.93 16.92
C ALA E 133 -13.71 10.21 16.93
N VAL E 134 -13.89 10.83 15.77
CA VAL E 134 -14.58 12.14 15.65
C VAL E 134 -16.04 12.00 16.06
N SER E 135 -16.70 10.93 15.62
CA SER E 135 -18.10 10.64 15.97
C SER E 135 -18.26 10.39 17.48
N SER E 136 -17.26 9.83 18.13
CA SER E 136 -17.41 9.35 19.54
C SER E 136 -16.96 10.43 20.52
N SER E 137 -16.12 11.37 20.09
CA SER E 137 -15.35 12.31 20.95
C SER E 137 -16.29 13.44 21.39
N SER E 138 -16.29 13.80 22.72
CA SER E 138 -16.95 15.05 23.16
C SER E 138 -16.02 16.25 22.89
N LYS E 139 -14.77 16.01 22.48
CA LYS E 139 -13.81 17.13 22.33
C LYS E 139 -13.29 17.18 20.90
N PRO E 140 -12.75 18.33 20.47
CA PRO E 140 -12.20 18.44 19.12
C PRO E 140 -11.00 17.51 18.88
N ILE E 141 -10.91 17.01 17.64
CA ILE E 141 -9.75 16.25 17.12
C ILE E 141 -8.97 17.01 16.06
N ILE E 142 -7.63 17.02 16.17
CA ILE E 142 -6.74 17.39 15.04
C ILE E 142 -6.13 16.12 14.46
N ASN E 143 -6.43 15.82 13.21
CA ASN E 143 -5.84 14.69 12.46
C ASN E 143 -4.42 15.12 12.12
N ALA E 144 -3.46 14.39 12.63
CA ALA E 144 -2.01 14.53 12.39
C ALA E 144 -1.58 13.57 11.30
N GLY E 145 -2.51 12.91 10.58
CA GLY E 145 -2.16 12.04 9.45
C GLY E 145 -2.84 10.70 9.51
N ASN E 146 -3.53 10.29 8.44
CA ASN E 146 -4.12 8.92 8.38
C ASN E 146 -3.88 8.27 7.03
N GLY E 147 -4.36 7.03 6.87
CA GLY E 147 -4.16 6.16 5.68
C GLY E 147 -4.82 6.65 4.40
N THR E 148 -5.87 7.50 4.44
CA THR E 148 -6.47 8.14 3.25
C THR E 148 -5.59 9.26 2.70
N GLY E 149 -4.51 9.59 3.38
CA GLY E 149 -3.64 10.68 2.93
C GLY E 149 -4.10 12.03 3.47
N GLU E 150 -5.11 12.08 4.35
CA GLU E 150 -5.51 13.36 5.01
C GLU E 150 -4.42 13.71 6.03
N HIS E 151 -3.89 14.91 5.94
CA HIS E 151 -2.84 15.47 6.83
C HIS E 151 -2.92 17.00 6.81
N PRO E 152 -3.98 17.58 7.36
CA PRO E 152 -4.29 18.99 7.15
C PRO E 152 -3.18 19.95 7.58
N THR E 153 -2.46 19.65 8.64
CA THR E 153 -1.36 20.56 9.10
C THR E 153 -0.14 20.45 8.20
N GLN E 154 0.08 19.34 7.51
CA GLN E 154 1.16 19.31 6.45
C GLN E 154 0.77 20.26 5.32
N SER E 155 -0.47 20.20 4.85
CA SER E 155 -0.98 21.09 3.76
C SER E 155 -0.87 22.53 4.20
N LEU E 156 -1.30 22.81 5.43
CA LEU E 156 -1.28 24.19 5.96
C LEU E 156 0.14 24.73 6.02
N LEU E 157 1.08 23.93 6.50
CA LEU E 157 2.45 24.46 6.67
C LEU E 157 3.08 24.58 5.24
N ASP E 158 2.72 23.68 4.32
CA ASP E 158 3.17 23.75 2.91
C ASP E 158 2.72 25.08 2.30
N PHE E 159 1.43 25.38 2.48
CA PHE E 159 0.83 26.61 1.94
C PHE E 159 1.46 27.84 2.58
N TYR E 160 1.60 27.86 3.91
CA TYR E 160 2.24 28.98 4.65
C TYR E 160 3.60 29.25 4.05
N THR E 161 4.37 28.20 3.80
CA THR E 161 5.76 28.35 3.29
C THR E 161 5.72 29.07 1.92
N ILE E 162 4.89 28.60 1.02
CA ILE E 162 4.73 29.19 -0.36
C ILE E 162 4.30 30.65 -0.24
N HIS E 163 3.26 30.92 0.55
CA HIS E 163 2.68 32.26 0.72
C HIS E 163 3.76 33.21 1.21
N ASN E 164 4.74 32.72 1.99
CA ASN E 164 5.83 33.58 2.50
C ASN E 164 6.72 34.13 1.39
N TYR E 165 6.96 33.40 0.28
CA TYR E 165 7.80 33.87 -0.86
C TYR E 165 6.93 34.46 -1.94
N PHE E 166 5.68 34.01 -2.05
CA PHE E 166 4.75 34.36 -3.14
C PHE E 166 3.41 34.75 -2.55
N PRO E 167 3.31 35.90 -1.84
CA PRO E 167 2.07 36.24 -1.15
C PRO E 167 0.87 36.47 -2.08
N PHE E 168 1.12 36.73 -3.33
CA PHE E 168 0.07 36.98 -4.35
C PHE E 168 -0.81 35.73 -4.58
N ILE E 169 -0.41 34.51 -4.16
CA ILE E 169 -1.32 33.34 -4.31
C ILE E 169 -2.66 33.64 -3.61
N LEU E 170 -2.71 34.54 -2.64
CA LEU E 170 -3.97 34.73 -1.85
C LEU E 170 -4.92 35.60 -2.64
N ASP E 171 -4.47 36.33 -3.68
CA ASP E 171 -5.23 37.51 -4.20
C ASP E 171 -6.28 37.07 -5.23
N ARG E 172 -6.16 35.90 -5.83
CA ARG E 172 -7.11 35.49 -6.89
C ARG E 172 -7.09 36.58 -7.99
N ASN E 173 -5.89 37.04 -8.37
CA ASN E 173 -5.63 38.08 -9.38
C ASN E 173 -5.29 37.41 -10.75
N ILE E 174 -6.13 37.56 -11.74
CA ILE E 174 -5.99 36.84 -13.07
C ILE E 174 -4.61 37.18 -13.78
N ASN E 175 -4.00 38.31 -13.41
CA ASN E 175 -2.63 38.71 -13.83
C ASN E 175 -1.47 38.19 -12.94
N LYS E 176 -1.71 37.47 -11.85
CA LYS E 176 -0.65 37.01 -10.89
C LYS E 176 -0.88 35.51 -10.64
N LYS E 177 -0.31 34.68 -11.50
CA LYS E 177 -0.47 33.21 -11.46
C LYS E 177 0.76 32.61 -10.78
N LEU E 178 0.59 31.64 -9.90
CA LEU E 178 1.67 30.81 -9.36
C LEU E 178 1.75 29.51 -10.14
N ASN E 179 2.98 29.13 -10.51
CA ASN E 179 3.30 27.92 -11.28
C ASN E 179 4.06 27.03 -10.35
N ILE E 180 3.58 25.80 -10.16
CA ILE E 180 4.28 24.87 -9.22
C ILE E 180 4.55 23.57 -9.95
N ALA E 181 5.69 22.95 -9.69
CA ALA E 181 6.00 21.58 -10.17
C ALA E 181 6.00 20.65 -8.98
N PHE E 182 5.20 19.61 -9.07
CA PHE E 182 5.20 18.42 -8.20
C PHE E 182 6.01 17.33 -8.93
N VAL E 183 7.01 16.79 -8.26
CA VAL E 183 8.07 15.92 -8.82
C VAL E 183 8.16 14.64 -7.98
N GLY E 184 8.09 13.48 -8.64
CA GLY E 184 8.49 12.20 -8.06
C GLY E 184 7.38 11.20 -8.13
N ASP E 185 7.02 10.61 -7.00
CA ASP E 185 5.91 9.64 -6.87
C ASP E 185 4.62 10.40 -6.55
N LEU E 186 3.91 10.78 -7.61
CA LEU E 186 2.65 11.57 -7.54
C LEU E 186 1.48 10.66 -7.23
N LYS E 187 1.64 9.34 -7.40
CA LYS E 187 0.58 8.37 -7.04
C LYS E 187 0.53 8.22 -5.52
N ASN E 188 1.67 7.99 -4.88
CA ASN E 188 1.73 7.63 -3.42
C ASN E 188 2.10 8.85 -2.57
N GLY E 189 2.49 9.97 -3.17
CA GLY E 189 2.69 11.26 -2.47
C GLY E 189 1.39 11.94 -2.09
N ARG E 190 0.73 11.55 -0.99
CA ARG E 190 -0.60 12.08 -0.63
C ARG E 190 -0.52 13.54 -0.21
N THR E 191 0.66 14.01 0.14
CA THR E 191 0.79 15.44 0.52
C THR E 191 0.73 16.30 -0.73
N VAL E 192 1.01 15.72 -1.89
CA VAL E 192 0.81 16.40 -3.20
C VAL E 192 -0.70 16.52 -3.45
N HIS E 193 -1.42 15.45 -3.15
CA HIS E 193 -2.88 15.34 -3.38
C HIS E 193 -3.55 16.46 -2.55
N SER E 194 -3.17 16.58 -1.29
CA SER E 194 -3.81 17.49 -0.31
C SER E 194 -3.47 18.96 -0.64
N LEU E 195 -2.23 19.23 -0.92
CA LEU E 195 -1.73 20.59 -1.23
C LEU E 195 -2.29 21.03 -2.58
N SER E 196 -2.32 20.12 -3.55
CA SER E 196 -2.98 20.37 -4.87
C SER E 196 -4.41 20.89 -4.72
N LYS E 197 -5.21 20.18 -3.95
CA LYS E 197 -6.64 20.54 -3.75
C LYS E 197 -6.70 21.93 -3.11
N LEU E 198 -5.79 22.23 -2.16
CA LEU E 198 -5.87 23.56 -1.48
C LEU E 198 -5.36 24.63 -2.44
N LEU E 199 -4.28 24.39 -3.19
CA LEU E 199 -3.73 25.42 -4.12
C LEU E 199 -4.72 25.74 -5.25
N SER E 200 -5.59 24.80 -5.62
CA SER E 200 -6.48 24.89 -6.81
C SER E 200 -7.67 25.79 -6.52
N ARG E 201 -7.80 26.25 -5.28
CA ARG E 201 -8.76 27.31 -4.85
C ARG E 201 -8.26 28.69 -5.29
N TYR E 202 -7.04 28.78 -5.80
CA TYR E 202 -6.31 30.03 -6.12
C TYR E 202 -5.87 30.00 -7.61
N ASN E 203 -5.20 31.07 -8.03
CA ASN E 203 -4.71 31.23 -9.40
C ASN E 203 -3.43 30.41 -9.51
N VAL E 204 -3.54 29.11 -9.84
CA VAL E 204 -2.34 28.24 -9.86
C VAL E 204 -2.33 27.37 -11.11
N SER E 205 -1.15 27.18 -11.72
CA SER E 205 -0.94 26.16 -12.77
C SER E 205 0.08 25.14 -12.31
N PHE E 206 -0.11 23.90 -12.74
CA PHE E 206 0.56 22.71 -12.17
C PHE E 206 1.32 21.95 -13.25
N ASN E 207 2.59 21.68 -12.98
CA ASN E 207 3.48 20.74 -13.67
C ASN E 207 3.64 19.47 -12.83
N PHE E 208 3.05 18.37 -13.29
CA PHE E 208 3.13 17.03 -12.67
C PHE E 208 4.21 16.23 -13.41
N VAL E 209 5.30 16.02 -12.69
CA VAL E 209 6.57 15.42 -13.23
C VAL E 209 6.75 14.05 -12.59
N SER E 210 6.52 12.99 -13.35
CA SER E 210 6.51 11.57 -12.93
C SER E 210 6.72 10.68 -14.15
N CYS E 211 7.15 9.44 -13.95
CA CYS E 211 7.16 8.37 -14.98
C CYS E 211 5.90 7.54 -14.64
N LYS E 212 5.38 6.70 -15.54
CA LYS E 212 3.93 6.57 -15.89
C LYS E 212 3.10 5.84 -14.85
N SER E 213 3.58 4.75 -14.28
CA SER E 213 2.89 3.99 -13.20
C SER E 213 2.68 4.83 -11.91
N LEU E 214 3.34 5.98 -11.78
CA LEU E 214 3.34 6.81 -10.55
C LEU E 214 2.83 8.24 -10.79
N ASN E 215 1.83 8.36 -11.67
CA ASN E 215 1.33 9.66 -12.16
C ASN E 215 0.30 10.13 -11.14
N ILE E 216 -0.06 11.38 -11.26
CA ILE E 216 -1.12 11.98 -10.39
C ILE E 216 -2.40 11.24 -10.70
N PRO E 217 -3.24 10.83 -9.72
CA PRO E 217 -4.48 10.13 -10.08
C PRO E 217 -5.54 11.07 -10.67
N LYS E 218 -6.39 10.51 -11.51
CA LYS E 218 -7.36 11.32 -12.28
C LYS E 218 -8.28 12.01 -11.23
N ASP E 219 -8.69 11.33 -10.15
CA ASP E 219 -9.63 11.99 -9.20
C ASP E 219 -9.07 13.32 -8.64
N ILE E 220 -7.74 13.46 -8.51
CA ILE E 220 -7.11 14.73 -8.08
C ILE E 220 -7.15 15.74 -9.26
N VAL E 221 -6.80 15.28 -10.46
CA VAL E 221 -6.90 16.14 -11.67
C VAL E 221 -8.32 16.71 -11.79
N ASN E 222 -9.34 15.87 -11.51
CA ASN E 222 -10.76 16.32 -11.63
C ASN E 222 -11.07 17.37 -10.56
N THR E 223 -10.56 17.16 -9.36
CA THR E 223 -10.78 18.06 -8.23
C THR E 223 -10.10 19.42 -8.45
N ILE E 224 -8.87 19.38 -8.96
CA ILE E 224 -8.09 20.61 -9.34
C ILE E 224 -8.89 21.38 -10.43
N THR E 225 -9.37 20.69 -11.44
CA THR E 225 -10.03 21.29 -12.65
C THR E 225 -11.38 21.97 -12.30
N TYR E 226 -12.19 21.29 -11.46
CA TYR E 226 -13.44 21.85 -10.88
C TYR E 226 -13.11 23.09 -10.01
N ASN E 227 -12.06 23.08 -9.19
CA ASN E 227 -11.72 24.21 -8.29
C ASN E 227 -11.33 25.43 -9.27
N LEU E 228 -10.52 25.14 -10.28
CA LEU E 228 -9.87 26.23 -11.08
C LEU E 228 -10.99 26.82 -11.96
N LYS E 229 -11.76 25.94 -12.58
CA LYS E 229 -13.02 26.34 -13.29
C LYS E 229 -13.90 27.25 -12.40
N LYS E 230 -14.06 26.91 -11.13
CA LYS E 230 -15.05 27.60 -10.26
C LYS E 230 -14.61 29.05 -10.06
N ASN E 231 -13.31 29.35 -10.09
CA ASN E 231 -12.78 30.73 -9.95
C ASN E 231 -12.37 31.33 -11.28
N ASN E 232 -12.75 30.67 -12.40
CA ASN E 232 -12.48 31.13 -13.76
C ASN E 232 -10.97 31.30 -13.94
N PHE E 233 -10.16 30.31 -13.36
CA PHE E 233 -8.71 30.22 -13.68
C PHE E 233 -8.34 28.88 -14.34
N TYR E 234 -9.31 28.16 -14.88
CA TYR E 234 -9.00 26.96 -15.73
C TYR E 234 -8.74 27.36 -17.20
N SER E 235 -7.65 26.84 -17.77
CA SER E 235 -7.35 26.82 -19.25
C SER E 235 -6.59 25.53 -19.58
N ASP E 236 -6.37 25.29 -20.88
CA ASP E 236 -5.74 24.04 -21.38
C ASP E 236 -4.29 23.99 -20.86
N ASP E 237 -3.78 25.16 -20.44
CA ASP E 237 -2.41 25.35 -19.86
C ASP E 237 -2.43 25.23 -18.33
N SER E 238 -3.57 24.94 -17.70
CA SER E 238 -3.66 24.88 -16.21
C SER E 238 -2.83 23.71 -15.69
N ILE E 239 -2.87 22.58 -16.40
CA ILE E 239 -2.30 21.27 -15.93
C ILE E 239 -1.43 20.72 -17.05
N LYS E 240 -0.12 20.63 -16.80
CA LYS E 240 0.87 20.08 -17.76
C LYS E 240 1.50 18.84 -17.12
N TYR E 241 1.86 17.87 -17.96
CA TYR E 241 2.43 16.55 -17.59
C TYR E 241 3.77 16.37 -18.28
N PHE E 242 4.81 16.08 -17.52
CA PHE E 242 6.17 15.81 -18.04
C PHE E 242 6.70 14.53 -17.41
N ASP E 243 7.67 13.95 -18.09
CA ASP E 243 8.40 12.73 -17.62
C ASP E 243 9.86 13.09 -17.36
N ASN E 244 10.24 14.38 -17.34
CA ASN E 244 11.65 14.83 -17.14
C ASN E 244 11.73 16.24 -16.54
N LEU E 245 12.79 16.48 -15.77
CA LEU E 245 13.02 17.67 -14.91
C LEU E 245 13.24 18.87 -15.83
N GLU E 246 14.10 18.67 -16.82
CA GLU E 246 14.58 19.70 -17.76
C GLU E 246 13.42 20.57 -18.24
N GLU E 247 12.32 19.96 -18.68
CA GLU E 247 11.08 20.67 -19.11
C GLU E 247 10.19 21.00 -17.90
N GLY E 248 10.03 20.05 -16.97
CA GLY E 248 9.10 20.19 -15.83
C GLY E 248 9.40 21.39 -14.95
N LEU E 249 10.66 21.78 -14.84
CA LEU E 249 11.19 22.73 -13.83
C LEU E 249 11.24 24.13 -14.40
N GLU E 250 10.87 24.29 -15.67
CA GLU E 250 10.99 25.58 -16.38
C GLU E 250 9.82 26.46 -15.93
N ASP E 251 10.07 27.72 -15.63
CA ASP E 251 9.05 28.75 -15.28
C ASP E 251 8.11 28.28 -14.13
N VAL E 252 8.62 27.63 -13.10
CA VAL E 252 7.84 27.32 -11.87
C VAL E 252 8.44 28.11 -10.71
N HIS E 253 7.57 28.78 -9.96
CA HIS E 253 7.91 29.53 -8.72
C HIS E 253 8.27 28.56 -7.62
N ILE E 254 7.63 27.40 -7.62
CA ILE E 254 7.82 26.38 -6.54
C ILE E 254 8.15 25.04 -7.18
N ILE E 255 9.18 24.36 -6.68
CA ILE E 255 9.41 22.91 -6.94
C ILE E 255 9.11 22.12 -5.66
N TYR E 256 8.20 21.15 -5.70
CA TYR E 256 7.81 20.34 -4.52
C TYR E 256 8.16 18.89 -4.83
N MET E 257 9.21 18.41 -4.17
CA MET E 257 9.81 17.08 -4.35
C MET E 257 9.14 16.16 -3.37
N THR E 258 8.93 14.89 -3.79
CA THR E 258 8.26 13.86 -2.97
C THR E 258 9.29 12.80 -2.58
N ARG E 259 8.91 11.94 -1.64
CA ARG E 259 9.67 10.75 -1.24
C ARG E 259 9.60 9.72 -2.39
N ILE E 260 10.73 9.06 -2.66
CA ILE E 260 10.87 7.89 -3.56
C ILE E 260 11.35 6.72 -2.71
N GLN E 261 10.40 5.87 -2.30
CA GLN E 261 10.66 4.62 -1.52
C GLN E 261 10.79 3.40 -2.46
N LYS E 262 11.75 2.53 -2.15
CA LYS E 262 11.95 1.18 -2.77
C LYS E 262 10.64 0.38 -2.92
N GLU E 263 9.71 0.46 -1.95
CA GLU E 263 8.73 -0.65 -1.64
C GLU E 263 7.61 -0.74 -2.71
N ARG E 264 7.59 0.16 -3.72
CA ARG E 264 6.43 0.27 -4.65
C ARG E 264 6.84 0.00 -6.10
N PHE E 265 7.94 -0.71 -6.28
CA PHE E 265 8.49 -1.16 -7.57
C PHE E 265 8.54 -2.70 -7.54
N THR E 266 8.76 -3.34 -8.70
CA THR E 266 9.01 -4.80 -8.82
C THR E 266 10.28 -5.13 -8.03
N ASP E 267 11.42 -4.53 -8.43
CA ASP E 267 12.77 -4.79 -7.86
C ASP E 267 13.48 -3.45 -7.58
N VAL E 268 14.78 -3.52 -7.32
CA VAL E 268 15.70 -2.40 -7.00
C VAL E 268 16.11 -1.71 -8.31
N ASP E 269 16.38 -2.48 -9.37
CA ASP E 269 16.65 -1.98 -10.75
C ASP E 269 15.68 -0.81 -11.00
N GLU E 270 14.40 -1.13 -10.91
CA GLU E 270 13.32 -0.19 -11.27
C GLU E 270 13.38 0.94 -10.24
N TYR E 271 13.40 0.65 -8.94
CA TYR E 271 13.55 1.69 -7.87
C TYR E 271 14.65 2.69 -8.27
N ASN E 272 15.90 2.19 -8.35
CA ASN E 272 17.13 2.99 -8.60
C ASN E 272 17.09 3.64 -9.99
N GLN E 273 16.25 3.15 -10.93
CA GLN E 273 15.97 3.79 -12.24
C GLN E 273 15.17 5.07 -12.00
N TYR E 274 14.11 4.92 -11.22
CA TYR E 274 13.11 5.99 -10.94
C TYR E 274 13.74 7.03 -10.02
N LYS E 275 14.14 6.63 -8.80
CA LYS E 275 15.30 7.27 -8.11
C LYS E 275 16.22 7.64 -9.25
N ASN E 276 17.02 8.69 -9.14
CA ASN E 276 18.13 8.94 -10.13
C ASN E 276 17.58 9.72 -11.33
N ALA E 277 16.38 9.38 -11.81
CA ALA E 277 15.69 10.12 -12.89
C ALA E 277 15.23 11.46 -12.34
N PHE E 278 14.67 11.45 -11.11
CA PHE E 278 14.14 12.68 -10.45
C PHE E 278 14.96 13.07 -9.22
N ILE E 279 16.29 12.98 -9.30
CA ILE E 279 17.22 13.53 -8.28
C ILE E 279 17.42 15.01 -8.56
N LEU E 280 17.38 15.83 -7.53
CA LEU E 280 17.58 17.31 -7.64
C LEU E 280 19.03 17.63 -7.27
N SER E 281 19.78 18.25 -8.19
CA SER E 281 21.18 18.70 -8.04
C SER E 281 21.28 20.20 -8.36
N ASN E 282 22.38 20.85 -7.97
CA ASN E 282 22.62 22.26 -8.35
C ASN E 282 22.59 22.35 -9.89
N LYS E 283 23.10 21.31 -10.57
CA LYS E 283 23.16 21.26 -12.06
C LYS E 283 21.73 21.34 -12.61
N THR E 284 20.85 20.43 -12.19
CA THR E 284 19.44 20.38 -12.70
C THR E 284 18.64 21.60 -12.25
N LEU E 285 19.24 22.60 -11.60
CA LEU E 285 18.50 23.79 -11.08
C LEU E 285 18.96 25.07 -11.74
N GLU E 286 19.98 25.01 -12.60
CA GLU E 286 20.63 26.21 -13.22
C GLU E 286 19.64 27.00 -14.10
N ASN E 287 18.70 26.33 -14.77
CA ASN E 287 17.76 27.00 -15.71
C ASN E 287 16.34 27.04 -15.12
N THR E 288 16.22 27.13 -13.81
CA THR E 288 14.93 27.46 -13.11
C THR E 288 14.87 28.97 -12.96
N ARG E 289 13.69 29.50 -12.62
CA ARG E 289 13.58 30.93 -12.28
C ARG E 289 14.57 31.24 -11.18
N ASP E 290 15.00 32.49 -11.04
CA ASP E 290 15.94 32.82 -9.94
C ASP E 290 15.17 32.84 -8.63
N ASP E 291 13.83 32.96 -8.70
CA ASP E 291 12.95 33.15 -7.52
C ASP E 291 12.37 31.82 -7.07
N THR E 292 12.65 30.73 -7.80
CA THR E 292 12.09 29.41 -7.45
C THR E 292 12.49 29.04 -6.03
N LYS E 293 11.55 28.47 -5.26
CA LYS E 293 11.84 27.87 -3.93
C LYS E 293 11.54 26.38 -4.04
N ILE E 294 12.31 25.60 -3.28
CA ILE E 294 12.26 24.12 -3.26
C ILE E 294 11.68 23.65 -1.92
N LEU E 295 10.55 22.99 -1.98
CA LEU E 295 9.94 22.32 -0.82
C LEU E 295 10.12 20.80 -0.97
N HIS E 296 9.94 20.12 0.16
CA HIS E 296 9.97 18.66 0.31
C HIS E 296 9.41 18.37 1.69
N PRO E 297 8.40 17.49 1.85
CA PRO E 297 7.79 17.27 3.17
C PRO E 297 8.71 16.53 4.15
N LEU E 298 9.78 15.99 3.61
CA LEU E 298 10.87 15.21 4.27
C LEU E 298 10.31 13.87 4.70
N PRO E 299 11.16 12.88 5.03
CA PRO E 299 12.61 12.97 4.84
C PRO E 299 13.08 12.92 3.37
N ARG E 300 14.18 13.62 3.11
CA ARG E 300 14.87 13.80 1.83
C ARG E 300 16.07 12.85 1.93
N VAL E 301 16.29 11.98 0.94
CA VAL E 301 17.39 10.97 0.95
C VAL E 301 18.25 11.26 -0.29
N ASN E 302 17.88 10.67 -1.41
CA ASN E 302 18.57 10.84 -2.72
C ASN E 302 17.56 11.50 -3.70
N GLU E 303 16.34 11.92 -3.29
CA GLU E 303 15.52 12.92 -4.05
C GLU E 303 16.29 14.21 -4.21
N ILE E 304 17.00 14.66 -3.18
CA ILE E 304 17.70 15.97 -3.11
C ILE E 304 19.11 15.75 -2.55
N LYS E 305 20.12 16.13 -3.36
CA LYS E 305 21.55 16.00 -2.98
C LYS E 305 21.88 17.03 -1.90
N VAL E 306 22.74 16.66 -0.97
CA VAL E 306 23.16 17.52 0.19
C VAL E 306 23.68 18.86 -0.36
N GLU E 307 24.25 18.91 -1.59
CA GLU E 307 24.88 20.15 -2.10
C GLU E 307 23.79 21.22 -2.29
N VAL E 308 22.55 20.80 -2.49
CA VAL E 308 21.37 21.71 -2.73
C VAL E 308 21.00 22.49 -1.46
N ASP E 309 21.39 21.99 -0.28
CA ASP E 309 21.07 22.62 1.05
C ASP E 309 21.71 24.03 1.12
N SER E 310 22.81 24.25 0.41
CA SER E 310 23.57 25.53 0.37
C SER E 310 22.99 26.45 -0.70
N ASN E 311 22.17 25.92 -1.59
CA ASN E 311 21.53 26.71 -2.68
C ASN E 311 20.42 27.55 -2.03
N PRO E 312 20.40 28.89 -2.24
CA PRO E 312 19.40 29.76 -1.63
C PRO E 312 17.97 29.47 -2.11
N LYS E 313 17.81 28.60 -3.14
CA LYS E 313 16.45 28.21 -3.55
C LYS E 313 15.87 27.19 -2.55
N SER E 314 16.69 26.56 -1.72
CA SER E 314 16.26 25.43 -0.85
C SER E 314 15.57 26.03 0.39
N VAL E 315 14.31 25.67 0.66
CA VAL E 315 13.61 26.10 1.89
C VAL E 315 12.99 24.91 2.65
N TYR E 316 13.32 23.67 2.33
CA TYR E 316 12.60 22.50 2.89
C TYR E 316 12.83 22.35 4.42
N PHE E 317 13.93 22.85 4.95
CA PHE E 317 14.20 22.92 6.41
C PHE E 317 13.46 24.10 7.02
N THR E 318 13.39 25.27 6.40
CA THR E 318 12.42 26.32 6.83
C THR E 318 11.01 25.73 6.85
N GLN E 319 10.61 25.00 5.82
CA GLN E 319 9.24 24.42 5.68
C GLN E 319 8.91 23.60 6.95
N ALA E 320 9.80 22.71 7.36
CA ALA E 320 9.61 21.82 8.51
C ALA E 320 9.56 22.67 9.79
N GLU E 321 10.41 23.67 9.90
CA GLU E 321 10.39 24.66 10.98
C GLU E 321 9.02 25.32 11.04
N ASN E 322 8.43 25.66 9.89
CA ASN E 322 7.13 26.39 9.81
C ASN E 322 5.99 25.61 10.46
N GLY E 323 6.08 24.29 10.48
CA GLY E 323 5.09 23.44 11.12
C GLY E 323 4.89 23.80 12.60
N LEU E 324 5.93 24.23 13.31
CA LEU E 324 5.81 24.68 14.72
C LEU E 324 4.84 25.87 14.75
N TYR E 325 5.02 26.89 13.89
CA TYR E 325 4.26 28.15 13.96
C TYR E 325 2.81 27.89 13.57
N VAL E 326 2.61 27.05 12.54
CA VAL E 326 1.27 26.72 12.00
C VAL E 326 0.50 25.87 13.01
N ARG E 327 1.14 24.91 13.66
CA ARG E 327 0.46 24.10 14.71
C ARG E 327 0.18 24.98 15.92
N MET E 328 1.07 25.89 16.34
CA MET E 328 0.74 26.82 17.46
C MET E 328 -0.49 27.63 17.05
N ALA E 329 -0.53 28.15 15.80
CA ALA E 329 -1.64 28.99 15.34
C ALA E 329 -2.92 28.24 15.43
N LEU E 330 -2.96 27.04 14.85
CA LEU E 330 -4.23 26.28 14.76
C LEU E 330 -4.72 25.94 16.15
N LEU E 331 -3.81 25.60 17.07
CA LEU E 331 -4.22 25.20 18.45
C LEU E 331 -4.78 26.42 19.16
N TYR E 332 -4.13 27.58 18.99
CA TYR E 332 -4.59 28.84 19.61
C TYR E 332 -6.03 29.16 19.13
N LEU E 333 -6.26 29.12 17.84
CA LEU E 333 -7.56 29.54 17.23
C LEU E 333 -8.67 28.53 17.63
N ILE E 334 -8.40 27.26 17.74
CA ILE E 334 -9.47 26.27 18.08
C ILE E 334 -9.75 26.21 19.57
N PHE E 335 -8.71 26.24 20.40
CA PHE E 335 -8.86 25.80 21.81
C PHE E 335 -8.86 26.97 22.73
N SER E 336 -8.63 28.21 22.28
CA SER E 336 -8.77 29.39 23.18
C SER E 336 -10.15 29.38 23.84
N SER E 337 -10.22 29.71 25.15
CA SER E 337 -11.44 29.38 25.95
C SER E 337 -12.53 30.37 25.52
N THR E 338 -12.14 31.59 25.13
CA THR E 338 -12.69 32.40 23.99
C THR E 338 -11.72 33.52 23.71
N SER E 339 -12.15 34.57 23.00
CA SER E 339 -11.29 35.70 22.60
C SER E 339 -11.78 37.04 23.21
N SER E 340 -10.80 37.90 23.50
CA SER E 340 -10.89 39.37 23.67
C SER E 340 -9.84 40.04 22.77
N ALA E 341 -10.05 41.31 22.44
CA ALA E 341 -9.35 42.07 21.38
C ALA E 341 -7.88 42.28 21.75
N TRP E 342 -7.56 42.44 23.03
CA TRP E 342 -6.20 42.74 23.57
C TRP E 342 -5.33 41.46 23.65
N SER E 343 -5.86 40.26 23.56
CA SER E 343 -5.14 39.02 23.99
C SER E 343 -4.33 38.40 22.84
N HIS E 344 -4.56 38.78 21.59
CA HIS E 344 -4.12 37.97 20.40
C HIS E 344 -2.63 38.20 20.12
N PRO E 345 -1.93 37.13 19.67
CA PRO E 345 -0.53 37.21 19.32
C PRO E 345 -0.30 38.18 18.17
N GLN E 346 0.72 39.02 18.35
CA GLN E 346 1.05 40.20 17.49
C GLN E 346 2.56 40.46 17.59
N PHE E 347 3.20 40.89 16.51
CA PHE E 347 4.61 41.33 16.60
C PHE E 347 4.69 42.85 16.81
N PHE F 2 29.42 37.87 46.96
CA PHE F 2 28.06 37.28 46.78
C PHE F 2 28.20 35.76 46.69
N TYR F 3 28.63 35.24 45.53
CA TYR F 3 28.87 33.79 45.29
C TYR F 3 30.32 33.52 45.67
N ILE F 4 30.48 32.67 46.68
CA ILE F 4 31.78 32.12 47.14
C ILE F 4 31.57 30.62 47.29
N ASN F 5 32.68 29.86 47.37
CA ASN F 5 32.73 28.39 47.63
C ASN F 5 33.52 28.12 48.92
N SER F 6 33.34 28.99 49.92
CA SER F 6 34.10 29.15 51.20
C SER F 6 35.23 30.16 51.04
N LYS F 7 35.95 30.14 49.92
CA LYS F 7 37.26 30.85 49.76
C LYS F 7 37.29 31.67 48.45
N TYR F 8 36.70 31.13 47.38
CA TYR F 8 36.89 31.59 45.98
C TYR F 8 35.59 32.23 45.50
N LYS F 9 35.70 33.52 45.17
CA LYS F 9 34.59 34.39 44.71
C LYS F 9 34.30 34.07 43.24
N ILE F 10 33.04 33.79 42.93
CA ILE F 10 32.55 33.40 41.58
C ILE F 10 31.71 34.59 41.08
N ASP F 11 32.10 35.15 39.94
CA ASP F 11 31.29 36.14 39.17
C ASP F 11 30.39 35.35 38.22
N LEU F 12 29.20 35.04 38.70
CA LEU F 12 28.24 34.07 38.11
C LEU F 12 27.63 34.72 36.84
N ASP F 13 27.27 36.02 36.92
CA ASP F 13 26.89 36.84 35.75
C ASP F 13 27.90 36.63 34.62
N LYS F 14 29.18 36.80 34.91
CA LYS F 14 30.24 36.76 33.87
C LYS F 14 30.41 35.32 33.39
N ILE F 15 30.40 34.36 34.30
CA ILE F 15 30.57 32.92 33.94
C ILE F 15 29.36 32.42 33.14
N MET F 16 28.16 32.94 33.38
CA MET F 16 26.94 32.55 32.64
C MET F 16 26.97 33.15 31.23
N THR F 17 27.37 34.42 31.08
CA THR F 17 27.64 35.08 29.77
C THR F 17 28.54 34.16 28.93
N LYS F 18 29.52 33.53 29.55
CA LYS F 18 30.47 32.64 28.84
C LYS F 18 29.84 31.26 28.57
N MET F 19 29.03 30.73 29.48
CA MET F 19 28.49 29.34 29.38
C MET F 19 27.18 29.36 28.60
N LYS F 20 26.65 30.52 28.26
CA LYS F 20 25.29 30.64 27.64
C LYS F 20 25.33 29.87 26.32
N ASN F 21 24.39 28.95 26.10
CA ASN F 21 24.26 28.22 24.80
C ASN F 21 25.52 27.42 24.46
N LYS F 22 26.24 27.03 25.49
CA LYS F 22 27.35 26.06 25.45
C LYS F 22 26.77 24.66 25.26
N SER F 23 27.37 23.86 24.42
CA SER F 23 27.16 22.40 24.35
C SER F 23 28.12 21.73 25.32
N VAL F 24 27.69 20.68 26.00
CA VAL F 24 28.57 19.97 26.97
C VAL F 24 28.54 18.50 26.58
N ILE F 25 29.63 18.07 25.95
CA ILE F 25 29.78 16.74 25.31
C ILE F 25 30.74 15.87 26.15
N ASN F 26 31.82 16.49 26.65
CA ASN F 26 33.00 15.90 27.32
C ASN F 26 33.23 16.72 28.59
N ILE F 27 33.86 16.14 29.60
CA ILE F 27 34.19 16.88 30.85
C ILE F 27 35.20 18.01 30.57
N ASP F 28 36.04 17.87 29.55
CA ASP F 28 37.05 18.90 29.16
C ASP F 28 36.41 20.15 28.57
N ASP F 29 35.11 20.14 28.24
CA ASP F 29 34.37 21.36 27.82
C ASP F 29 34.05 22.25 29.02
N VAL F 30 34.27 21.77 30.26
CA VAL F 30 34.06 22.54 31.51
C VAL F 30 35.41 22.98 32.09
N ASP F 31 35.65 24.27 32.21
CA ASP F 31 36.93 24.81 32.73
C ASP F 31 36.80 25.02 34.25
N ASP F 32 37.85 25.51 34.89
CA ASP F 32 37.93 25.68 36.37
C ASP F 32 36.74 26.54 36.85
N GLU F 33 36.52 27.67 36.20
CA GLU F 33 35.51 28.68 36.63
C GLU F 33 34.13 28.08 36.40
N GLU F 34 33.92 27.36 35.32
CA GLU F 34 32.57 26.77 35.01
C GLU F 34 32.30 25.70 36.08
N LEU F 35 33.33 24.97 36.49
CA LEU F 35 33.16 23.90 37.50
C LEU F 35 32.74 24.55 38.84
N LEU F 36 33.38 25.64 39.24
CA LEU F 36 32.96 26.38 40.46
C LEU F 36 31.52 26.84 40.32
N ALA F 37 31.11 27.37 39.18
CA ALA F 37 29.71 27.84 38.98
C ALA F 37 28.76 26.66 39.17
N ILE F 38 29.10 25.53 38.59
CA ILE F 38 28.30 24.29 38.69
C ILE F 38 28.23 23.83 40.14
N LEU F 39 29.37 23.78 40.82
CA LEU F 39 29.41 23.30 42.24
C LEU F 39 28.53 24.20 43.09
N TYR F 40 28.67 25.51 42.92
CA TYR F 40 27.91 26.54 43.65
C TYR F 40 26.42 26.40 43.38
N THR F 41 26.04 26.31 42.11
CA THR F 41 24.62 26.32 41.71
C THR F 41 23.97 25.03 42.18
N SER F 42 24.70 23.92 42.04
CA SER F 42 24.24 22.59 42.50
C SER F 42 23.88 22.68 43.98
N LYS F 43 24.77 23.34 44.75
CA LYS F 43 24.59 23.44 46.22
C LYS F 43 23.32 24.27 46.50
N GLN F 44 23.08 25.34 45.76
CA GLN F 44 21.87 26.15 45.98
C GLN F 44 20.65 25.26 45.68
N PHE F 45 20.62 24.50 44.62
CA PHE F 45 19.46 23.64 44.29
C PHE F 45 19.31 22.55 45.36
N GLU F 46 20.38 21.99 45.83
CA GLU F 46 20.30 20.96 46.89
C GLU F 46 19.57 21.57 48.12
N LYS F 47 19.99 22.73 48.58
CA LYS F 47 19.41 23.42 49.77
C LYS F 47 18.00 23.91 49.50
N ILE F 48 17.72 24.45 48.33
CA ILE F 48 16.35 24.95 48.04
C ILE F 48 15.40 23.74 48.12
N LEU F 49 15.73 22.64 47.44
CA LEU F 49 14.86 21.44 47.42
C LEU F 49 14.79 20.78 48.81
N LYS F 50 15.85 20.75 49.63
CA LYS F 50 15.80 20.06 50.93
C LYS F 50 14.92 20.92 51.87
N ASN F 51 14.78 22.23 51.58
CA ASN F 51 13.94 23.17 52.35
C ASN F 51 12.55 23.39 51.73
N ASN F 52 12.19 22.72 50.64
CA ASN F 52 10.84 22.84 50.01
C ASN F 52 10.61 24.29 49.58
N GLU F 53 11.66 24.97 49.13
CA GLU F 53 11.50 26.32 48.53
C GLU F 53 11.23 26.17 47.04
N ASP F 54 10.69 27.23 46.44
CA ASP F 54 10.53 27.49 45.01
C ASP F 54 11.81 27.09 44.24
N SER F 55 11.71 26.15 43.29
CA SER F 55 12.89 25.63 42.55
C SER F 55 12.92 26.20 41.14
N LYS F 56 11.92 26.98 40.80
CA LYS F 56 11.57 27.28 39.38
C LYS F 56 12.44 28.42 38.89
N TYR F 57 13.74 28.20 38.71
CA TYR F 57 14.68 29.26 38.29
C TYR F 57 14.88 29.22 36.76
N LEU F 58 14.22 28.35 36.01
CA LEU F 58 14.35 28.31 34.52
C LEU F 58 12.99 27.90 33.97
N GLU F 59 12.14 28.92 33.91
CA GLU F 59 10.77 28.80 33.39
C GLU F 59 10.86 29.10 31.90
N ASN F 60 9.86 28.64 31.17
CA ASN F 60 9.54 29.14 29.80
C ASN F 60 10.38 28.46 28.74
N LYS F 61 11.21 27.51 29.09
CA LYS F 61 11.97 26.71 28.10
C LYS F 61 11.25 25.40 27.77
N VAL F 62 11.47 24.95 26.53
CA VAL F 62 11.04 23.61 26.02
C VAL F 62 12.28 22.88 25.51
N PHE F 63 12.50 21.70 26.04
CA PHE F 63 13.61 20.81 25.70
C PHE F 63 13.06 19.61 24.95
N CYS F 64 13.95 19.00 24.19
CA CYS F 64 13.75 17.64 23.68
C CYS F 64 14.78 16.72 24.35
N SER F 65 14.33 15.60 24.83
CA SER F 65 15.18 14.54 25.42
C SER F 65 15.14 13.31 24.52
N VAL F 66 16.31 12.94 23.98
CA VAL F 66 16.47 11.85 22.96
C VAL F 66 17.36 10.76 23.56
N PHE F 67 16.74 9.69 24.03
CA PHE F 67 17.43 8.53 24.64
C PHE F 67 17.27 7.33 23.71
N LEU F 68 18.33 7.00 22.96
CA LEU F 68 18.32 5.93 21.91
C LEU F 68 19.06 4.70 22.44
N GLU F 69 19.22 4.58 23.75
CA GLU F 69 19.31 3.27 24.45
C GLU F 69 18.54 3.38 25.74
N PRO F 70 18.08 2.26 26.33
CA PRO F 70 17.47 2.29 27.65
C PRO F 70 18.53 2.82 28.62
N SER F 71 18.14 3.76 29.45
CA SER F 71 18.98 4.22 30.57
C SER F 71 18.07 5.18 31.29
N THR F 72 17.05 4.55 31.92
CA THR F 72 15.84 5.17 32.52
C THR F 72 16.20 6.04 33.75
N ARG F 73 17.18 5.73 34.62
CA ARG F 73 17.54 6.65 35.73
C ARG F 73 18.13 7.97 35.23
N THR F 74 19.02 7.94 34.25
CA THR F 74 19.72 9.14 33.71
C THR F 74 18.64 10.00 33.05
N ARG F 75 17.75 9.36 32.31
CA ARG F 75 16.69 10.07 31.54
C ARG F 75 15.68 10.70 32.49
N CYS F 76 15.20 9.98 33.51
CA CYS F 76 14.26 10.47 34.57
C CYS F 76 14.87 11.61 35.37
N SER F 77 16.16 11.55 35.65
CA SER F 77 16.93 12.57 36.42
C SER F 77 16.96 13.86 35.61
N PHE F 78 17.25 13.78 34.32
CA PHE F 78 17.20 14.95 33.43
C PHE F 78 15.76 15.46 33.29
N ASP F 79 14.78 14.60 33.12
CA ASP F 79 13.34 15.04 33.09
C ASP F 79 12.99 15.82 34.39
N ALA F 80 13.21 15.22 35.54
CA ALA F 80 12.91 15.81 36.86
C ALA F 80 13.59 17.17 36.98
N ALA F 81 14.83 17.26 36.53
CA ALA F 81 15.60 18.51 36.66
C ALA F 81 14.91 19.62 35.86
N ILE F 82 14.54 19.32 34.63
CA ILE F 82 13.88 20.29 33.73
C ILE F 82 12.55 20.69 34.36
N LEU F 83 11.81 19.71 34.82
CA LEU F 83 10.42 19.99 35.30
C LEU F 83 10.50 20.79 36.62
N LYS F 84 11.45 20.49 37.49
CA LYS F 84 11.62 21.15 38.81
C LYS F 84 12.07 22.60 38.62
N LEU F 85 12.80 22.87 37.53
CA LEU F 85 13.27 24.22 37.15
C LEU F 85 12.09 25.01 36.56
N GLY F 86 10.98 24.35 36.23
CA GLY F 86 9.73 24.94 35.78
C GLY F 86 9.59 25.01 34.25
N SER F 87 10.46 24.33 33.52
CA SER F 87 10.44 24.22 32.03
C SER F 87 9.71 22.95 31.61
N LYS F 88 9.73 22.65 30.32
CA LYS F 88 8.89 21.60 29.70
C LYS F 88 9.73 20.77 28.78
N VAL F 89 9.34 19.51 28.57
CA VAL F 89 10.21 18.59 27.79
C VAL F 89 9.32 17.62 27.03
N LEU F 90 9.69 17.41 25.77
CA LEU F 90 9.11 16.28 25.00
C LEU F 90 10.21 15.20 24.88
N ASN F 91 9.80 13.96 24.89
CA ASN F 91 10.64 12.78 25.08
C ASN F 91 10.61 11.91 23.83
N ILE F 92 11.78 11.32 23.52
CA ILE F 92 11.94 10.08 22.70
C ILE F 92 12.72 9.06 23.55
N THR F 93 12.14 7.89 23.86
CA THR F 93 12.80 6.85 24.70
C THR F 93 12.53 5.46 24.14
N ASP F 94 13.17 4.44 24.73
CA ASP F 94 12.87 2.99 24.52
C ASP F 94 13.05 2.71 23.02
N MET F 95 13.79 3.57 22.33
CA MET F 95 13.97 3.55 20.86
C MET F 95 15.47 3.38 20.61
N ASN F 96 15.89 2.86 19.45
CA ASN F 96 17.33 2.77 19.11
C ASN F 96 17.59 3.66 17.89
N SER F 97 18.87 3.88 17.63
CA SER F 97 19.46 4.65 16.53
C SER F 97 18.68 4.33 15.23
N THR F 98 18.63 3.05 14.84
CA THR F 98 18.23 2.59 13.49
C THR F 98 16.75 2.92 13.25
N SER F 99 15.88 2.72 14.25
CA SER F 99 14.42 2.96 14.14
C SER F 99 14.10 4.46 14.20
N PHE F 100 14.90 5.26 14.93
CA PHE F 100 14.67 6.72 15.01
C PHE F 100 15.16 7.41 13.73
N TYR F 101 16.26 6.92 13.12
CA TYR F 101 16.89 7.59 11.95
C TYR F 101 16.18 7.10 10.67
N LYS F 102 15.40 6.00 10.74
CA LYS F 102 15.02 5.15 9.58
C LYS F 102 15.47 5.76 8.24
N GLY F 103 16.76 5.68 7.95
CA GLY F 103 17.32 6.11 6.68
C GLY F 103 17.58 7.59 6.57
N GLU F 104 16.96 8.44 7.40
CA GLU F 104 17.30 9.89 7.36
C GLU F 104 18.57 10.11 8.17
N THR F 105 19.40 11.03 7.71
CA THR F 105 20.71 11.36 8.29
C THR F 105 20.51 11.99 9.67
N VAL F 106 21.47 11.79 10.53
CA VAL F 106 21.54 12.42 11.87
C VAL F 106 21.58 13.92 11.67
N GLU F 107 22.22 14.43 10.62
CA GLU F 107 22.37 15.89 10.43
C GLU F 107 21.03 16.52 10.07
N ASP F 108 20.22 15.84 9.24
CA ASP F 108 18.88 16.33 8.83
C ASP F 108 18.05 16.34 10.10
N ALA F 109 18.06 15.24 10.86
CA ALA F 109 17.19 15.07 12.03
C ALA F 109 17.47 16.17 13.05
N PHE F 110 18.74 16.48 13.31
CA PHE F 110 19.10 17.46 14.36
C PHE F 110 18.90 18.89 13.85
N LYS F 111 19.10 19.13 12.58
CA LYS F 111 18.88 20.50 12.03
C LYS F 111 17.40 20.87 12.26
N ILE F 112 16.51 19.91 12.10
CA ILE F 112 15.04 20.13 12.15
C ILE F 112 14.61 20.16 13.61
N LEU F 113 15.01 19.17 14.37
CA LEU F 113 14.56 19.06 15.77
C LEU F 113 14.94 20.34 16.54
N SER F 114 16.09 20.93 16.24
CA SER F 114 16.63 22.06 17.02
C SER F 114 15.85 23.32 16.66
N THR F 115 15.05 23.32 15.58
CA THR F 115 14.17 24.47 15.26
C THR F 115 12.99 24.46 16.26
N TYR F 116 12.69 23.34 16.92
CA TYR F 116 11.44 23.18 17.70
C TYR F 116 11.63 23.66 19.14
N VAL F 117 12.87 23.71 19.65
CA VAL F 117 13.16 23.61 21.10
C VAL F 117 14.35 24.52 21.41
N ASP F 118 14.61 24.72 22.70
CA ASP F 118 15.69 25.58 23.24
C ASP F 118 16.98 24.77 23.39
N GLY F 119 16.84 23.46 23.52
CA GLY F 119 17.98 22.60 23.87
C GLY F 119 17.59 21.15 23.76
N ILE F 120 18.57 20.29 23.63
CA ILE F 120 18.38 18.85 23.45
C ILE F 120 19.29 18.15 24.45
N ILE F 121 18.77 17.10 25.04
CA ILE F 121 19.53 16.14 25.89
C ILE F 121 19.61 14.85 25.05
N TYR F 122 20.81 14.35 24.79
CA TYR F 122 21.01 13.21 23.87
C TYR F 122 21.89 12.13 24.50
N ARG F 123 21.36 10.91 24.51
CA ARG F 123 22.02 9.64 24.89
C ARG F 123 21.94 8.73 23.68
N ASP F 124 23.07 8.28 23.16
CA ASP F 124 23.15 7.38 21.99
C ASP F 124 24.42 6.55 22.17
N PRO F 125 24.33 5.20 22.11
CA PRO F 125 25.49 4.32 22.28
C PRO F 125 26.57 4.53 21.20
N SER F 126 26.23 5.13 20.06
CA SER F 126 27.23 5.54 19.02
C SER F 126 28.01 6.79 19.45
N LYS F 127 29.34 6.88 19.27
CA LYS F 127 29.99 8.20 19.57
C LYS F 127 29.83 9.18 18.40
N LYS F 128 29.91 8.65 17.18
CA LYS F 128 29.75 9.48 15.97
C LYS F 128 28.48 10.33 16.10
N ASN F 129 27.34 9.71 16.43
CA ASN F 129 25.99 10.38 16.40
C ASN F 129 26.02 11.69 17.20
N VAL F 130 26.55 11.70 18.42
CA VAL F 130 26.51 12.90 19.30
C VAL F 130 27.31 14.03 18.66
N ASP F 131 28.49 13.74 18.14
CA ASP F 131 29.34 14.74 17.44
C ASP F 131 28.67 15.26 16.17
N ILE F 132 27.99 14.39 15.42
CA ILE F 132 27.24 14.85 14.21
C ILE F 132 26.10 15.76 14.66
N ALA F 133 25.36 15.36 15.73
CA ALA F 133 24.23 16.14 16.27
C ALA F 133 24.75 17.54 16.59
N VAL F 134 25.91 17.65 17.22
CA VAL F 134 26.42 18.97 17.72
C VAL F 134 26.72 19.85 16.51
N SER F 135 27.35 19.30 15.48
CA SER F 135 27.65 20.01 14.23
C SER F 135 26.38 20.50 13.51
N SER F 136 25.29 19.75 13.60
CA SER F 136 24.07 20.00 12.79
C SER F 136 23.08 20.89 13.52
N SER F 137 23.13 20.90 14.87
CA SER F 137 22.11 21.53 15.72
C SER F 137 22.30 23.05 15.74
N SER F 138 21.21 23.82 15.62
CA SER F 138 21.28 25.28 15.90
C SER F 138 21.16 25.52 17.41
N LYS F 139 20.93 24.48 18.23
CA LYS F 139 20.76 24.68 19.67
C LYS F 139 21.75 23.82 20.46
N PRO F 140 22.05 24.21 21.72
CA PRO F 140 22.93 23.41 22.56
C PRO F 140 22.42 22.00 22.86
N ILE F 141 23.38 21.09 22.92
CA ILE F 141 23.21 19.69 23.32
C ILE F 141 23.95 19.45 24.65
N ILE F 142 23.24 18.74 25.56
CA ILE F 142 23.91 18.03 26.67
C ILE F 142 23.98 16.54 26.36
N ASN F 143 25.21 16.03 26.28
CA ASN F 143 25.47 14.59 26.11
C ASN F 143 25.13 13.95 27.46
N ALA F 144 24.18 13.04 27.44
CA ALA F 144 23.71 12.25 28.59
C ALA F 144 24.37 10.88 28.54
N GLY F 145 25.36 10.67 27.64
CA GLY F 145 26.15 9.42 27.64
C GLY F 145 26.23 8.85 26.22
N ASN F 146 27.44 8.50 25.77
CA ASN F 146 27.59 7.85 24.45
C ASN F 146 28.60 6.69 24.57
N GLY F 147 28.84 5.99 23.46
CA GLY F 147 29.71 4.80 23.37
C GLY F 147 31.20 5.04 23.62
N THR F 148 31.72 6.27 23.46
CA THR F 148 33.12 6.59 23.84
C THR F 148 33.31 6.72 25.34
N GLY F 149 32.21 6.67 26.10
CA GLY F 149 32.29 6.82 27.56
C GLY F 149 32.36 8.29 27.96
N GLU F 150 32.03 9.20 27.05
CA GLU F 150 31.76 10.61 27.46
C GLU F 150 30.38 10.60 28.18
N HIS F 151 30.34 11.17 29.37
CA HIS F 151 29.16 11.28 30.24
C HIS F 151 29.41 12.39 31.22
N PRO F 152 29.44 13.65 30.77
CA PRO F 152 29.92 14.75 31.58
C PRO F 152 29.13 14.96 32.87
N THR F 153 27.82 14.76 32.87
CA THR F 153 27.02 15.00 34.10
C THR F 153 27.26 13.87 35.11
N GLN F 154 27.61 12.66 34.67
CA GLN F 154 28.05 11.63 35.65
C GLN F 154 29.35 12.06 36.34
N SER F 155 30.33 12.56 35.59
CA SER F 155 31.61 13.04 36.18
C SER F 155 31.33 14.19 37.12
N LEU F 156 30.53 15.15 36.66
CA LEU F 156 30.20 16.35 37.47
C LEU F 156 29.52 15.95 38.78
N LEU F 157 28.59 15.00 38.74
CA LEU F 157 27.81 14.67 39.97
C LEU F 157 28.73 13.86 40.90
N ASP F 158 29.63 13.07 40.30
CA ASP F 158 30.68 12.31 41.04
C ASP F 158 31.51 13.33 41.80
N PHE F 159 32.01 14.33 41.10
CA PHE F 159 32.90 15.37 41.67
C PHE F 159 32.17 16.16 42.74
N TYR F 160 30.94 16.64 42.47
CA TYR F 160 30.10 17.34 43.48
C TYR F 160 30.03 16.52 44.77
N THR F 161 29.81 15.21 44.66
CA THR F 161 29.62 14.34 45.83
C THR F 161 30.91 14.37 46.68
N ILE F 162 32.06 14.13 46.05
CA ILE F 162 33.39 14.16 46.70
C ILE F 162 33.63 15.52 47.36
N HIS F 163 33.44 16.60 46.60
CA HIS F 163 33.72 17.97 47.07
C HIS F 163 32.87 18.25 48.32
N ASN F 164 31.68 17.62 48.44
CA ASN F 164 30.82 17.81 49.64
C ASN F 164 31.49 17.29 50.92
N TYR F 165 32.25 16.20 50.87
CA TYR F 165 32.91 15.62 52.07
C TYR F 165 34.34 16.13 52.19
N PHE F 166 34.98 16.48 51.07
CA PHE F 166 36.39 16.89 51.00
C PHE F 166 36.50 18.15 50.18
N PRO F 167 36.01 19.30 50.69
CA PRO F 167 36.06 20.54 49.91
C PRO F 167 37.48 21.02 49.58
N PHE F 168 38.49 20.54 50.29
CA PHE F 168 39.90 20.95 50.09
C PHE F 168 40.43 20.47 48.71
N ILE F 169 39.77 19.54 48.02
CA ILE F 169 40.22 19.17 46.65
C ILE F 169 40.24 20.41 45.75
N LEU F 170 39.50 21.47 46.06
CA LEU F 170 39.47 22.64 45.14
C LEU F 170 40.71 23.53 45.34
N ASP F 171 41.50 23.35 46.42
CA ASP F 171 42.42 24.42 46.89
C ASP F 171 43.74 24.39 46.14
N ARG F 172 44.11 23.28 45.51
CA ARG F 172 45.41 23.21 44.83
C ARG F 172 46.50 23.54 45.87
N ASN F 173 46.36 22.95 47.07
CA ASN F 173 47.28 23.13 48.22
C ASN F 173 48.20 21.90 48.32
N ILE F 174 49.51 22.06 48.11
CA ILE F 174 50.49 20.91 48.11
C ILE F 174 50.46 20.05 49.42
N ASN F 175 50.01 20.66 50.52
CA ASN F 175 49.80 19.94 51.83
C ASN F 175 48.41 19.26 52.00
N LYS F 176 47.46 19.41 51.06
CA LYS F 176 46.06 18.91 51.23
C LYS F 176 45.74 18.06 49.99
N LYS F 177 46.11 16.79 50.06
CA LYS F 177 46.03 15.83 48.96
C LYS F 177 44.82 14.95 49.22
N LEU F 178 44.01 14.70 48.19
CA LEU F 178 42.92 13.71 48.23
C LEU F 178 43.42 12.41 47.60
N ASN F 179 43.15 11.31 48.27
CA ASN F 179 43.58 9.93 47.90
C ASN F 179 42.32 9.20 47.55
N ILE F 180 42.29 8.62 46.37
CA ILE F 180 41.03 7.91 45.91
C ILE F 180 41.43 6.53 45.44
N ALA F 181 40.63 5.52 45.76
CA ALA F 181 40.72 4.17 45.17
C ALA F 181 39.57 3.97 44.20
N PHE F 182 39.90 3.65 42.95
CA PHE F 182 39.01 3.10 41.92
C PHE F 182 39.14 1.59 41.89
N VAL F 183 38.01 0.90 42.02
CA VAL F 183 37.89 -0.55 42.26
C VAL F 183 36.96 -1.17 41.21
N GLY F 184 37.43 -2.21 40.55
CA GLY F 184 36.58 -3.13 39.79
C GLY F 184 37.07 -3.27 38.36
N ASP F 185 36.19 -3.01 37.41
CA ASP F 185 36.52 -3.06 35.96
C ASP F 185 36.97 -1.66 35.50
N LEU F 186 38.27 -1.40 35.61
CA LEU F 186 38.88 -0.09 35.28
C LEU F 186 39.12 -0.01 33.78
N LYS F 187 39.08 -1.14 33.07
CA LYS F 187 39.22 -1.14 31.59
C LYS F 187 37.93 -0.62 30.95
N ASN F 188 36.76 -1.16 31.36
CA ASN F 188 35.47 -0.86 30.70
C ASN F 188 34.68 0.19 31.49
N GLY F 189 35.09 0.52 32.73
CA GLY F 189 34.43 1.55 33.56
C GLY F 189 34.76 2.96 33.12
N ARG F 190 34.03 3.47 32.13
CA ARG F 190 34.22 4.78 31.46
C ARG F 190 34.05 5.92 32.47
N THR F 191 33.27 5.69 33.53
CA THR F 191 33.04 6.80 34.48
C THR F 191 34.29 7.00 35.32
N VAL F 192 35.11 5.96 35.45
CA VAL F 192 36.45 6.08 36.09
C VAL F 192 37.35 6.95 35.21
N HIS F 193 37.26 6.72 33.89
CA HIS F 193 38.12 7.39 32.89
C HIS F 193 37.86 8.89 32.99
N SER F 194 36.58 9.25 32.96
CA SER F 194 36.11 10.67 32.88
C SER F 194 36.36 11.40 34.18
N LEU F 195 36.09 10.75 35.31
CA LEU F 195 36.26 11.37 36.65
C LEU F 195 37.77 11.50 36.91
N SER F 196 38.55 10.50 36.56
CA SER F 196 40.05 10.57 36.67
C SER F 196 40.63 11.84 36.01
N LYS F 197 40.22 12.10 34.76
CA LYS F 197 40.69 13.30 34.03
C LYS F 197 40.29 14.58 34.80
N LEU F 198 39.07 14.61 35.36
CA LEU F 198 38.60 15.81 36.10
C LEU F 198 39.32 15.93 37.45
N LEU F 199 39.48 14.82 38.18
CA LEU F 199 40.19 14.83 39.51
C LEU F 199 41.67 15.26 39.35
N SER F 200 42.27 14.99 38.21
CA SER F 200 43.76 15.10 37.99
C SER F 200 44.13 16.55 37.68
N ARG F 201 43.16 17.44 37.65
CA ARG F 201 43.32 18.91 37.60
C ARG F 201 43.68 19.44 38.99
N TYR F 202 43.62 18.59 40.02
CA TYR F 202 43.69 18.96 41.45
C TYR F 202 44.80 18.15 42.11
N ASN F 203 44.99 18.37 43.41
CA ASN F 203 46.02 17.62 44.17
C ASN F 203 45.41 16.28 44.53
N VAL F 204 45.55 15.31 43.65
CA VAL F 204 44.92 13.98 43.90
C VAL F 204 45.92 12.87 43.63
N SER F 205 45.91 11.82 44.45
CA SER F 205 46.65 10.57 44.16
C SER F 205 45.67 9.41 44.04
N PHE F 206 46.00 8.44 43.21
CA PHE F 206 45.08 7.42 42.70
C PHE F 206 45.60 6.02 42.97
N ASN F 207 44.74 5.20 43.56
CA ASN F 207 44.88 3.75 43.80
C ASN F 207 43.93 3.04 42.82
N PHE F 208 44.47 2.40 41.81
CA PHE F 208 43.72 1.62 40.79
C PHE F 208 43.79 0.15 41.17
N VAL F 209 42.64 -0.37 41.61
CA VAL F 209 42.49 -1.72 42.21
C VAL F 209 41.66 -2.54 41.24
N SER F 210 42.30 -3.49 40.59
CA SER F 210 41.76 -4.33 39.49
C SER F 210 42.67 -5.56 39.36
N CYS F 211 42.16 -6.60 38.70
CA CYS F 211 42.85 -7.87 38.46
C CYS F 211 44.21 -7.62 37.79
N LYS F 212 44.34 -8.09 36.54
CA LYS F 212 45.34 -7.69 35.53
C LYS F 212 44.60 -7.39 34.20
N SER F 213 43.71 -8.28 33.77
CA SER F 213 42.93 -8.21 32.49
C SER F 213 42.03 -6.97 32.43
N LEU F 214 41.74 -6.29 33.55
CA LEU F 214 40.75 -5.19 33.61
C LEU F 214 41.38 -3.92 34.20
N ASN F 215 42.65 -3.66 33.89
CA ASN F 215 43.41 -2.55 34.51
C ASN F 215 43.03 -1.26 33.80
N ILE F 216 43.34 -0.14 34.41
CA ILE F 216 43.13 1.21 33.84
C ILE F 216 43.93 1.27 32.54
N PRO F 217 43.39 1.81 31.42
CA PRO F 217 44.18 1.92 30.20
C PRO F 217 45.29 2.97 30.30
N LYS F 218 46.37 2.74 29.55
CA LYS F 218 47.58 3.59 29.72
C LYS F 218 47.15 5.03 29.35
N ASP F 219 46.40 5.22 28.25
CA ASP F 219 46.08 6.61 27.82
C ASP F 219 45.35 7.42 28.92
N ILE F 220 44.66 6.79 29.89
CA ILE F 220 44.12 7.54 31.07
C ILE F 220 45.26 7.87 32.06
N VAL F 221 46.07 6.87 32.39
CA VAL F 221 47.29 7.13 33.23
C VAL F 221 48.12 8.31 32.64
N ASN F 222 48.17 8.38 31.30
CA ASN F 222 49.01 9.45 30.65
C ASN F 222 48.35 10.79 30.82
N THR F 223 47.03 10.80 30.70
CA THR F 223 46.23 12.03 30.82
C THR F 223 46.28 12.53 32.27
N ILE F 224 46.14 11.63 33.23
CA ILE F 224 46.34 11.94 34.70
C ILE F 224 47.77 12.56 34.93
N THR F 225 48.79 11.97 34.39
CA THR F 225 50.25 12.34 34.61
C THR F 225 50.62 13.75 34.03
N TYR F 226 50.16 14.02 32.80
CA TYR F 226 50.18 15.37 32.16
C TYR F 226 49.40 16.40 33.01
N ASN F 227 48.20 16.06 33.53
CA ASN F 227 47.37 17.06 34.28
C ASN F 227 48.18 17.36 35.59
N LEU F 228 48.67 16.30 36.25
CA LEU F 228 49.19 16.45 37.65
C LEU F 228 50.50 17.22 37.54
N LYS F 229 51.34 16.80 36.56
CA LYS F 229 52.53 17.59 36.21
C LYS F 229 52.18 19.07 35.96
N LYS F 230 51.07 19.39 35.31
CA LYS F 230 50.78 20.79 34.89
C LYS F 230 50.62 21.66 36.15
N ASN F 231 50.12 21.11 37.26
CA ASN F 231 49.94 21.86 38.54
C ASN F 231 51.02 21.48 39.56
N ASN F 232 52.06 20.78 39.12
CA ASN F 232 53.22 20.39 39.96
C ASN F 232 52.72 19.58 41.17
N PHE F 233 51.77 18.64 40.93
CA PHE F 233 51.36 17.62 41.95
C PHE F 233 51.67 16.19 41.53
N TYR F 234 52.46 16.00 40.47
CA TYR F 234 52.97 14.66 40.08
C TYR F 234 54.20 14.27 40.91
N SER F 235 54.19 13.04 41.44
CA SER F 235 55.34 12.34 42.08
C SER F 235 55.20 10.84 41.80
N ASP F 236 56.24 10.07 42.15
CA ASP F 236 56.33 8.61 41.84
C ASP F 236 55.18 7.91 42.61
N ASP F 237 54.64 8.59 43.64
CA ASP F 237 53.52 8.08 44.48
C ASP F 237 52.16 8.60 43.99
N SER F 238 52.09 9.29 42.85
CA SER F 238 50.82 9.89 42.36
C SER F 238 49.85 8.77 41.98
N ILE F 239 50.35 7.72 41.36
CA ILE F 239 49.54 6.59 40.82
C ILE F 239 50.10 5.28 41.36
N LYS F 240 49.32 4.53 42.12
CA LYS F 240 49.67 3.19 42.66
C LYS F 240 48.68 2.17 42.09
N TYR F 241 49.11 0.93 41.94
CA TYR F 241 48.34 -0.20 41.34
C TYR F 241 48.29 -1.35 42.34
N PHE F 242 47.10 -1.88 42.64
CA PHE F 242 46.91 -3.04 43.53
C PHE F 242 45.98 -4.05 42.88
N ASP F 243 46.01 -5.27 43.38
CA ASP F 243 45.11 -6.36 42.95
C ASP F 243 44.27 -6.83 44.13
N ASN F 244 44.26 -6.09 45.26
CA ASN F 244 43.48 -6.46 46.47
C ASN F 244 43.09 -5.22 47.26
N LEU F 245 41.91 -5.31 47.89
CA LEU F 245 41.20 -4.21 48.60
C LEU F 245 42.01 -3.83 49.82
N GLU F 246 42.48 -4.84 50.57
CA GLU F 246 43.12 -4.66 51.89
C GLU F 246 44.21 -3.57 51.80
N GLU F 247 45.05 -3.60 50.77
CA GLU F 247 46.11 -2.59 50.50
C GLU F 247 45.51 -1.38 49.79
N GLY F 248 44.66 -1.60 48.77
CA GLY F 248 44.11 -0.52 47.92
C GLY F 248 43.36 0.54 48.74
N LEU F 249 42.72 0.10 49.83
CA LEU F 249 41.68 0.89 50.55
C LEU F 249 42.30 1.63 51.71
N GLU F 250 43.59 1.39 51.96
CA GLU F 250 44.31 2.03 53.09
C GLU F 250 44.56 3.49 52.73
N ASP F 251 44.32 4.41 53.67
CA ASP F 251 44.60 5.85 53.52
C ASP F 251 43.95 6.46 52.26
N VAL F 252 42.74 6.07 51.88
CA VAL F 252 41.99 6.74 50.78
C VAL F 252 40.76 7.42 51.37
N HIS F 253 40.57 8.69 51.04
CA HIS F 253 39.40 9.51 51.43
C HIS F 253 38.14 9.01 50.72
N ILE F 254 38.31 8.51 49.49
CA ILE F 254 37.18 8.04 48.66
C ILE F 254 37.47 6.63 48.15
N ILE F 255 36.49 5.74 48.23
CA ILE F 255 36.45 4.46 47.46
C ILE F 255 35.38 4.56 46.39
N TYR F 256 35.72 4.37 45.12
CA TYR F 256 34.77 4.44 43.99
C TYR F 256 34.73 3.07 43.35
N MET F 257 33.62 2.37 43.55
CA MET F 257 33.36 1.01 43.03
C MET F 257 32.68 1.17 41.67
N THR F 258 33.01 0.27 40.73
CA THR F 258 32.42 0.15 39.39
C THR F 258 31.62 -1.14 39.31
N ARG F 259 30.86 -1.32 38.23
CA ARG F 259 30.19 -2.59 37.84
C ARG F 259 31.25 -3.61 37.42
N ILE F 260 31.11 -4.89 37.82
CA ILE F 260 32.09 -5.96 37.46
C ILE F 260 31.40 -7.04 36.63
N GLN F 261 31.52 -6.96 35.29
CA GLN F 261 30.90 -7.88 34.28
C GLN F 261 31.92 -8.94 33.78
N LYS F 262 31.71 -10.24 34.10
CA LYS F 262 32.51 -11.39 33.59
C LYS F 262 32.65 -11.39 32.05
N GLU F 263 32.11 -10.40 31.32
CA GLU F 263 32.30 -10.24 29.84
C GLU F 263 33.56 -9.40 29.64
N ASN F 276 33.70 -11.18 42.57
CA ASN F 276 33.77 -11.68 43.97
C ASN F 276 35.23 -11.61 44.49
N ALA F 277 36.17 -11.15 43.65
CA ALA F 277 37.48 -10.61 44.10
C ALA F 277 37.21 -9.30 44.83
N PHE F 278 36.36 -8.45 44.24
CA PHE F 278 36.22 -7.01 44.61
C PHE F 278 34.87 -6.68 45.26
N ILE F 279 34.39 -7.53 46.16
CA ILE F 279 33.13 -7.28 46.92
C ILE F 279 33.48 -6.41 48.14
N LEU F 280 32.66 -5.38 48.37
CA LEU F 280 32.79 -4.47 49.53
C LEU F 280 31.84 -4.93 50.64
N SER F 281 32.38 -5.25 51.81
CA SER F 281 31.67 -5.69 53.05
C SER F 281 32.09 -4.76 54.20
N ASN F 282 31.35 -4.76 55.31
CA ASN F 282 31.77 -4.03 56.54
C ASN F 282 33.13 -4.56 56.98
N LYS F 283 33.41 -5.85 56.76
CA LYS F 283 34.71 -6.49 57.12
C LYS F 283 35.84 -5.79 56.32
N THR F 284 35.74 -5.75 55.00
CA THR F 284 36.79 -5.14 54.14
C THR F 284 36.85 -3.62 54.33
N LEU F 285 36.09 -3.02 55.25
CA LEU F 285 36.04 -1.55 55.43
C LEU F 285 36.56 -1.14 56.81
N GLU F 286 36.85 -2.11 57.69
CA GLU F 286 37.27 -1.89 59.10
C GLU F 286 38.60 -1.09 59.16
N ASN F 287 39.50 -1.26 58.17
CA ASN F 287 40.85 -0.67 58.18
C ASN F 287 40.95 0.52 57.22
N THR F 288 39.82 1.16 56.86
CA THR F 288 39.82 2.41 56.06
C THR F 288 39.87 3.58 57.03
N ARG F 289 40.19 4.76 56.54
CA ARG F 289 40.11 6.00 57.35
C ARG F 289 38.69 6.11 57.90
N ASP F 290 38.55 6.88 58.96
CA ASP F 290 37.25 7.11 59.63
C ASP F 290 36.36 7.91 58.69
N ASP F 291 36.98 8.70 57.82
CA ASP F 291 36.32 9.79 57.05
C ASP F 291 36.04 9.30 55.63
N THR F 292 36.46 8.08 55.28
CA THR F 292 36.33 7.57 53.89
C THR F 292 34.84 7.57 53.53
N LYS F 293 34.55 7.96 52.28
CA LYS F 293 33.21 7.85 51.67
C LYS F 293 33.29 6.86 50.51
N ILE F 294 32.18 6.17 50.27
CA ILE F 294 32.01 5.13 49.23
C ILE F 294 31.07 5.65 48.15
N LEU F 295 31.57 5.84 46.94
CA LEU F 295 30.76 6.08 45.75
C LEU F 295 30.65 4.81 44.91
N HIS F 296 29.65 4.81 44.04
CA HIS F 296 29.38 3.78 43.02
C HIS F 296 28.40 4.43 42.06
N PRO F 297 28.64 4.46 40.72
CA PRO F 297 27.80 5.20 39.79
C PRO F 297 26.38 4.62 39.68
N LEU F 298 26.26 3.37 40.12
CA LEU F 298 25.05 2.52 40.10
C LEU F 298 24.70 2.18 38.65
N PRO F 299 23.89 1.11 38.43
CA PRO F 299 23.47 0.18 39.47
C PRO F 299 24.58 -0.70 40.05
N ARG F 300 24.43 -1.11 41.32
CA ARG F 300 25.26 -2.13 41.99
C ARG F 300 24.58 -3.49 41.84
N VAL F 301 25.39 -4.54 41.90
CA VAL F 301 24.91 -5.95 41.83
C VAL F 301 25.31 -6.60 43.15
N ASN F 302 26.51 -7.16 43.20
CA ASN F 302 27.07 -7.80 44.42
C ASN F 302 28.34 -7.05 44.82
N GLU F 303 28.92 -6.19 43.96
CA GLU F 303 30.18 -5.45 44.28
C GLU F 303 30.07 -4.76 45.63
N ILE F 304 28.87 -4.41 46.08
CA ILE F 304 28.62 -3.86 47.45
C ILE F 304 27.47 -4.63 48.12
N LYS F 305 27.77 -5.24 49.28
CA LYS F 305 26.80 -6.03 50.08
C LYS F 305 25.81 -5.06 50.74
N VAL F 306 24.55 -5.49 50.83
CA VAL F 306 23.43 -4.67 51.38
C VAL F 306 23.81 -4.15 52.77
N GLU F 307 24.66 -4.86 53.53
CA GLU F 307 24.99 -4.48 54.93
C GLU F 307 25.70 -3.13 54.94
N VAL F 308 26.40 -2.79 53.86
CA VAL F 308 27.19 -1.52 53.75
C VAL F 308 26.27 -0.28 53.64
N ASP F 309 25.00 -0.47 53.26
CA ASP F 309 23.97 0.62 53.16
C ASP F 309 23.76 1.30 54.53
N SER F 310 23.95 0.59 55.64
CA SER F 310 23.80 1.09 57.04
C SER F 310 25.10 1.69 57.53
N ASN F 311 26.21 1.44 56.84
CA ASN F 311 27.52 2.02 57.18
C ASN F 311 27.49 3.49 56.80
N PRO F 312 27.81 4.43 57.72
CA PRO F 312 27.80 5.86 57.42
C PRO F 312 28.83 6.27 56.35
N LYS F 313 29.74 5.36 55.99
CA LYS F 313 30.72 5.66 54.92
C LYS F 313 30.03 5.54 53.56
N SER F 314 28.86 4.89 53.47
CA SER F 314 28.13 4.68 52.18
C SER F 314 27.47 6.00 51.77
N VAL F 315 27.76 6.52 50.57
CA VAL F 315 27.04 7.72 50.03
C VAL F 315 26.58 7.50 48.60
N TYR F 316 26.57 6.26 48.10
CA TYR F 316 26.24 6.04 46.65
C TYR F 316 24.78 6.39 46.33
N PHE F 317 23.85 6.36 47.31
CA PHE F 317 22.45 6.81 47.07
C PHE F 317 22.37 8.31 47.17
N THR F 318 23.09 8.97 48.08
CA THR F 318 23.23 10.45 48.00
C THR F 318 23.81 10.82 46.62
N GLN F 319 24.83 10.13 46.16
CA GLN F 319 25.54 10.39 44.87
C GLN F 319 24.50 10.46 43.75
N ALA F 320 23.66 9.45 43.64
CA ALA F 320 22.63 9.30 42.60
C ALA F 320 21.61 10.43 42.74
N GLU F 321 21.24 10.74 43.98
CA GLU F 321 20.35 11.89 44.26
C GLU F 321 20.99 13.18 43.74
N ASN F 322 22.29 13.34 43.92
CA ASN F 322 23.04 14.59 43.56
C ASN F 322 22.96 14.89 42.07
N GLY F 323 22.77 13.86 41.25
CA GLY F 323 22.54 14.06 39.82
C GLY F 323 21.38 15.02 39.51
N LEU F 324 20.33 15.04 40.32
CA LEU F 324 19.21 15.99 40.13
C LEU F 324 19.78 17.41 40.27
N TYR F 325 20.55 17.71 41.32
CA TYR F 325 20.94 19.10 41.65
C TYR F 325 21.96 19.59 40.58
N VAL F 326 22.86 18.69 40.16
CA VAL F 326 23.93 18.96 39.18
C VAL F 326 23.32 19.16 37.79
N ARG F 327 22.35 18.32 37.39
CA ARG F 327 21.63 18.53 36.14
C ARG F 327 20.77 19.80 36.18
N MET F 328 20.12 20.14 37.30
CA MET F 328 19.41 21.42 37.42
C MET F 328 20.41 22.55 37.23
N ALA F 329 21.56 22.46 37.91
CA ALA F 329 22.58 23.53 37.85
C ALA F 329 23.03 23.73 36.41
N LEU F 330 23.42 22.67 35.72
CA LEU F 330 24.02 22.78 34.35
C LEU F 330 22.96 23.32 33.39
N LEU F 331 21.68 22.96 33.55
CA LEU F 331 20.62 23.45 32.64
C LEU F 331 20.41 24.94 32.92
N TYR F 332 20.35 25.32 34.20
CA TYR F 332 20.26 26.74 34.58
C TYR F 332 21.41 27.57 33.95
N LEU F 333 22.64 27.11 34.09
CA LEU F 333 23.81 27.94 33.66
C LEU F 333 23.91 28.02 32.13
N ILE F 334 23.53 27.00 31.39
CA ILE F 334 23.57 27.08 29.91
C ILE F 334 22.38 27.82 29.33
N PHE F 335 21.16 27.58 29.86
CA PHE F 335 19.94 27.98 29.12
C PHE F 335 19.35 29.27 29.65
N SER F 336 19.79 29.78 30.79
CA SER F 336 19.18 31.01 31.36
C SER F 336 19.18 32.14 30.33
N SER F 337 18.11 32.96 30.38
CA SER F 337 18.06 34.35 29.82
C SER F 337 17.42 35.31 30.83
N THR F 338 18.11 35.62 31.93
CA THR F 338 17.71 36.66 32.92
C THR F 338 18.47 37.95 32.68
N SER F 339 18.45 38.86 33.65
CA SER F 339 19.00 40.23 33.53
C SER F 339 19.95 40.50 34.67
N SER F 340 20.01 39.60 35.65
CA SER F 340 20.27 39.98 37.05
C SER F 340 21.17 38.94 37.79
N ALA F 341 22.17 39.45 38.53
CA ALA F 341 22.91 38.72 39.60
C ALA F 341 21.96 38.34 40.76
N TRP F 342 20.94 39.17 41.01
CA TRP F 342 19.82 39.01 41.99
C TRP F 342 18.83 37.90 41.63
N SER F 343 18.74 37.47 40.37
CA SER F 343 17.76 36.43 39.96
C SER F 343 18.34 35.03 40.17
N HIS F 344 19.62 34.93 40.51
CA HIS F 344 20.34 33.64 40.69
C HIS F 344 19.92 33.02 42.01
N PRO F 345 19.89 31.66 42.09
CA PRO F 345 19.54 30.99 43.35
C PRO F 345 20.61 31.29 44.42
N GLN F 346 20.14 31.71 45.60
CA GLN F 346 20.84 32.60 46.60
C GLN F 346 20.15 32.23 47.94
N PHE F 347 20.05 30.93 48.14
CA PHE F 347 19.55 30.33 49.40
C PHE F 347 20.79 29.91 50.20
C4 EJG G . 7.56 -15.31 -42.91
C14 EJG G . 4.84 -19.20 -44.09
C5 EJG G . 4.89 -15.80 -41.76
C6 EJG G . 3.87 -17.38 -43.11
C11 EJG G . 2.90 -20.82 -48.66
C7 EJG G . 3.99 -18.81 -45.08
C8 EJG G . 3.58 -19.52 -46.30
C9 EJG G . 4.14 -20.76 -46.61
C10 EJG G . 3.79 -21.41 -47.78
C12 EJG G . 2.32 -19.60 -48.37
C13 EJG G . 2.69 -18.93 -47.21
N1 EJG G . 3.75 -16.32 -42.22
N2 EJG G . 5.41 -20.22 -41.35
C3 EJG G . 6.69 -13.48 -41.56
C1 EJG G . 6.34 -13.45 -44.14
C2 EJG G . 6.49 -14.27 -42.83
O1 EJG G . 5.12 -14.73 -42.50
O2 EJG G . 5.64 -16.32 -40.99
S1 EJG G . 3.46 -17.21 -44.77
C15 EJG G . 4.48 -18.59 -42.84
C16 EJG G . 4.76 -19.06 -41.47
O3 EJG G . 4.46 -18.38 -40.46
C17 EJG G . 4.89 -21.48 -41.88
C18 EJG G . 4.67 -22.46 -40.74
C19 EJG G . 5.10 -21.78 -39.46
C20 EJG G . 6.30 -22.12 -38.85
C21 EJG G . 6.71 -21.47 -37.70
C22 EJG G . 5.93 -20.47 -37.14
C23 EJG G . 4.76 -20.11 -37.74
C24 EJG G . 4.33 -20.77 -38.89
H8 EJG G . 8.41 -14.93 -42.62
H9 EJG G . 7.65 -15.62 -43.83
H7 EJG G . 7.33 -16.05 -42.34
H16 EJG G . 5.56 -19.80 -44.22
H13 EJG G . 2.64 -21.28 -49.45
H11 EJG G . 4.76 -21.16 -46.03
H12 EJG G . 4.16 -22.26 -47.99
H14 EJG G . 1.72 -19.20 -48.96
H15 EJG G . 2.31 -18.09 -47.01
H10 EJG G . 2.99 -16.00 -42.02
H17 EJG G . 6.20 -20.22 -40.97
H4 EJG G . 5.84 -13.27 -41.16
H5 EJG G . 7.17 -12.66 -41.75
H6 EJG G . 7.21 -14.01 -40.93
H3 EJG G . 6.33 -12.50 -43.92
H1 EJG G . 5.53 -13.70 -44.59
H2 EJG G . 7.10 -13.63 -44.72
H18 EJG G . 5.53 -21.86 -42.51
H19 EJG G . 4.06 -21.32 -42.34
H21 EJG G . 3.73 -22.71 -40.69
H20 EJG G . 5.20 -23.27 -40.89
H22 EJG G . 6.84 -22.79 -39.21
H23 EJG G . 7.52 -21.71 -37.28
H24 EJG G . 6.22 -20.03 -36.36
H25 EJG G . 4.23 -19.44 -37.37
H26 EJG G . 3.52 -20.51 -39.31
S SO4 H . -1.11 -2.40 -19.59
O1 SO4 H . -0.31 -1.51 -18.79
O2 SO4 H . -2.39 -2.61 -18.94
O3 SO4 H . -1.27 -1.78 -20.90
O4 SO4 H . -0.43 -3.70 -19.70
NA NA I . -2.86 -9.01 -26.48
S SO4 J . -2.76 -6.24 -22.43
O1 SO4 J . -2.39 -5.34 -21.35
O2 SO4 J . -4.13 -5.96 -22.87
O3 SO4 J . -1.84 -6.01 -23.53
O4 SO4 J . -2.69 -7.61 -21.98
S SO4 K . 4.56 20.37 31.74
O1 SO4 K . 6.00 20.50 31.51
O2 SO4 K . 4.15 21.39 32.67
O3 SO4 K . 3.85 20.60 30.51
O4 SO4 K . 4.34 19.05 32.25
S SO4 L . 3.63 25.10 33.81
O1 SO4 L . 5.01 24.88 33.42
O2 SO4 L . 3.50 26.41 34.42
O3 SO4 L . 2.77 25.05 32.63
O4 SO4 L . 3.22 24.10 34.77
NA NA M . 5.16 17.16 27.96
#